data_8Y4I
#
_entry.id   8Y4I
#
_cell.length_a   40.146
_cell.length_b   245.800
_cell.length_c   87.969
_cell.angle_alpha   90.00
_cell.angle_beta   93.76
_cell.angle_gamma   90.00
#
_symmetry.space_group_name_H-M   'P 1 21 1'
#
loop_
_entity.id
_entity.type
_entity.pdbx_description
1 polymer 'Metal Beta-Lactamase VIM-2'
2 non-polymer 'ZINC ION'
3 non-polymer '2-[[(9R)-2-fluoranyl-7,7-bis(oxidanyl)-8-oxa-7-boranuidabicyclo[4.3.0]nona-1,3,5-trien-9-yl]methyl]prop-2-enoic acid'
4 non-polymer 'FORMIC ACID'
5 water water
#
_entity_poly.entity_id   1
_entity_poly.type   'polypeptide(L)'
_entity_poly.pdbx_seq_one_letter_code
;AYPTVSEIPVGEVRLYQIADGVWSHIATQSFDGAVYPSNGLIVRDGDELLLIDTAWGAKNTAALLAEIEKQIGLPVTRAV
STHFHDDRVGGVDVLRAAGVATYASPSTRRLAEVEGNEIPTHSLEGLSSSGDAVRFGPVELFYPGAAHSTDNLVVYVPSA
SVLYGGCAIYELSRTSAGNVADADLAEWPTSIERIQQHYPEAQFVIPGHGLPGGLDLLKHTTNVVKAHTNA
;
_entity_poly.pdbx_strand_id   A,B,C,D,E,F,G,H
#
loop_
_chem_comp.id
_chem_comp.type
_chem_comp.name
_chem_comp.formula
A1LXF non-polymer '2-[[(9R)-2-fluoranyl-7,7-bis(oxidanyl)-8-oxa-7-boranuidabicyclo[4.3.0]nona-1,3,5-trien-9-yl]methyl]prop-2-enoic acid' 'C11 H11 B F O5 -1'
FMT non-polymer 'FORMIC ACID' 'C H2 O2'
ZN non-polymer 'ZINC ION' 'Zn 2'
#
# COMPACT_ATOMS: atom_id res chain seq x y z
N ALA A 1 11.95 2.38 -19.63
CA ALA A 1 12.04 0.97 -19.43
C ALA A 1 12.26 0.60 -17.96
N TYR A 2 13.14 1.26 -17.18
CA TYR A 2 13.27 0.85 -15.79
C TYR A 2 12.01 1.18 -14.99
N PRO A 3 11.46 0.23 -14.23
CA PRO A 3 10.21 0.54 -13.52
C PRO A 3 10.44 1.61 -12.47
N THR A 4 9.39 2.39 -12.21
CA THR A 4 9.48 3.56 -11.36
C THR A 4 8.56 3.35 -10.16
N VAL A 5 8.77 4.17 -9.13
CA VAL A 5 8.08 3.96 -7.86
C VAL A 5 6.57 4.00 -8.04
N SER A 6 6.08 4.86 -8.93
CA SER A 6 4.64 4.93 -9.12
C SER A 6 4.08 3.73 -9.87
N GLU A 7 4.93 2.84 -10.40
CA GLU A 7 4.48 1.65 -11.15
C GLU A 7 4.44 0.37 -10.33
N ILE A 8 4.91 0.37 -9.10
CA ILE A 8 5.07 -0.88 -8.38
C ILE A 8 4.25 -0.81 -7.11
N PRO A 9 3.16 -1.54 -6.98
CA PRO A 9 2.41 -1.55 -5.73
C PRO A 9 3.27 -2.18 -4.64
N VAL A 10 3.19 -1.62 -3.42
CA VAL A 10 3.86 -2.24 -2.29
C VAL A 10 3.41 -3.69 -2.17
N GLY A 11 4.36 -4.62 -2.17
CA GLY A 11 4.09 -6.02 -2.15
C GLY A 11 4.46 -6.76 -3.42
N GLU A 12 4.64 -6.04 -4.54
CA GLU A 12 5.05 -6.66 -5.79
C GLU A 12 6.51 -6.34 -6.08
N VAL A 13 7.16 -7.22 -6.82
CA VAL A 13 8.57 -7.05 -7.13
C VAL A 13 8.75 -7.18 -8.64
N ARG A 14 9.48 -6.22 -9.22
CA ARG A 14 9.90 -6.28 -10.62
C ARG A 14 11.34 -6.77 -10.71
N LEU A 15 11.63 -7.51 -11.77
CA LEU A 15 12.99 -7.78 -12.17
C LEU A 15 13.29 -6.97 -13.42
N TYR A 16 14.48 -6.39 -13.49
CA TYR A 16 14.92 -5.74 -14.70
C TYR A 16 16.21 -6.41 -15.14
N GLN A 17 16.24 -6.95 -16.35
CA GLN A 17 17.43 -7.63 -16.84
C GLN A 17 18.36 -6.58 -17.45
N ILE A 18 19.56 -6.48 -16.87
CA ILE A 18 20.57 -5.51 -17.28
C ILE A 18 21.48 -6.10 -18.34
N ALA A 19 21.83 -7.38 -18.21
CA ALA A 19 22.73 -8.04 -19.13
C ALA A 19 22.55 -9.53 -18.90
N ASP A 20 23.25 -10.33 -19.71
CA ASP A 20 23.15 -11.77 -19.55
C ASP A 20 23.51 -12.12 -18.11
N GLY A 21 22.58 -12.79 -17.42
CA GLY A 21 22.77 -13.23 -16.06
C GLY A 21 22.87 -12.14 -15.02
N VAL A 22 22.43 -10.92 -15.34
CA VAL A 22 22.47 -9.79 -14.40
C VAL A 22 21.15 -9.06 -14.40
N TRP A 23 20.46 -9.11 -13.26
CA TRP A 23 19.19 -8.43 -13.06
C TRP A 23 19.28 -7.49 -11.88
N SER A 24 18.51 -6.42 -11.92
CA SER A 24 18.16 -5.79 -10.67
C SER A 24 16.75 -6.23 -10.27
N HIS A 25 16.48 -6.16 -8.97
CA HIS A 25 15.13 -6.35 -8.46
C HIS A 25 14.65 -5.03 -7.85
N ILE A 26 13.38 -4.70 -8.10
CA ILE A 26 12.81 -3.42 -7.69
C ILE A 26 11.54 -3.73 -6.93
N ALA A 27 11.41 -3.16 -5.74
CA ALA A 27 10.22 -3.30 -4.93
C ALA A 27 9.95 -1.93 -4.36
N THR A 28 8.89 -1.80 -3.58
CA THR A 28 8.56 -0.54 -2.97
C THR A 28 8.09 -0.80 -1.55
N GLN A 29 8.24 0.22 -0.70
CA GLN A 29 7.87 0.10 0.69
C GLN A 29 7.48 1.46 1.24
N SER A 30 6.59 1.47 2.23
CA SER A 30 6.19 2.70 2.92
C SER A 30 7.10 2.96 4.10
N PHE A 31 7.52 4.21 4.28
CA PHE A 31 8.41 4.56 5.38
C PHE A 31 8.18 6.01 5.74
N ASP A 32 7.75 6.23 6.98
CA ASP A 32 7.63 7.58 7.54
C ASP A 32 6.69 8.45 6.70
N GLY A 33 5.66 7.85 6.14
CA GLY A 33 4.64 8.58 5.42
C GLY A 33 4.69 8.47 3.92
N ALA A 34 5.81 8.02 3.34
CA ALA A 34 5.93 8.00 1.88
C ALA A 34 6.30 6.61 1.38
N VAL A 35 6.12 6.41 0.07
CA VAL A 35 6.42 5.14 -0.58
C VAL A 35 7.68 5.32 -1.41
N TYR A 36 8.72 4.47 -1.15
CA TYR A 36 10.04 4.50 -1.75
C TYR A 36 10.22 3.29 -2.65
N PRO A 37 10.81 3.42 -3.83
CA PRO A 37 11.34 2.25 -4.53
C PRO A 37 12.66 1.86 -3.90
N SER A 38 13.07 0.62 -4.14
CA SER A 38 14.36 0.13 -3.61
C SER A 38 14.89 -0.94 -4.58
N ASN A 39 16.20 -0.87 -4.86
CA ASN A 39 16.92 -1.74 -5.78
C ASN A 39 17.83 -2.75 -5.04
N GLY A 40 17.91 -3.95 -5.56
CA GLY A 40 19.06 -4.81 -5.36
C GLY A 40 19.46 -5.50 -6.65
N LEU A 41 20.18 -6.60 -6.52
CA LEU A 41 20.79 -7.26 -7.65
C LEU A 41 20.60 -8.77 -7.54
N ILE A 42 20.51 -9.40 -8.72
CA ILE A 42 20.57 -10.84 -8.89
C ILE A 42 21.63 -11.14 -9.95
N VAL A 43 22.58 -12.02 -9.61
CA VAL A 43 23.69 -12.33 -10.50
C VAL A 43 23.81 -13.85 -10.61
N ARG A 44 23.77 -14.34 -11.84
CA ARG A 44 23.81 -15.78 -12.08
C ARG A 44 25.27 -16.23 -11.97
N ASP A 45 25.47 -17.39 -11.33
CA ASP A 45 26.78 -17.99 -11.26
C ASP A 45 26.61 -19.45 -11.66
N GLY A 46 26.63 -19.72 -12.96
CA GLY A 46 26.38 -21.08 -13.39
C GLY A 46 24.95 -21.47 -13.10
N ASP A 47 24.71 -22.48 -12.26
CA ASP A 47 23.37 -22.96 -12.04
C ASP A 47 22.77 -22.44 -10.75
N GLU A 48 23.28 -21.33 -10.22
CA GLU A 48 22.83 -20.76 -8.94
C GLU A 48 22.77 -19.27 -9.07
N LEU A 49 22.09 -18.61 -8.12
CA LEU A 49 21.98 -17.17 -8.10
C LEU A 49 22.54 -16.62 -6.79
N LEU A 50 23.35 -15.57 -6.92
CA LEU A 50 23.69 -14.68 -5.81
C LEU A 50 22.72 -13.52 -5.74
N LEU A 51 22.21 -13.23 -4.55
CA LEU A 51 21.28 -12.13 -4.33
C LEU A 51 22.03 -11.00 -3.62
N ILE A 52 21.84 -9.79 -4.09
CA ILE A 52 22.41 -8.64 -3.39
C ILE A 52 21.22 -7.85 -2.83
N ASP A 53 21.14 -7.82 -1.50
CA ASP A 53 20.11 -7.18 -0.69
C ASP A 53 18.73 -7.81 -0.83
N THR A 54 17.98 -7.73 0.28
CA THR A 54 16.60 -8.16 0.32
C THR A 54 15.74 -7.20 -0.48
N ALA A 55 14.45 -7.53 -0.54
CA ALA A 55 13.46 -6.67 -1.18
C ALA A 55 12.76 -5.75 -0.17
N TRP A 56 13.38 -5.57 1.02
CA TRP A 56 12.83 -4.65 2.04
C TRP A 56 11.54 -5.19 2.67
N GLY A 57 11.70 -6.14 3.57
CA GLY A 57 10.64 -6.70 4.36
C GLY A 57 10.34 -8.13 3.96
N ALA A 58 9.76 -8.86 4.90
CA ALA A 58 9.46 -10.27 4.70
C ALA A 58 8.52 -10.49 3.53
N LYS A 59 7.45 -9.68 3.45
CA LYS A 59 6.47 -9.88 2.39
C LYS A 59 7.09 -9.69 1.01
N ASN A 60 7.82 -8.60 0.82
CA ASN A 60 8.44 -8.31 -0.48
C ASN A 60 9.48 -9.36 -0.84
N THR A 61 10.26 -9.80 0.15
CA THR A 61 11.30 -10.78 -0.12
C THR A 61 10.70 -12.14 -0.52
N ALA A 62 9.56 -12.51 0.07
CA ALA A 62 8.88 -13.71 -0.42
C ALA A 62 8.36 -13.50 -1.86
N ALA A 63 7.87 -12.32 -2.18
CA ALA A 63 7.45 -12.04 -3.54
C ALA A 63 8.67 -12.04 -4.46
N LEU A 64 9.80 -11.53 -3.98
CA LEU A 64 11.05 -11.62 -4.74
C LEU A 64 11.35 -13.07 -5.09
N LEU A 65 11.50 -13.96 -4.09
CA LEU A 65 11.82 -15.34 -4.41
C LEU A 65 10.81 -15.96 -5.36
N ALA A 66 9.51 -15.59 -5.23
CA ALA A 66 8.50 -16.12 -6.15
C ALA A 66 8.71 -15.60 -7.57
N GLU A 67 9.08 -14.33 -7.72
CA GLU A 67 9.32 -13.81 -9.07
C GLU A 67 10.53 -14.48 -9.72
N ILE A 68 11.55 -14.79 -8.91
CA ILE A 68 12.75 -15.44 -9.42
C ILE A 68 12.42 -16.84 -9.94
N GLU A 69 11.61 -17.60 -9.19
CA GLU A 69 11.23 -18.92 -9.68
C GLU A 69 10.50 -18.82 -11.01
N LYS A 70 9.54 -17.89 -11.10
CA LYS A 70 8.74 -17.77 -12.32
C LYS A 70 9.58 -17.31 -13.50
N GLN A 71 10.41 -16.28 -13.28
CA GLN A 71 11.05 -15.59 -14.37
C GLN A 71 12.43 -16.15 -14.72
N ILE A 72 13.13 -16.71 -13.75
CA ILE A 72 14.50 -17.20 -13.93
C ILE A 72 14.59 -18.71 -13.76
N GLY A 73 14.11 -19.23 -12.64
CA GLY A 73 14.01 -20.65 -12.46
C GLY A 73 15.21 -21.31 -11.86
N LEU A 74 16.19 -20.54 -11.41
CA LEU A 74 17.40 -20.95 -10.69
C LEU A 74 17.26 -20.60 -9.23
N PRO A 75 17.87 -21.43 -8.36
CA PRO A 75 17.81 -21.19 -6.91
C PRO A 75 18.72 -20.08 -6.45
N VAL A 76 18.24 -19.28 -5.52
CA VAL A 76 19.10 -18.36 -4.79
C VAL A 76 19.80 -19.13 -3.68
N THR A 77 21.12 -19.24 -3.75
CA THR A 77 21.85 -20.00 -2.75
C THR A 77 22.58 -19.13 -1.74
N ARG A 78 22.89 -17.89 -2.09
CA ARG A 78 23.65 -16.97 -1.23
C ARG A 78 23.08 -15.57 -1.40
N ALA A 79 23.08 -14.82 -0.29
CA ALA A 79 22.68 -13.41 -0.30
C ALA A 79 23.68 -12.60 0.49
N VAL A 80 23.90 -11.38 0.02
CA VAL A 80 24.75 -10.39 0.68
C VAL A 80 23.90 -9.17 0.97
N SER A 81 23.95 -8.71 2.21
CA SER A 81 23.33 -7.44 2.61
C SER A 81 24.40 -6.35 2.66
N THR A 82 24.14 -5.23 2.03
CA THR A 82 25.20 -4.23 1.87
C THR A 82 25.28 -3.23 3.01
N HIS A 83 24.25 -3.11 3.85
CA HIS A 83 24.43 -2.54 5.20
C HIS A 83 23.23 -2.93 6.07
N PHE A 84 23.17 -2.37 7.28
CA PHE A 84 22.45 -2.98 8.40
C PHE A 84 21.00 -2.52 8.52
N HIS A 85 20.59 -1.57 7.69
CA HIS A 85 19.24 -1.03 7.73
C HIS A 85 18.23 -2.01 7.14
N ASP A 86 16.95 -1.73 7.40
CA ASP A 86 15.89 -2.70 7.10
C ASP A 86 15.65 -2.90 5.61
N ASP A 87 15.96 -1.93 4.75
CA ASP A 87 15.79 -2.18 3.31
C ASP A 87 16.89 -3.07 2.73
N ARG A 88 17.88 -3.47 3.55
CA ARG A 88 18.96 -4.35 3.13
C ARG A 88 18.97 -5.69 3.86
N VAL A 89 18.56 -5.73 5.15
CA VAL A 89 18.49 -6.97 5.92
C VAL A 89 17.07 -7.42 6.18
N GLY A 90 16.09 -6.54 5.97
CA GLY A 90 14.71 -6.88 6.25
C GLY A 90 14.23 -7.92 5.27
N GLY A 91 13.91 -9.10 5.76
CA GLY A 91 13.69 -10.26 4.90
C GLY A 91 14.77 -11.31 4.94
N VAL A 92 15.89 -11.07 5.62
CA VAL A 92 16.90 -12.10 5.79
C VAL A 92 16.25 -13.38 6.33
N ASP A 93 15.29 -13.25 7.24
CA ASP A 93 14.69 -14.44 7.84
C ASP A 93 13.92 -15.25 6.81
N VAL A 94 13.28 -14.57 5.86
CA VAL A 94 12.61 -15.28 4.78
C VAL A 94 13.63 -16.00 3.90
N LEU A 95 14.76 -15.35 3.64
CA LEU A 95 15.83 -15.98 2.86
C LEU A 95 16.39 -17.19 3.60
N ARG A 96 16.73 -16.99 4.85
CA ARG A 96 17.23 -18.11 5.65
C ARG A 96 16.24 -19.27 5.58
N ALA A 97 14.97 -19.00 5.82
CA ALA A 97 13.97 -20.07 5.88
C ALA A 97 13.83 -20.79 4.55
N ALA A 98 14.10 -20.11 3.44
CA ALA A 98 14.03 -20.76 2.13
C ALA A 98 15.31 -21.48 1.75
N GLY A 99 16.28 -21.54 2.65
CA GLY A 99 17.54 -22.21 2.40
C GLY A 99 18.69 -21.34 1.91
N VAL A 100 18.52 -20.02 1.83
CA VAL A 100 19.59 -19.14 1.35
C VAL A 100 20.59 -18.90 2.48
N ALA A 101 21.88 -19.07 2.17
CA ALA A 101 22.97 -18.69 3.08
C ALA A 101 23.18 -17.18 3.01
N THR A 102 22.95 -16.50 4.12
CA THR A 102 22.93 -15.03 4.17
C THR A 102 24.24 -14.51 4.74
N TYR A 103 24.77 -13.46 4.11
CA TYR A 103 26.07 -12.91 4.42
C TYR A 103 26.04 -11.40 4.60
N ALA A 104 26.98 -10.93 5.42
CA ALA A 104 27.25 -9.50 5.60
C ALA A 104 28.58 -9.38 6.33
N SER A 105 29.13 -8.18 6.33
CA SER A 105 30.35 -7.95 7.06
C SER A 105 30.11 -8.07 8.57
N PRO A 106 31.17 -8.38 9.34
CA PRO A 106 31.00 -8.36 10.80
C PRO A 106 30.34 -7.09 11.31
N SER A 107 30.73 -5.91 10.79
CA SER A 107 30.15 -4.65 11.25
C SER A 107 28.66 -4.62 11.02
N THR A 108 28.24 -4.94 9.79
CA THR A 108 26.84 -4.94 9.45
C THR A 108 26.04 -5.87 10.37
N ARG A 109 26.57 -7.08 10.63
CA ARG A 109 25.86 -8.04 11.49
C ARG A 109 25.71 -7.47 12.91
N ARG A 110 26.76 -6.83 13.40
CA ARG A 110 26.72 -6.22 14.75
C ARG A 110 25.76 -5.02 14.78
N LEU A 111 25.90 -4.09 13.83
CA LEU A 111 24.95 -2.99 13.77
C LEU A 111 23.50 -3.49 13.63
N ALA A 112 23.26 -4.57 12.86
CA ALA A 112 21.90 -5.10 12.75
C ALA A 112 21.40 -5.63 14.10
N GLU A 113 22.22 -6.42 14.78
CA GLU A 113 21.82 -6.91 16.09
C GLU A 113 21.53 -5.74 17.04
N VAL A 114 22.41 -4.74 17.08
CA VAL A 114 22.24 -3.63 18.03
C VAL A 114 20.93 -2.89 17.76
N GLU A 115 20.59 -2.71 16.49
CA GLU A 115 19.40 -1.98 16.08
C GLU A 115 18.12 -2.79 16.20
N GLY A 116 18.20 -4.09 16.47
CA GLY A 116 17.03 -4.94 16.44
C GLY A 116 16.61 -5.49 15.08
N ASN A 117 17.44 -5.37 14.05
CA ASN A 117 17.08 -5.84 12.71
C ASN A 117 17.48 -7.29 12.50
N GLU A 118 17.03 -7.87 11.39
CA GLU A 118 17.39 -9.24 11.09
C GLU A 118 18.90 -9.30 10.82
N ILE A 119 19.51 -10.43 11.14
CA ILE A 119 20.96 -10.58 11.15
C ILE A 119 21.38 -11.66 10.15
N PRO A 120 22.13 -11.35 9.10
CA PRO A 120 22.71 -12.40 8.25
C PRO A 120 23.56 -13.38 9.06
N THR A 121 23.54 -14.66 8.64
CA THR A 121 24.21 -15.72 9.38
C THR A 121 25.73 -15.63 9.30
N HIS A 122 26.26 -15.46 8.10
CA HIS A 122 27.68 -15.60 7.85
C HIS A 122 28.36 -14.23 7.73
N SER A 123 29.60 -14.19 8.23
CA SER A 123 30.45 -13.02 8.17
C SER A 123 31.31 -13.04 6.90
N LEU A 124 31.44 -11.88 6.26
CA LEU A 124 32.29 -11.71 5.09
C LEU A 124 33.65 -11.20 5.54
N GLU A 125 34.69 -11.94 5.18
CA GLU A 125 36.06 -11.58 5.55
C GLU A 125 36.71 -10.72 4.49
N GLY A 126 37.59 -9.84 4.94
CA GLY A 126 38.41 -9.07 4.04
C GLY A 126 37.91 -7.69 3.71
N LEU A 127 36.98 -7.13 4.49
CA LEU A 127 36.32 -5.89 4.11
C LEU A 127 36.37 -4.84 5.22
N SER A 128 37.34 -4.94 6.12
CA SER A 128 37.31 -4.14 7.31
C SER A 128 37.79 -2.72 7.04
N SER A 129 38.64 -2.51 6.03
CA SER A 129 39.27 -1.21 5.86
C SER A 129 38.89 -0.58 4.53
N SER A 130 38.78 0.75 4.55
CA SER A 130 38.39 1.49 3.37
C SER A 130 39.33 1.15 2.22
N GLY A 131 38.74 0.94 1.02
CA GLY A 131 39.51 0.49 -0.13
C GLY A 131 39.64 -1.02 -0.26
N ASP A 132 39.28 -1.78 0.78
CA ASP A 132 39.27 -3.24 0.68
C ASP A 132 38.23 -3.74 -0.33
N ALA A 133 38.61 -4.76 -1.09
CA ALA A 133 37.75 -5.41 -2.07
C ALA A 133 38.05 -6.90 -2.04
N VAL A 134 37.00 -7.69 -2.24
CA VAL A 134 37.13 -9.14 -2.36
C VAL A 134 36.18 -9.61 -3.42
N ARG A 135 36.57 -10.66 -4.15
CA ARG A 135 35.64 -11.35 -5.03
C ARG A 135 34.78 -12.30 -4.24
N PHE A 136 33.51 -12.38 -4.64
CA PHE A 136 32.52 -13.20 -3.94
C PHE A 136 31.67 -13.81 -5.06
N GLY A 137 32.09 -14.97 -5.52
CA GLY A 137 31.39 -15.59 -6.63
C GLY A 137 31.49 -14.66 -7.82
N PRO A 138 30.38 -14.40 -8.50
CA PRO A 138 30.42 -13.56 -9.69
C PRO A 138 30.51 -12.05 -9.45
N VAL A 139 30.70 -11.57 -8.21
CA VAL A 139 30.77 -10.14 -8.00
C VAL A 139 32.02 -9.77 -7.21
N GLU A 140 32.33 -8.48 -7.24
CA GLU A 140 33.34 -7.88 -6.39
C GLU A 140 32.64 -7.03 -5.34
N LEU A 141 33.01 -7.26 -4.08
CA LEU A 141 32.53 -6.49 -2.94
C LEU A 141 33.59 -5.44 -2.58
N PHE A 142 33.16 -4.23 -2.30
CA PHE A 142 34.10 -3.13 -2.10
C PHE A 142 33.62 -2.35 -0.90
N TYR A 143 34.54 -2.07 0.04
CA TYR A 143 34.17 -1.24 1.17
C TYR A 143 34.78 0.14 0.90
N PRO A 144 33.98 1.13 0.50
CA PRO A 144 34.58 2.42 0.10
C PRO A 144 34.91 3.34 1.26
N GLY A 145 34.55 3.00 2.49
CA GLY A 145 34.61 3.91 3.61
C GLY A 145 33.22 4.34 4.04
N ALA A 146 33.16 4.95 5.20
CA ALA A 146 31.88 5.39 5.74
C ALA A 146 31.20 6.38 4.80
N ALA A 147 29.89 6.25 4.65
CA ALA A 147 29.17 7.17 3.78
C ALA A 147 27.74 7.28 4.29
N HIS A 148 26.78 6.68 3.56
CA HIS A 148 25.40 6.57 4.05
C HIS A 148 25.32 5.88 5.40
N SER A 149 26.16 4.87 5.62
CA SER A 149 26.41 4.27 6.93
C SER A 149 27.90 4.00 7.08
N THR A 150 28.33 3.55 8.28
CA THR A 150 29.75 3.30 8.44
C THR A 150 30.13 1.96 7.81
N ASP A 151 29.14 1.09 7.55
CA ASP A 151 29.35 -0.29 7.13
C ASP A 151 29.08 -0.53 5.65
N ASN A 152 28.59 0.48 4.92
CA ASN A 152 28.00 0.22 3.62
C ASN A 152 29.00 -0.36 2.64
N LEU A 153 28.54 -1.38 1.93
CA LEU A 153 29.30 -2.03 0.88
C LEU A 153 28.77 -1.59 -0.48
N VAL A 154 29.64 -1.54 -1.47
CA VAL A 154 29.21 -1.44 -2.86
C VAL A 154 29.64 -2.73 -3.58
N VAL A 155 28.95 -3.00 -4.68
CA VAL A 155 29.09 -4.27 -5.38
C VAL A 155 29.30 -3.98 -6.85
N TYR A 156 30.27 -4.67 -7.46
CA TYR A 156 30.56 -4.54 -8.89
C TYR A 156 30.36 -5.90 -9.54
N VAL A 157 29.69 -5.90 -10.70
CA VAL A 157 29.52 -7.14 -11.46
C VAL A 157 30.42 -7.04 -12.69
N PRO A 158 31.60 -7.70 -12.68
CA PRO A 158 32.52 -7.56 -13.82
C PRO A 158 31.94 -7.91 -15.19
N SER A 159 31.17 -9.02 -15.31
CA SER A 159 30.72 -9.45 -16.65
C SER A 159 29.97 -8.34 -17.35
N ALA A 160 29.29 -7.46 -16.61
CA ALA A 160 28.37 -6.48 -17.18
C ALA A 160 28.78 -5.04 -16.90
N SER A 161 29.92 -4.82 -16.23
CA SER A 161 30.34 -3.48 -15.85
C SER A 161 29.24 -2.74 -15.09
N VAL A 162 28.53 -3.47 -14.23
CA VAL A 162 27.47 -2.91 -13.39
C VAL A 162 28.05 -2.57 -12.02
N LEU A 163 27.82 -1.33 -11.59
CA LEU A 163 28.17 -0.89 -10.24
C LEU A 163 26.91 -0.63 -9.44
N TYR A 164 26.70 -1.42 -8.40
CA TYR A 164 25.60 -1.21 -7.48
C TYR A 164 26.09 -0.45 -6.24
N GLY A 165 25.56 0.76 -6.06
CA GLY A 165 25.98 1.68 -5.03
C GLY A 165 25.30 1.51 -3.67
N GLY A 166 24.19 0.78 -3.65
CA GLY A 166 23.35 0.77 -2.47
C GLY A 166 23.01 2.19 -2.03
N CYS A 167 22.72 2.36 -0.74
CA CYS A 167 22.15 3.61 -0.26
C CYS A 167 23.18 4.73 -0.18
N ALA A 168 24.42 4.43 -0.55
CA ALA A 168 25.45 5.45 -0.61
C ALA A 168 25.43 6.26 -1.90
N ILE A 169 24.73 5.78 -2.93
CA ILE A 169 24.57 6.48 -4.18
C ILE A 169 23.11 6.86 -4.34
N TYR A 170 22.85 8.14 -4.67
CA TYR A 170 21.52 8.68 -4.87
C TYR A 170 21.17 8.70 -6.36
N GLU A 171 19.88 8.56 -6.66
CA GLU A 171 19.41 8.80 -8.03
C GLU A 171 19.36 10.30 -8.32
N LEU A 172 19.39 10.63 -9.63
CA LEU A 172 19.41 12.02 -10.07
C LEU A 172 18.21 12.78 -9.54
N SER A 173 17.03 12.14 -9.54
CA SER A 173 15.84 12.84 -9.06
C SER A 173 15.89 13.17 -7.57
N ARG A 174 16.78 12.55 -6.79
CA ARG A 174 16.90 12.85 -5.38
C ARG A 174 17.84 14.05 -5.15
N THR A 175 17.28 15.18 -4.70
CA THR A 175 18.07 16.40 -4.54
C THR A 175 18.24 16.83 -3.11
N SER A 176 17.68 16.08 -2.17
CA SER A 176 17.94 16.33 -0.76
C SER A 176 18.45 15.06 -0.10
N ALA A 177 19.17 15.25 0.99
CA ALA A 177 19.74 14.17 1.75
C ALA A 177 18.68 13.27 2.34
N GLY A 178 18.88 11.97 2.20
CA GLY A 178 17.88 10.99 2.59
C GLY A 178 18.09 10.43 3.98
N ASN A 179 17.94 11.24 5.01
CA ASN A 179 18.04 10.70 6.36
C ASN A 179 19.45 10.16 6.58
N VAL A 180 20.18 10.88 7.42
CA VAL A 180 21.62 10.80 7.50
C VAL A 180 21.98 10.59 8.95
N ALA A 181 21.04 10.03 9.72
CA ALA A 181 21.27 9.83 11.15
C ALA A 181 22.47 8.94 11.39
N ASP A 182 22.66 7.93 10.54
CA ASP A 182 23.76 6.97 10.63
C ASP A 182 24.88 7.26 9.64
N ALA A 183 24.82 8.37 8.90
CA ALA A 183 25.81 8.71 7.89
C ALA A 183 27.01 9.38 8.52
N ASP A 184 28.12 9.37 7.78
CA ASP A 184 29.32 10.13 8.09
C ASP A 184 29.50 11.19 7.00
N LEU A 185 28.90 12.37 7.21
CA LEU A 185 28.78 13.32 6.11
C LEU A 185 30.14 13.88 5.69
N ALA A 186 31.12 13.91 6.60
CA ALA A 186 32.43 14.45 6.24
C ALA A 186 33.21 13.49 5.34
N GLU A 187 32.98 12.18 5.52
CA GLU A 187 33.69 11.11 4.84
C GLU A 187 33.01 10.68 3.53
N TRP A 188 31.70 10.89 3.40
CA TRP A 188 30.94 10.41 2.24
C TRP A 188 31.52 10.86 0.91
N PRO A 189 31.82 12.15 0.67
CA PRO A 189 32.46 12.52 -0.60
C PRO A 189 33.79 11.79 -0.87
N THR A 190 34.62 11.59 0.16
CA THR A 190 35.88 10.85 0.00
C THR A 190 35.60 9.38 -0.33
N SER A 191 34.64 8.77 0.38
CA SER A 191 34.28 7.40 0.04
C SER A 191 33.79 7.29 -1.39
N ILE A 192 33.03 8.28 -1.87
CA ILE A 192 32.59 8.25 -3.27
C ILE A 192 33.79 8.33 -4.21
N GLU A 193 34.77 9.17 -3.88
CA GLU A 193 35.96 9.26 -4.73
C GLU A 193 36.65 7.90 -4.83
N ARG A 194 36.72 7.14 -3.71
CA ARG A 194 37.31 5.81 -3.76
C ARG A 194 36.56 4.92 -4.74
N ILE A 195 35.22 4.99 -4.76
CA ILE A 195 34.47 4.21 -5.73
C ILE A 195 34.87 4.59 -7.14
N GLN A 196 34.93 5.91 -7.44
CA GLN A 196 35.24 6.36 -8.78
C GLN A 196 36.60 5.86 -9.23
N GLN A 197 37.58 5.97 -8.33
CA GLN A 197 38.95 5.56 -8.62
C GLN A 197 39.08 4.06 -8.81
N HIS A 198 38.16 3.28 -8.24
CA HIS A 198 38.23 1.83 -8.35
C HIS A 198 37.45 1.27 -9.53
N TYR A 199 36.33 1.89 -9.90
CA TYR A 199 35.49 1.41 -10.99
C TYR A 199 35.27 2.51 -12.03
N PRO A 200 36.34 3.10 -12.55
CA PRO A 200 36.18 4.16 -13.57
C PRO A 200 35.58 3.67 -14.87
N GLU A 201 35.55 2.36 -15.16
CA GLU A 201 34.93 1.87 -16.39
C GLU A 201 33.51 1.35 -16.18
N ALA A 202 32.84 1.74 -15.10
CA ALA A 202 31.47 1.28 -14.87
C ALA A 202 30.56 1.83 -15.96
N GLN A 203 29.73 0.96 -16.54
CA GLN A 203 28.76 1.36 -17.57
C GLN A 203 27.39 1.69 -16.98
N PHE A 204 26.98 0.97 -15.95
CA PHE A 204 25.61 1.01 -15.44
C PHE A 204 25.71 1.14 -13.92
N VAL A 205 25.25 2.27 -13.38
CA VAL A 205 25.34 2.53 -11.94
C VAL A 205 23.94 2.53 -11.34
N ILE A 206 23.75 1.72 -10.31
CA ILE A 206 22.44 1.53 -9.69
C ILE A 206 22.47 2.16 -8.30
N PRO A 207 21.64 3.15 -8.03
CA PRO A 207 21.54 3.69 -6.68
C PRO A 207 20.70 2.75 -5.82
N GLY A 208 20.77 3.00 -4.50
CA GLY A 208 19.98 2.19 -3.57
C GLY A 208 18.49 2.30 -3.80
N HIS A 209 18.06 3.45 -4.33
CA HIS A 209 16.66 3.81 -4.47
C HIS A 209 16.56 4.59 -5.76
N GLY A 210 15.85 4.07 -6.72
CA GLY A 210 15.55 4.89 -7.87
C GLY A 210 16.27 4.45 -9.13
N LEU A 211 16.36 5.41 -10.10
CA LEU A 211 16.66 5.04 -11.45
C LEU A 211 18.17 4.87 -11.63
N PRO A 212 18.60 3.89 -12.40
CA PRO A 212 20.04 3.77 -12.65
C PRO A 212 20.52 4.88 -13.57
N GLY A 213 21.82 5.10 -13.57
CA GLY A 213 22.44 6.03 -14.50
C GLY A 213 23.83 5.60 -14.90
N GLY A 214 24.72 6.58 -15.02
CA GLY A 214 26.13 6.34 -15.17
C GLY A 214 26.92 6.76 -13.94
N LEU A 215 28.21 7.01 -14.15
CA LEU A 215 29.03 7.49 -13.05
C LEU A 215 28.68 8.92 -12.67
N ASP A 216 27.85 9.58 -13.45
CA ASP A 216 27.30 10.88 -13.05
C ASP A 216 26.47 10.80 -11.76
N LEU A 217 25.94 9.63 -11.39
CA LEU A 217 25.25 9.51 -10.11
C LEU A 217 26.22 9.71 -8.94
N LEU A 218 27.49 9.34 -9.12
CA LEU A 218 28.46 9.60 -8.03
C LEU A 218 28.67 11.10 -7.80
N LYS A 219 28.82 11.88 -8.87
CA LYS A 219 29.03 13.32 -8.70
C LYS A 219 27.77 13.98 -8.14
N HIS A 220 26.61 13.58 -8.65
CA HIS A 220 25.34 14.06 -8.12
C HIS A 220 25.24 13.79 -6.61
N THR A 221 25.55 12.56 -6.19
CA THR A 221 25.48 12.22 -4.77
C THR A 221 26.37 13.13 -3.94
N THR A 222 27.61 13.35 -4.39
CA THR A 222 28.50 14.25 -3.68
C THR A 222 27.89 15.64 -3.60
N ASN A 223 27.31 16.13 -4.70
CA ASN A 223 26.69 17.45 -4.65
C ASN A 223 25.57 17.50 -3.61
N VAL A 224 24.68 16.51 -3.62
CA VAL A 224 23.60 16.50 -2.64
C VAL A 224 24.16 16.46 -1.23
N VAL A 225 25.19 15.64 -1.02
CA VAL A 225 25.75 15.47 0.31
C VAL A 225 26.44 16.76 0.77
N LYS A 226 27.24 17.38 -0.10
CA LYS A 226 27.91 18.61 0.31
C LYS A 226 26.90 19.74 0.52
N ALA A 227 25.86 19.82 -0.31
CA ALA A 227 24.85 20.85 -0.15
C ALA A 227 24.16 20.76 1.22
N HIS A 228 23.83 19.55 1.65
CA HIS A 228 23.24 19.34 2.98
C HIS A 228 24.19 19.76 4.09
N THR A 229 25.50 19.62 3.86
CA THR A 229 26.47 19.85 4.94
C THR A 229 26.74 21.33 5.14
N ASN A 230 26.70 22.11 4.06
CA ASN A 230 26.98 23.54 4.14
C ASN A 230 25.80 24.34 4.68
N ALA A 231 24.60 23.77 4.66
CA ALA A 231 23.40 24.40 5.22
C ALA A 231 22.38 23.35 5.66
N ALA B 1 -26.32 -14.59 -43.05
CA ALA B 1 -25.85 -13.50 -42.19
C ALA B 1 -25.81 -13.91 -40.71
N TYR B 2 -24.90 -13.31 -39.97
CA TYR B 2 -24.71 -13.69 -38.57
C TYR B 2 -25.93 -13.35 -37.74
N PRO B 3 -26.47 -14.28 -36.95
CA PRO B 3 -27.67 -13.95 -36.17
C PRO B 3 -27.41 -12.85 -35.15
N THR B 4 -28.40 -11.97 -34.99
CA THR B 4 -28.27 -10.80 -34.13
C THR B 4 -29.18 -10.94 -32.92
N VAL B 5 -28.87 -10.14 -31.90
CA VAL B 5 -29.58 -10.27 -30.62
C VAL B 5 -31.09 -10.16 -30.82
N SER B 6 -31.55 -9.21 -31.64
CA SER B 6 -32.98 -9.05 -31.77
C SER B 6 -33.65 -10.21 -32.51
N GLU B 7 -32.89 -11.17 -33.02
CA GLU B 7 -33.44 -12.29 -33.80
C GLU B 7 -33.47 -13.61 -33.07
N ILE B 8 -32.91 -13.69 -31.86
CA ILE B 8 -32.88 -14.96 -31.15
C ILE B 8 -33.70 -14.82 -29.88
N PRO B 9 -34.82 -15.54 -29.73
CA PRO B 9 -35.52 -15.55 -28.44
C PRO B 9 -34.61 -16.10 -27.35
N VAL B 10 -34.71 -15.55 -26.14
CA VAL B 10 -34.05 -16.19 -24.99
C VAL B 10 -34.55 -17.62 -24.88
N GLY B 11 -33.62 -18.57 -24.80
CA GLY B 11 -33.95 -19.98 -24.78
C GLY B 11 -33.74 -20.72 -26.09
N GLU B 12 -33.46 -20.02 -27.18
CA GLU B 12 -33.07 -20.62 -28.44
C GLU B 12 -31.59 -20.43 -28.65
N VAL B 13 -30.99 -21.34 -29.40
CA VAL B 13 -29.57 -21.24 -29.72
C VAL B 13 -29.42 -21.43 -31.20
N ARG B 14 -28.62 -20.57 -31.81
CA ARG B 14 -28.28 -20.63 -33.21
C ARG B 14 -26.86 -21.13 -33.40
N LEU B 15 -26.64 -21.89 -34.45
CA LEU B 15 -25.32 -22.20 -34.93
C LEU B 15 -25.03 -21.42 -36.20
N TYR B 16 -23.79 -20.94 -36.32
CA TYR B 16 -23.27 -20.26 -37.50
C TYR B 16 -21.98 -20.95 -37.94
N GLN B 17 -21.99 -21.53 -39.13
CA GLN B 17 -20.79 -22.20 -39.65
C GLN B 17 -19.82 -21.15 -40.19
N ILE B 18 -18.65 -21.04 -39.55
CA ILE B 18 -17.61 -20.10 -39.93
C ILE B 18 -16.71 -20.68 -41.02
N ALA B 19 -16.38 -21.95 -40.88
CA ALA B 19 -15.46 -22.60 -41.80
C ALA B 19 -15.68 -24.09 -41.62
N ASP B 20 -14.96 -24.89 -42.40
CA ASP B 20 -15.10 -26.33 -42.26
C ASP B 20 -14.77 -26.73 -40.83
N GLY B 21 -15.69 -27.46 -40.19
CA GLY B 21 -15.50 -27.93 -38.81
C GLY B 21 -15.41 -26.84 -37.75
N VAL B 22 -15.83 -25.61 -38.06
CA VAL B 22 -15.80 -24.51 -37.09
C VAL B 22 -17.11 -23.76 -37.13
N TRP B 23 -17.82 -23.75 -35.98
CA TRP B 23 -19.06 -22.99 -35.80
C TRP B 23 -18.96 -22.08 -34.59
N SER B 24 -19.74 -21.02 -34.61
CA SER B 24 -20.03 -20.35 -33.36
C SER B 24 -21.45 -20.71 -32.94
N HIS B 25 -21.69 -20.66 -31.63
CA HIS B 25 -23.03 -20.80 -31.10
C HIS B 25 -23.46 -19.48 -30.49
N ILE B 26 -24.70 -19.07 -30.75
CA ILE B 26 -25.19 -17.75 -30.36
C ILE B 26 -26.45 -17.97 -29.53
N ALA B 27 -26.48 -17.42 -28.35
CA ALA B 27 -27.68 -17.49 -27.53
C ALA B 27 -27.95 -16.09 -27.01
N THR B 28 -29.04 -15.94 -26.27
CA THR B 28 -29.41 -14.64 -25.75
C THR B 28 -29.83 -14.82 -24.30
N GLN B 29 -29.65 -13.77 -23.53
CA GLN B 29 -30.01 -13.86 -22.13
C GLN B 29 -30.41 -12.50 -21.59
N SER B 30 -31.29 -12.52 -20.60
CA SER B 30 -31.70 -11.29 -19.94
C SER B 30 -30.74 -11.02 -18.79
N PHE B 31 -30.25 -9.79 -18.70
CA PHE B 31 -29.36 -9.43 -17.60
C PHE B 31 -29.47 -7.94 -17.29
N ASP B 32 -29.70 -7.60 -16.02
CA ASP B 32 -29.79 -6.21 -15.61
C ASP B 32 -30.77 -5.44 -16.50
N GLY B 33 -31.92 -6.07 -16.79
CA GLY B 33 -33.00 -5.40 -17.50
C GLY B 33 -32.96 -5.44 -19.02
N ALA B 34 -31.86 -5.89 -19.63
CA ALA B 34 -31.74 -5.93 -21.09
C ALA B 34 -31.46 -7.35 -21.57
N VAL B 35 -31.64 -7.57 -22.87
CA VAL B 35 -31.31 -8.87 -23.44
C VAL B 35 -30.01 -8.78 -24.23
N TYR B 36 -29.05 -9.66 -23.89
CA TYR B 36 -27.76 -9.70 -24.53
C TYR B 36 -27.61 -10.95 -25.38
N PRO B 37 -26.99 -10.84 -26.57
CA PRO B 37 -26.45 -12.01 -27.24
C PRO B 37 -25.13 -12.44 -26.59
N SER B 38 -24.71 -13.67 -26.90
CA SER B 38 -23.46 -14.21 -26.37
C SER B 38 -23.00 -15.33 -27.31
N ASN B 39 -21.70 -15.33 -27.63
CA ASN B 39 -21.07 -16.27 -28.56
C ASN B 39 -20.22 -17.30 -27.82
N GLY B 40 -20.19 -18.52 -28.33
CA GLY B 40 -19.09 -19.44 -28.05
C GLY B 40 -18.64 -20.12 -29.33
N LEU B 41 -17.87 -21.17 -29.19
CA LEU B 41 -17.30 -21.87 -30.33
C LEU B 41 -17.57 -23.35 -30.26
N ILE B 42 -17.72 -23.95 -31.44
CA ILE B 42 -17.72 -25.40 -31.56
C ILE B 42 -16.66 -25.77 -32.61
N VAL B 43 -15.76 -26.70 -32.28
CA VAL B 43 -14.66 -27.07 -33.17
C VAL B 43 -14.61 -28.60 -33.31
N ARG B 44 -14.71 -29.09 -34.53
CA ARG B 44 -14.69 -30.52 -34.76
C ARG B 44 -13.24 -31.00 -34.73
N ASP B 45 -13.03 -32.13 -34.06
CA ASP B 45 -11.74 -32.83 -33.97
C ASP B 45 -12.04 -34.30 -34.35
N GLY B 46 -11.88 -34.65 -35.61
CA GLY B 46 -12.33 -35.95 -36.08
C GLY B 46 -13.80 -36.25 -35.82
N ASP B 47 -14.06 -37.27 -35.02
CA ASP B 47 -15.42 -37.72 -34.77
C ASP B 47 -15.95 -37.19 -33.45
N GLU B 48 -15.36 -36.12 -32.94
CA GLU B 48 -15.79 -35.51 -31.68
C GLU B 48 -15.78 -34.00 -31.86
N LEU B 49 -16.49 -33.35 -30.95
CA LEU B 49 -16.52 -31.90 -30.89
C LEU B 49 -15.92 -31.38 -29.58
N LEU B 50 -15.16 -30.29 -29.71
CA LEU B 50 -14.74 -29.47 -28.59
C LEU B 50 -15.62 -28.24 -28.52
N LEU B 51 -16.23 -27.99 -27.35
CA LEU B 51 -17.07 -26.83 -27.07
C LEU B 51 -16.26 -25.76 -26.34
N ILE B 52 -16.39 -24.51 -26.79
CA ILE B 52 -15.85 -23.36 -26.08
C ILE B 52 -17.01 -22.52 -25.56
N ASP B 53 -17.10 -22.49 -24.25
CA ASP B 53 -18.06 -21.76 -23.44
C ASP B 53 -19.45 -22.35 -23.51
N THR B 54 -20.19 -22.19 -22.41
CA THR B 54 -21.58 -22.60 -22.39
C THR B 54 -22.39 -21.59 -23.18
N ALA B 55 -23.71 -21.76 -23.16
CA ALA B 55 -24.64 -20.85 -23.84
C ALA B 55 -25.36 -19.93 -22.87
N TRP B 56 -24.76 -19.73 -21.68
CA TRP B 56 -25.24 -18.80 -20.67
C TRP B 56 -26.49 -19.36 -20.00
N GLY B 57 -26.30 -20.36 -19.14
CA GLY B 57 -27.35 -20.89 -18.30
C GLY B 57 -27.74 -22.30 -18.70
N ALA B 58 -28.47 -22.95 -17.79
CA ALA B 58 -28.77 -24.36 -17.97
C ALA B 58 -29.73 -24.57 -19.13
N LYS B 59 -30.81 -23.79 -19.19
CA LYS B 59 -31.78 -23.95 -20.25
C LYS B 59 -31.13 -23.75 -21.62
N ASN B 60 -30.34 -22.69 -21.76
CA ASN B 60 -29.71 -22.40 -23.04
C ASN B 60 -28.70 -23.49 -23.42
N THR B 61 -27.92 -23.95 -22.45
CA THR B 61 -26.92 -24.97 -22.71
C THR B 61 -27.57 -26.29 -23.14
N ALA B 62 -28.70 -26.66 -22.53
CA ALA B 62 -29.42 -27.84 -22.99
C ALA B 62 -29.93 -27.66 -24.42
N ALA B 63 -30.37 -26.44 -24.77
CA ALA B 63 -30.79 -26.18 -26.14
C ALA B 63 -29.60 -26.19 -27.09
N LEU B 64 -28.43 -25.76 -26.60
CA LEU B 64 -27.22 -25.86 -27.43
C LEU B 64 -26.91 -27.32 -27.78
N LEU B 65 -26.80 -28.18 -26.75
CA LEU B 65 -26.56 -29.59 -27.02
C LEU B 65 -27.59 -30.17 -27.98
N ALA B 66 -28.88 -29.79 -27.83
CA ALA B 66 -29.91 -30.27 -28.76
C ALA B 66 -29.69 -29.76 -30.18
N GLU B 67 -29.29 -28.48 -30.33
CA GLU B 67 -29.08 -27.94 -31.68
C GLU B 67 -27.86 -28.57 -32.34
N ILE B 68 -26.85 -28.91 -31.55
CA ILE B 68 -25.66 -29.58 -32.09
C ILE B 68 -26.03 -30.96 -32.58
N GLU B 69 -26.85 -31.69 -31.80
CA GLU B 69 -27.28 -33.00 -32.23
C GLU B 69 -28.03 -32.92 -33.55
N LYS B 70 -28.92 -31.94 -33.68
CA LYS B 70 -29.74 -31.79 -34.88
C LYS B 70 -28.90 -31.35 -36.07
N GLN B 71 -28.05 -30.35 -35.87
CA GLN B 71 -27.36 -29.71 -37.00
C GLN B 71 -26.00 -30.35 -37.34
N ILE B 72 -25.35 -31.01 -36.39
CA ILE B 72 -24.01 -31.54 -36.61
C ILE B 72 -23.97 -33.05 -36.42
N GLY B 73 -24.53 -33.55 -35.33
CA GLY B 73 -24.72 -34.98 -35.10
C GLY B 73 -23.52 -35.68 -34.50
N LEU B 74 -22.53 -34.92 -34.01
CA LEU B 74 -21.32 -35.44 -33.40
C LEU B 74 -21.36 -35.14 -31.91
N PRO B 75 -20.69 -35.97 -31.09
CA PRO B 75 -20.72 -35.77 -29.63
C PRO B 75 -19.78 -34.68 -29.18
N VAL B 76 -20.30 -33.86 -28.27
CA VAL B 76 -19.49 -32.92 -27.52
C VAL B 76 -18.78 -33.72 -26.41
N THR B 77 -17.47 -33.89 -26.53
CA THR B 77 -16.72 -34.69 -25.56
C THR B 77 -15.99 -33.85 -24.53
N ARG B 78 -15.64 -32.61 -24.87
CA ARG B 78 -14.92 -31.72 -23.98
C ARG B 78 -15.43 -30.29 -24.18
N ALA B 79 -15.36 -29.52 -23.09
CA ALA B 79 -15.71 -28.12 -23.08
C ALA B 79 -14.70 -27.35 -22.24
N VAL B 80 -14.40 -26.14 -22.70
CA VAL B 80 -13.53 -25.18 -22.02
C VAL B 80 -14.34 -23.91 -21.74
N SER B 81 -14.24 -23.42 -20.50
CA SER B 81 -14.83 -22.14 -20.10
C SER B 81 -13.72 -21.11 -20.07
N THR B 82 -13.92 -19.98 -20.76
CA THR B 82 -12.82 -19.04 -20.92
C THR B 82 -12.67 -18.01 -19.78
N HIS B 83 -13.65 -17.88 -18.89
CA HIS B 83 -13.50 -17.24 -17.59
C HIS B 83 -14.69 -17.62 -16.70
N PHE B 84 -14.73 -17.02 -15.53
CA PHE B 84 -15.47 -17.59 -14.43
C PHE B 84 -16.90 -17.07 -14.32
N HIS B 85 -17.29 -16.15 -15.19
CA HIS B 85 -18.62 -15.56 -15.08
C HIS B 85 -19.71 -16.49 -15.64
N ASP B 86 -20.96 -16.17 -15.26
CA ASP B 86 -22.10 -17.03 -15.57
C ASP B 86 -22.29 -17.29 -17.06
N ASP B 87 -21.87 -16.37 -17.94
CA ASP B 87 -22.11 -16.58 -19.37
C ASP B 87 -21.07 -17.52 -19.98
N ARG B 88 -20.09 -17.95 -19.18
CA ARG B 88 -19.07 -18.87 -19.62
C ARG B 88 -19.09 -20.20 -18.88
N VAL B 89 -19.51 -20.22 -17.60
CA VAL B 89 -19.63 -21.46 -16.82
C VAL B 89 -21.07 -21.81 -16.49
N GLY B 90 -22.02 -20.89 -16.69
CA GLY B 90 -23.38 -21.24 -16.40
C GLY B 90 -23.91 -22.27 -17.39
N GLY B 91 -24.26 -23.47 -16.91
CA GLY B 91 -24.54 -24.61 -17.78
C GLY B 91 -23.49 -25.69 -17.75
N VAL B 92 -22.40 -25.50 -17.00
CA VAL B 92 -21.42 -26.55 -16.86
C VAL B 92 -22.06 -27.82 -16.33
N ASP B 93 -23.03 -27.68 -15.42
CA ASP B 93 -23.66 -28.83 -14.82
C ASP B 93 -24.45 -29.62 -15.85
N VAL B 94 -25.12 -28.90 -16.77
CA VAL B 94 -25.80 -29.58 -17.87
C VAL B 94 -24.80 -30.35 -18.71
N LEU B 95 -23.67 -29.73 -18.98
CA LEU B 95 -22.63 -30.37 -19.77
C LEU B 95 -22.13 -31.63 -19.07
N ARG B 96 -21.79 -31.51 -17.78
CA ARG B 96 -21.33 -32.67 -17.04
C ARG B 96 -22.37 -33.80 -17.08
N ALA B 97 -23.62 -33.47 -16.79
CA ALA B 97 -24.67 -34.49 -16.77
C ALA B 97 -24.77 -35.22 -18.11
N ALA B 98 -24.56 -34.50 -19.22
CA ALA B 98 -24.56 -35.11 -20.53
C ALA B 98 -23.23 -35.83 -20.84
N GLY B 99 -22.33 -35.98 -19.88
CA GLY B 99 -21.10 -36.70 -20.13
C GLY B 99 -19.98 -35.91 -20.77
N VAL B 100 -20.08 -34.58 -20.82
CA VAL B 100 -18.98 -33.74 -21.32
C VAL B 100 -17.96 -33.53 -20.21
N ALA B 101 -16.69 -33.65 -20.58
CA ALA B 101 -15.57 -33.37 -19.67
C ALA B 101 -15.28 -31.87 -19.70
N THR B 102 -15.54 -31.18 -18.59
CA THR B 102 -15.44 -29.72 -18.52
C THR B 102 -14.09 -29.27 -17.99
N TYR B 103 -13.52 -28.27 -18.64
CA TYR B 103 -12.20 -27.74 -18.33
C TYR B 103 -12.23 -26.24 -18.13
N ALA B 104 -11.32 -25.75 -17.28
CA ALA B 104 -10.97 -24.34 -17.17
C ALA B 104 -9.63 -24.23 -16.48
N SER B 105 -9.03 -23.04 -16.50
CA SER B 105 -7.76 -22.85 -15.83
C SER B 105 -7.95 -22.96 -14.32
N PRO B 106 -6.88 -23.25 -13.58
CA PRO B 106 -7.06 -23.33 -12.12
C PRO B 106 -7.65 -22.05 -11.56
N SER B 107 -7.21 -20.90 -12.07
CA SER B 107 -7.75 -19.63 -11.60
C SER B 107 -9.25 -19.53 -11.85
N THR B 108 -9.68 -19.79 -13.09
CA THR B 108 -11.11 -19.79 -13.41
C THR B 108 -11.87 -20.70 -12.47
N ARG B 109 -11.36 -21.93 -12.25
CA ARG B 109 -12.07 -22.84 -11.37
C ARG B 109 -12.17 -22.26 -9.95
N ARG B 110 -11.08 -21.62 -9.47
CA ARG B 110 -11.11 -21.07 -8.11
C ARG B 110 -12.03 -19.87 -8.03
N LEU B 111 -11.88 -18.92 -8.96
CA LEU B 111 -12.78 -17.77 -8.99
C LEU B 111 -14.25 -18.19 -9.14
N ALA B 112 -14.53 -19.23 -9.95
CA ALA B 112 -15.91 -19.73 -10.04
C ALA B 112 -16.39 -20.27 -8.70
N GLU B 113 -15.53 -20.97 -7.96
CA GLU B 113 -15.98 -21.56 -6.70
C GLU B 113 -16.27 -20.47 -5.67
N VAL B 114 -15.44 -19.44 -5.64
CA VAL B 114 -15.64 -18.35 -4.69
C VAL B 114 -16.94 -17.60 -4.99
N GLU B 115 -17.22 -17.36 -6.26
CA GLU B 115 -18.40 -16.58 -6.65
C GLU B 115 -19.69 -17.36 -6.50
N GLY B 116 -19.62 -18.66 -6.26
CA GLY B 116 -20.82 -19.47 -6.23
C GLY B 116 -21.31 -19.91 -7.59
N ASN B 117 -20.46 -19.88 -8.61
CA ASN B 117 -20.80 -20.30 -9.96
C ASN B 117 -20.50 -21.78 -10.16
N GLU B 118 -21.01 -22.35 -11.26
CA GLU B 118 -20.70 -23.73 -11.60
C GLU B 118 -19.21 -23.84 -11.90
N ILE B 119 -18.62 -24.98 -11.53
CA ILE B 119 -17.17 -25.17 -11.54
C ILE B 119 -16.84 -26.28 -12.53
N PRO B 120 -16.13 -25.98 -13.64
CA PRO B 120 -15.60 -27.05 -14.50
C PRO B 120 -14.74 -28.03 -13.72
N THR B 121 -14.78 -29.29 -14.15
CA THR B 121 -14.16 -30.38 -13.41
C THR B 121 -12.63 -30.32 -13.47
N HIS B 122 -12.08 -30.12 -14.64
CA HIS B 122 -10.67 -30.39 -14.90
C HIS B 122 -9.91 -29.09 -15.07
N SER B 123 -8.70 -29.05 -14.52
CA SER B 123 -7.83 -27.90 -14.64
C SER B 123 -6.95 -28.00 -15.88
N LEU B 124 -6.84 -26.90 -16.59
CA LEU B 124 -5.95 -26.77 -17.74
C LEU B 124 -4.56 -26.39 -17.23
N GLU B 125 -3.56 -27.14 -17.64
CA GLU B 125 -2.20 -26.83 -17.23
C GLU B 125 -1.55 -25.99 -18.32
N GLY B 126 -0.60 -25.15 -17.91
CA GLY B 126 0.23 -24.42 -18.83
C GLY B 126 -0.21 -23.01 -19.16
N LEU B 127 -1.11 -22.41 -18.37
CA LEU B 127 -1.70 -21.13 -18.72
C LEU B 127 -1.59 -20.05 -17.63
N SER B 128 -0.68 -20.21 -16.66
CA SER B 128 -0.67 -19.35 -15.48
C SER B 128 -0.13 -17.94 -15.73
N SER B 129 0.75 -17.76 -16.71
CA SER B 129 1.41 -16.48 -16.91
C SER B 129 1.02 -15.88 -18.27
N SER B 130 0.90 -14.55 -18.32
CA SER B 130 0.61 -13.86 -19.58
C SER B 130 1.58 -14.32 -20.67
N GLY B 131 1.07 -14.46 -21.90
CA GLY B 131 1.84 -15.01 -22.99
C GLY B 131 1.84 -16.52 -23.08
N ASP B 132 1.31 -17.22 -22.08
CA ASP B 132 1.22 -18.67 -22.14
C ASP B 132 0.18 -19.14 -23.16
N ALA B 133 0.55 -20.16 -23.93
CA ALA B 133 -0.31 -20.81 -24.91
C ALA B 133 -0.11 -22.31 -24.86
N VAL B 134 -1.22 -23.06 -24.95
CA VAL B 134 -1.20 -24.50 -25.12
C VAL B 134 -2.14 -24.88 -26.25
N ARG B 135 -1.77 -25.95 -26.94
CA ARG B 135 -2.67 -26.64 -27.86
C ARG B 135 -3.59 -27.56 -27.05
N PHE B 136 -4.89 -27.51 -27.36
CA PHE B 136 -5.91 -28.34 -26.72
C PHE B 136 -6.81 -28.93 -27.80
N GLY B 137 -6.59 -30.20 -28.16
CA GLY B 137 -7.30 -30.75 -29.29
C GLY B 137 -7.09 -29.87 -30.53
N PRO B 138 -8.16 -29.49 -31.24
CA PRO B 138 -7.99 -28.71 -32.47
C PRO B 138 -7.85 -27.20 -32.27
N VAL B 139 -7.65 -26.69 -31.05
CA VAL B 139 -7.51 -25.25 -30.81
C VAL B 139 -6.23 -24.97 -30.04
N GLU B 140 -5.88 -23.68 -30.04
CA GLU B 140 -4.86 -23.13 -29.18
C GLU B 140 -5.54 -22.26 -28.15
N LEU B 141 -5.18 -22.49 -26.90
CA LEU B 141 -5.66 -21.72 -25.76
C LEU B 141 -4.57 -20.73 -25.39
N PHE B 142 -4.95 -19.50 -25.06
CA PHE B 142 -3.99 -18.42 -24.88
C PHE B 142 -4.41 -17.58 -23.66
N TYR B 143 -3.47 -17.35 -22.74
CA TYR B 143 -3.75 -16.43 -21.65
C TYR B 143 -3.09 -15.10 -21.98
N PRO B 144 -3.84 -14.08 -22.41
CA PRO B 144 -3.21 -12.81 -22.83
C PRO B 144 -2.84 -11.90 -21.68
N GLY B 145 -3.15 -12.28 -20.45
CA GLY B 145 -3.14 -11.39 -19.32
C GLY B 145 -4.52 -10.89 -18.95
N ALA B 146 -4.56 -10.22 -17.82
CA ALA B 146 -5.81 -9.67 -17.28
C ALA B 146 -6.43 -8.66 -18.24
N ALA B 147 -7.74 -8.65 -18.27
CA ALA B 147 -8.47 -7.77 -19.17
C ALA B 147 -9.89 -7.63 -18.68
N HIS B 148 -10.85 -8.26 -19.36
CA HIS B 148 -12.20 -8.30 -18.85
C HIS B 148 -12.22 -8.93 -17.46
N SER B 149 -11.36 -9.93 -17.23
CA SER B 149 -11.19 -10.55 -15.92
C SER B 149 -9.73 -10.91 -15.77
N THR B 150 -9.33 -11.34 -14.58
CA THR B 150 -7.92 -11.68 -14.46
C THR B 150 -7.62 -13.02 -15.12
N ASP B 151 -8.65 -13.84 -15.31
CA ASP B 151 -8.47 -15.24 -15.72
C ASP B 151 -8.78 -15.46 -17.20
N ASN B 152 -9.24 -14.45 -17.92
CA ASN B 152 -9.82 -14.65 -19.24
C ASN B 152 -8.82 -15.27 -20.19
N LEU B 153 -9.24 -16.36 -20.84
CA LEU B 153 -8.53 -16.97 -21.94
C LEU B 153 -9.13 -16.54 -23.28
N VAL B 154 -8.31 -16.58 -24.33
CA VAL B 154 -8.80 -16.48 -25.69
C VAL B 154 -8.42 -17.78 -26.39
N VAL B 155 -9.04 -18.01 -27.54
CA VAL B 155 -8.97 -19.30 -28.21
C VAL B 155 -8.75 -19.06 -29.71
N TYR B 156 -7.78 -19.76 -30.30
CA TYR B 156 -7.49 -19.65 -31.73
C TYR B 156 -7.67 -20.99 -32.41
N VAL B 157 -8.28 -20.97 -33.60
CA VAL B 157 -8.53 -22.19 -34.38
C VAL B 157 -7.62 -22.14 -35.60
N PRO B 158 -6.43 -22.76 -35.54
CA PRO B 158 -5.45 -22.56 -36.62
C PRO B 158 -5.97 -22.88 -38.02
N SER B 159 -6.73 -23.95 -38.17
CA SER B 159 -7.23 -24.36 -39.48
C SER B 159 -8.08 -23.27 -40.15
N ALA B 160 -8.73 -22.39 -39.39
CA ALA B 160 -9.67 -21.43 -39.97
C ALA B 160 -9.29 -19.99 -39.71
N SER B 161 -8.12 -19.75 -39.11
CA SER B 161 -7.72 -18.39 -38.72
C SER B 161 -8.84 -17.68 -37.97
N VAL B 162 -9.41 -18.38 -37.00
CA VAL B 162 -10.53 -17.88 -36.22
C VAL B 162 -10.03 -17.56 -34.83
N LEU B 163 -10.17 -16.31 -34.42
CA LEU B 163 -9.85 -15.88 -33.08
C LEU B 163 -11.13 -15.65 -32.29
N TYR B 164 -11.35 -16.43 -31.25
CA TYR B 164 -12.46 -16.18 -30.33
C TYR B 164 -11.90 -15.43 -29.10
N GLY B 165 -12.33 -14.17 -28.94
CA GLY B 165 -11.88 -13.31 -27.85
C GLY B 165 -12.60 -13.43 -26.52
N GLY B 166 -13.76 -14.05 -26.48
CA GLY B 166 -14.45 -14.01 -25.21
C GLY B 166 -14.73 -12.56 -24.84
N CYS B 167 -15.09 -12.39 -23.57
CA CYS B 167 -15.57 -11.10 -23.13
C CYS B 167 -14.44 -10.05 -23.02
N ALA B 168 -13.19 -10.41 -23.36
CA ALA B 168 -12.10 -9.44 -23.45
C ALA B 168 -12.14 -8.62 -24.74
N ILE B 169 -12.89 -9.09 -25.75
CA ILE B 169 -13.06 -8.37 -27.02
C ILE B 169 -14.51 -7.93 -27.15
N TYR B 170 -14.71 -6.69 -27.62
CA TYR B 170 -16.02 -6.07 -27.75
C TYR B 170 -16.40 -6.01 -29.23
N GLU B 171 -17.68 -6.20 -29.53
CA GLU B 171 -18.18 -5.93 -30.87
C GLU B 171 -18.16 -4.43 -31.16
N LEU B 172 -18.06 -4.09 -32.46
CA LEU B 172 -18.03 -2.69 -32.91
C LEU B 172 -19.17 -1.86 -32.35
N SER B 173 -20.39 -2.39 -32.31
CA SER B 173 -21.53 -1.58 -31.93
C SER B 173 -21.62 -1.35 -30.42
N ARG B 174 -20.77 -2.01 -29.59
CA ARG B 174 -20.57 -1.62 -28.19
C ARG B 174 -19.52 -0.52 -28.08
N THR B 175 -19.93 0.67 -27.58
CA THR B 175 -19.03 1.81 -27.50
C THR B 175 -18.76 2.24 -26.07
N SER B 176 -19.51 1.75 -25.09
CA SER B 176 -19.18 1.92 -23.69
C SER B 176 -18.77 0.57 -23.08
N ALA B 177 -18.00 0.65 -22.00
CA ALA B 177 -17.42 -0.53 -21.37
C ALA B 177 -18.41 -1.65 -21.05
N GLY B 178 -19.33 -1.44 -20.09
CA GLY B 178 -20.01 -2.59 -19.55
C GLY B 178 -19.29 -3.15 -18.33
N ASN B 179 -19.46 -4.43 -18.01
CA ASN B 179 -19.03 -4.98 -16.72
C ASN B 179 -17.51 -4.93 -16.56
N VAL B 180 -17.06 -4.08 -15.64
CA VAL B 180 -15.63 -3.87 -15.44
C VAL B 180 -15.30 -4.10 -13.98
N ALA B 181 -16.28 -4.61 -13.22
CA ALA B 181 -16.07 -4.84 -11.79
C ALA B 181 -14.93 -5.81 -11.57
N ASP B 182 -14.83 -6.85 -12.40
CA ASP B 182 -13.78 -7.84 -12.30
C ASP B 182 -12.62 -7.56 -13.26
N ALA B 183 -12.67 -6.45 -14.01
CA ALA B 183 -11.64 -6.11 -14.98
C ALA B 183 -10.40 -5.53 -14.31
N ASP B 184 -9.30 -5.55 -15.07
CA ASP B 184 -8.09 -4.78 -14.79
C ASP B 184 -7.93 -3.82 -15.98
N LEU B 185 -8.51 -2.63 -15.83
CA LEU B 185 -8.59 -1.70 -16.95
C LEU B 185 -7.22 -1.18 -17.37
N ALA B 186 -6.25 -1.24 -16.47
CA ALA B 186 -4.90 -0.78 -16.77
C ALA B 186 -4.16 -1.75 -17.68
N GLU B 187 -4.42 -3.05 -17.54
CA GLU B 187 -3.70 -4.08 -18.28
C GLU B 187 -4.44 -4.54 -19.54
N TRP B 188 -5.74 -4.33 -19.60
CA TRP B 188 -6.54 -4.70 -20.76
C TRP B 188 -5.92 -4.31 -22.10
N PRO B 189 -5.53 -3.05 -22.33
CA PRO B 189 -4.90 -2.75 -23.64
C PRO B 189 -3.59 -3.48 -23.88
N THR B 190 -2.78 -3.69 -22.84
CA THR B 190 -1.54 -4.45 -23.02
C THR B 190 -1.84 -5.92 -23.29
N SER B 191 -2.84 -6.47 -22.61
CA SER B 191 -3.26 -7.83 -22.91
C SER B 191 -3.74 -7.96 -24.36
N ILE B 192 -4.50 -6.98 -24.86
CA ILE B 192 -4.95 -7.01 -26.24
C ILE B 192 -3.76 -6.94 -27.20
N GLU B 193 -2.72 -6.20 -26.84
CA GLU B 193 -1.51 -6.20 -27.66
C GLU B 193 -0.93 -7.60 -27.79
N ARG B 194 -0.82 -8.33 -26.66
CA ARG B 194 -0.32 -9.70 -26.71
C ARG B 194 -1.11 -10.56 -27.68
N ILE B 195 -2.43 -10.41 -27.71
CA ILE B 195 -3.25 -11.16 -28.67
C ILE B 195 -2.87 -10.78 -30.08
N GLN B 196 -2.81 -9.47 -30.36
CA GLN B 196 -2.45 -9.01 -31.69
C GLN B 196 -1.09 -9.51 -32.10
N GLN B 197 -0.13 -9.49 -31.17
CA GLN B 197 1.22 -9.96 -31.47
C GLN B 197 1.24 -11.46 -31.74
N HIS B 198 0.37 -12.22 -31.09
CA HIS B 198 0.44 -13.67 -31.20
C HIS B 198 -0.41 -14.22 -32.34
N TYR B 199 -1.47 -13.52 -32.74
CA TYR B 199 -2.34 -13.97 -33.83
C TYR B 199 -2.51 -12.88 -34.88
N PRO B 200 -1.40 -12.42 -35.47
CA PRO B 200 -1.48 -11.32 -36.45
C PRO B 200 -2.16 -11.71 -37.75
N GLU B 201 -2.36 -13.00 -38.03
CA GLU B 201 -2.97 -13.46 -39.28
C GLU B 201 -4.44 -13.82 -39.11
N ALA B 202 -5.04 -13.58 -37.96
CA ALA B 202 -6.44 -13.96 -37.75
C ALA B 202 -7.35 -13.28 -38.76
N GLN B 203 -8.24 -14.07 -39.36
CA GLN B 203 -9.20 -13.57 -40.34
C GLN B 203 -10.56 -13.24 -39.75
N PHE B 204 -10.95 -13.92 -38.68
CA PHE B 204 -12.32 -13.89 -38.18
C PHE B 204 -12.21 -13.75 -36.68
N VAL B 205 -12.56 -12.58 -36.16
CA VAL B 205 -12.41 -12.31 -34.73
C VAL B 205 -13.81 -12.26 -34.12
N ILE B 206 -14.06 -13.13 -33.14
CA ILE B 206 -15.39 -13.27 -32.56
C ILE B 206 -15.38 -12.67 -31.16
N PRO B 207 -16.17 -11.64 -30.89
CA PRO B 207 -16.27 -11.11 -29.53
C PRO B 207 -17.14 -12.02 -28.66
N GLY B 208 -17.06 -11.78 -27.35
CA GLY B 208 -17.90 -12.53 -26.43
C GLY B 208 -19.40 -12.31 -26.65
N HIS B 209 -19.77 -11.10 -27.10
CA HIS B 209 -21.16 -10.73 -27.29
C HIS B 209 -21.28 -9.95 -28.59
N GLY B 210 -22.12 -10.41 -29.48
CA GLY B 210 -22.39 -9.69 -30.72
C GLY B 210 -21.59 -10.10 -31.95
N LEU B 211 -21.42 -9.16 -32.90
CA LEU B 211 -21.07 -9.54 -34.26
C LEU B 211 -19.57 -9.73 -34.42
N PRO B 212 -19.15 -10.77 -35.16
CA PRO B 212 -17.72 -10.92 -35.46
C PRO B 212 -17.23 -9.88 -36.44
N GLY B 213 -15.92 -9.74 -36.47
CA GLY B 213 -15.26 -8.85 -37.41
C GLY B 213 -13.83 -9.31 -37.65
N GLY B 214 -12.96 -8.34 -37.89
CA GLY B 214 -11.54 -8.62 -38.10
C GLY B 214 -10.73 -8.26 -36.88
N LEU B 215 -9.41 -8.12 -37.07
CA LEU B 215 -8.55 -7.63 -35.99
C LEU B 215 -8.90 -6.21 -35.57
N ASP B 216 -9.67 -5.47 -36.38
CA ASP B 216 -10.15 -4.15 -35.97
C ASP B 216 -10.92 -4.20 -34.65
N LEU B 217 -11.61 -5.31 -34.35
CA LEU B 217 -12.31 -5.37 -33.07
C LEU B 217 -11.35 -5.23 -31.90
N LEU B 218 -10.07 -5.58 -32.10
CA LEU B 218 -9.09 -5.44 -31.02
C LEU B 218 -8.77 -3.99 -30.75
N LYS B 219 -8.53 -3.21 -31.82
CA LYS B 219 -8.30 -1.77 -31.63
C LYS B 219 -9.55 -1.09 -31.11
N HIS B 220 -10.72 -1.47 -31.62
CA HIS B 220 -11.96 -0.94 -31.08
C HIS B 220 -12.06 -1.15 -29.56
N THR B 221 -11.75 -2.38 -29.09
CA THR B 221 -11.86 -2.67 -27.65
C THR B 221 -10.90 -1.83 -26.84
N THR B 222 -9.64 -1.76 -27.29
CA THR B 222 -8.70 -0.83 -26.68
C THR B 222 -9.29 0.56 -26.61
N ASN B 223 -9.85 1.05 -27.72
CA ASN B 223 -10.43 2.40 -27.71
C ASN B 223 -11.53 2.54 -26.67
N VAL B 224 -12.44 1.57 -26.61
CA VAL B 224 -13.53 1.69 -25.64
C VAL B 224 -12.98 1.67 -24.23
N VAL B 225 -12.07 0.75 -23.94
CA VAL B 225 -11.55 0.61 -22.57
C VAL B 225 -10.85 1.89 -22.13
N LYS B 226 -9.99 2.45 -22.99
CA LYS B 226 -9.30 3.68 -22.63
C LYS B 226 -10.30 4.82 -22.41
N ALA B 227 -11.25 5.00 -23.33
CA ALA B 227 -12.27 6.03 -23.17
C ALA B 227 -12.94 5.92 -21.80
N HIS B 228 -13.31 4.71 -21.40
CA HIS B 228 -13.83 4.49 -20.05
C HIS B 228 -12.81 4.92 -19.00
N THR B 229 -11.52 4.75 -19.31
CA THR B 229 -10.43 5.02 -18.39
C THR B 229 -10.08 6.49 -18.31
N ASN B 230 -10.69 7.33 -19.14
CA ASN B 230 -10.37 8.75 -19.17
C ASN B 230 -11.48 9.62 -18.59
N ALA B 231 -12.59 9.04 -18.14
CA ALA B 231 -13.61 9.79 -17.39
C ALA B 231 -14.65 8.86 -16.76
N ALA C 1 -39.73 -35.20 12.58
CA ALA C 1 -38.29 -35.01 12.84
C ALA C 1 -37.77 -33.80 12.07
N TYR C 2 -37.03 -32.98 12.77
CA TYR C 2 -36.34 -31.87 12.14
C TYR C 2 -35.37 -32.36 11.07
N PRO C 3 -35.49 -31.93 9.82
CA PRO C 3 -34.55 -32.41 8.79
C PRO C 3 -33.12 -32.10 9.19
N THR C 4 -32.27 -33.08 8.96
CA THR C 4 -30.86 -32.96 9.25
C THR C 4 -30.13 -32.70 7.96
N VAL C 5 -28.90 -32.20 8.11
CA VAL C 5 -28.13 -31.87 6.94
C VAL C 5 -28.04 -33.06 6.00
N SER C 6 -27.81 -34.26 6.56
CA SER C 6 -27.68 -35.44 5.72
C SER C 6 -28.99 -35.88 5.08
N GLU C 7 -30.12 -35.18 5.26
CA GLU C 7 -31.40 -35.57 4.67
C GLU C 7 -31.88 -34.64 3.56
N ILE C 8 -31.08 -33.68 3.14
CA ILE C 8 -31.51 -32.68 2.15
C ILE C 8 -30.41 -32.57 1.10
N PRO C 9 -30.72 -32.70 -0.19
CA PRO C 9 -29.70 -32.39 -1.20
C PRO C 9 -29.53 -30.89 -1.35
N VAL C 10 -28.28 -30.46 -1.58
CA VAL C 10 -28.05 -29.10 -2.05
C VAL C 10 -28.96 -28.87 -3.27
N GLY C 11 -29.62 -27.70 -3.29
CA GLY C 11 -30.58 -27.35 -4.33
C GLY C 11 -32.01 -27.36 -3.84
N GLU C 12 -32.31 -28.17 -2.82
CA GLU C 12 -33.65 -28.30 -2.29
C GLU C 12 -33.79 -27.49 -1.00
N VAL C 13 -35.03 -27.24 -0.63
CA VAL C 13 -35.37 -26.58 0.62
C VAL C 13 -36.50 -27.35 1.27
N ARG C 14 -36.45 -27.48 2.58
CA ARG C 14 -37.53 -28.02 3.40
C ARG C 14 -38.07 -26.93 4.31
N LEU C 15 -39.32 -27.06 4.64
CA LEU C 15 -39.98 -26.22 5.63
C LEU C 15 -40.31 -27.09 6.82
N TYR C 16 -40.29 -26.48 8.00
CA TYR C 16 -40.56 -27.18 9.25
C TYR C 16 -41.42 -26.29 10.13
N GLN C 17 -42.61 -26.78 10.46
CA GLN C 17 -43.59 -25.99 11.20
C GLN C 17 -43.26 -26.11 12.68
N ILE C 18 -42.90 -24.97 13.27
CA ILE C 18 -42.58 -24.88 14.67
C ILE C 18 -43.84 -24.65 15.50
N ALA C 19 -44.68 -23.70 15.08
CA ALA C 19 -45.85 -23.27 15.83
C ALA C 19 -46.88 -22.73 14.85
N ASP C 20 -47.98 -22.17 15.40
CA ASP C 20 -48.94 -21.48 14.57
C ASP C 20 -48.26 -20.33 13.86
N GLY C 21 -48.32 -20.32 12.54
CA GLY C 21 -47.79 -19.22 11.77
C GLY C 21 -46.29 -19.07 11.84
N VAL C 22 -45.56 -20.08 12.33
CA VAL C 22 -44.11 -20.03 12.40
C VAL C 22 -43.55 -21.32 11.82
N TRP C 23 -42.65 -21.18 10.85
CA TRP C 23 -41.88 -22.26 10.24
C TRP C 23 -40.40 -21.88 10.28
N SER C 24 -39.53 -22.89 10.31
CA SER C 24 -38.15 -22.64 9.90
C SER C 24 -38.00 -23.14 8.48
N HIS C 25 -37.03 -22.59 7.76
CA HIS C 25 -36.64 -23.16 6.50
C HIS C 25 -35.19 -23.62 6.56
N ILE C 26 -34.92 -24.75 5.91
CA ILE C 26 -33.65 -25.47 6.00
C ILE C 26 -33.17 -25.73 4.59
N ALA C 27 -31.96 -25.30 4.28
CA ALA C 27 -31.33 -25.60 3.02
C ALA C 27 -29.96 -26.20 3.32
N THR C 28 -29.23 -26.54 2.27
CA THR C 28 -27.86 -26.98 2.48
C THR C 28 -26.97 -26.29 1.47
N GLN C 29 -25.70 -26.23 1.81
CA GLN C 29 -24.73 -25.62 0.93
C GLN C 29 -23.37 -26.20 1.27
N SER C 30 -22.50 -26.27 0.28
CA SER C 30 -21.13 -26.70 0.52
C SER C 30 -20.28 -25.47 0.71
N PHE C 31 -19.35 -25.56 1.64
CA PHE C 31 -18.39 -24.50 1.92
C PHE C 31 -17.15 -25.17 2.49
N ASP C 32 -15.99 -24.88 1.92
CA ASP C 32 -14.72 -25.28 2.52
C ASP C 32 -14.53 -26.79 2.51
N GLY C 33 -15.22 -27.52 1.64
CA GLY C 33 -15.08 -28.96 1.62
C GLY C 33 -16.06 -29.73 2.46
N ALA C 34 -17.04 -29.08 3.10
CA ALA C 34 -18.12 -29.80 3.77
C ALA C 34 -19.47 -29.22 3.38
N VAL C 35 -20.53 -30.00 3.64
CA VAL C 35 -21.91 -29.57 3.43
C VAL C 35 -22.53 -29.18 4.76
N TYR C 36 -23.05 -27.95 4.82
CA TYR C 36 -23.69 -27.41 6.00
C TYR C 36 -25.19 -27.28 5.78
N PRO C 37 -25.99 -27.58 6.79
CA PRO C 37 -27.39 -27.17 6.76
C PRO C 37 -27.47 -25.74 7.26
N SER C 38 -28.52 -25.03 6.85
CA SER C 38 -28.72 -23.66 7.30
C SER C 38 -30.20 -23.37 7.48
N ASN C 39 -30.53 -22.69 8.59
CA ASN C 39 -31.90 -22.37 8.99
C ASN C 39 -32.21 -20.89 8.77
N GLY C 40 -33.47 -20.65 8.38
CA GLY C 40 -34.08 -19.33 8.45
C GLY C 40 -35.45 -19.47 9.08
N LEU C 41 -36.22 -18.39 9.05
CA LEU C 41 -37.53 -18.35 9.64
C LEU C 41 -38.55 -17.77 8.66
N ILE C 42 -39.78 -18.20 8.83
CA ILE C 42 -40.95 -17.68 8.08
C ILE C 42 -42.05 -17.51 9.11
N VAL C 43 -42.62 -16.32 9.19
CA VAL C 43 -43.62 -15.99 10.21
C VAL C 43 -44.82 -15.36 9.49
N ARG C 44 -46.01 -15.88 9.77
CA ARG C 44 -47.19 -15.34 9.13
C ARG C 44 -47.52 -13.99 9.75
N ASP C 45 -47.87 -13.04 8.86
CA ASP C 45 -48.16 -11.64 9.16
C ASP C 45 -49.53 -11.37 8.50
N GLY C 46 -50.61 -11.87 9.11
CA GLY C 46 -51.95 -11.84 8.54
C GLY C 46 -52.12 -12.62 7.25
N ASP C 47 -52.19 -11.87 6.17
CA ASP C 47 -52.37 -12.39 4.81
C ASP C 47 -51.04 -12.59 4.09
N GLU C 48 -49.93 -12.25 4.76
CA GLU C 48 -48.62 -12.17 4.16
C GLU C 48 -47.65 -12.92 5.05
N LEU C 49 -46.44 -13.09 4.55
CA LEU C 49 -45.39 -13.78 5.29
C LEU C 49 -44.18 -12.88 5.41
N LEU C 50 -43.51 -12.99 6.55
CA LEU C 50 -42.24 -12.34 6.80
C LEU C 50 -41.15 -13.40 6.77
N LEU C 51 -40.11 -13.13 5.98
CA LEU C 51 -39.02 -14.07 5.82
C LEU C 51 -37.82 -13.58 6.63
N ILE C 52 -37.25 -14.46 7.44
CA ILE C 52 -35.99 -14.17 8.13
C ILE C 52 -34.90 -14.98 7.41
N ASP C 53 -34.02 -14.27 6.71
CA ASP C 53 -32.85 -14.80 6.02
C ASP C 53 -33.16 -15.59 4.74
N THR C 54 -32.22 -15.47 3.81
CA THR C 54 -32.24 -16.23 2.58
C THR C 54 -31.90 -17.69 2.88
N ALA C 55 -32.03 -18.52 1.85
CA ALA C 55 -31.69 -19.93 1.96
C ALA C 55 -30.27 -20.20 1.45
N TRP C 56 -29.39 -19.21 1.53
CA TRP C 56 -27.97 -19.34 1.20
C TRP C 56 -27.70 -19.56 -0.29
N GLY C 57 -27.90 -18.51 -1.09
CA GLY C 57 -27.59 -18.51 -2.50
C GLY C 57 -28.81 -18.34 -3.38
N ALA C 58 -28.59 -17.83 -4.58
CA ALA C 58 -29.71 -17.59 -5.50
C ALA C 58 -30.50 -18.85 -5.78
N LYS C 59 -29.79 -19.94 -6.09
CA LYS C 59 -30.45 -21.20 -6.44
C LYS C 59 -31.35 -21.66 -5.31
N ASN C 60 -30.80 -21.74 -4.09
CA ASN C 60 -31.60 -22.18 -2.96
C ASN C 60 -32.76 -21.23 -2.69
N THR C 61 -32.51 -19.92 -2.76
CA THR C 61 -33.57 -18.96 -2.43
C THR C 61 -34.70 -19.02 -3.46
N ALA C 62 -34.38 -19.24 -4.74
CA ALA C 62 -35.48 -19.47 -5.69
C ALA C 62 -36.25 -20.73 -5.30
N ALA C 63 -35.55 -21.78 -4.86
CA ALA C 63 -36.25 -22.98 -4.42
C ALA C 63 -37.10 -22.70 -3.19
N LEU C 64 -36.56 -21.91 -2.25
CA LEU C 64 -37.31 -21.47 -1.07
C LEU C 64 -38.66 -20.85 -1.46
N LEU C 65 -38.62 -19.81 -2.29
CA LEU C 65 -39.88 -19.19 -2.70
C LEU C 65 -40.81 -20.23 -3.31
N ALA C 66 -40.29 -21.11 -4.15
CA ALA C 66 -41.15 -22.14 -4.72
C ALA C 66 -41.75 -23.03 -3.63
N GLU C 67 -40.96 -23.46 -2.62
CA GLU C 67 -41.51 -24.29 -1.54
C GLU C 67 -42.52 -23.53 -0.69
N ILE C 68 -42.30 -22.23 -0.48
CA ILE C 68 -43.27 -21.45 0.27
C ILE C 68 -44.60 -21.39 -0.48
N GLU C 69 -44.55 -21.17 -1.79
CA GLU C 69 -45.79 -21.16 -2.57
C GLU C 69 -46.46 -22.53 -2.54
N LYS C 70 -45.66 -23.60 -2.68
CA LYS C 70 -46.19 -24.96 -2.73
C LYS C 70 -46.84 -25.38 -1.41
N GLN C 71 -46.19 -25.11 -0.28
CA GLN C 71 -46.69 -25.65 0.98
C GLN C 71 -47.50 -24.66 1.79
N ILE C 72 -47.32 -23.35 1.61
CA ILE C 72 -47.98 -22.35 2.44
C ILE C 72 -49.00 -21.53 1.64
N GLY C 73 -48.61 -20.99 0.49
CA GLY C 73 -49.56 -20.35 -0.40
C GLY C 73 -49.85 -18.91 -0.07
N LEU C 74 -49.00 -18.27 0.73
CA LEU C 74 -49.13 -16.87 0.97
C LEU C 74 -47.90 -16.14 0.43
N PRO C 75 -48.06 -14.90 -0.03
CA PRO C 75 -46.93 -14.16 -0.58
C PRO C 75 -45.96 -13.73 0.50
N VAL C 76 -44.67 -13.84 0.19
CA VAL C 76 -43.63 -13.21 0.97
C VAL C 76 -43.50 -11.75 0.53
N THR C 77 -43.76 -10.83 1.45
CA THR C 77 -43.68 -9.41 1.15
C THR C 77 -42.50 -8.69 1.79
N ARG C 78 -41.95 -9.20 2.89
CA ARG C 78 -40.81 -8.56 3.52
C ARG C 78 -39.81 -9.64 3.93
N ALA C 79 -38.52 -9.31 3.83
CA ALA C 79 -37.43 -10.16 4.29
C ALA C 79 -36.45 -9.37 5.16
N VAL C 80 -35.90 -10.04 6.17
CA VAL C 80 -34.88 -9.45 7.04
C VAL C 80 -33.68 -10.37 7.00
N SER C 81 -32.50 -9.85 6.70
CA SER C 81 -31.25 -10.59 6.83
C SER C 81 -30.60 -10.25 8.17
N THR C 82 -30.16 -11.27 8.90
CA THR C 82 -29.72 -11.09 10.26
C THR C 82 -28.23 -10.77 10.39
N HIS C 83 -27.41 -11.00 9.35
CA HIS C 83 -26.10 -10.38 9.20
C HIS C 83 -25.66 -10.52 7.74
N PHE C 84 -24.45 -10.05 7.47
CA PHE C 84 -24.02 -9.71 6.12
C PHE C 84 -23.41 -10.87 5.32
N HIS C 85 -23.27 -12.08 5.92
CA HIS C 85 -22.68 -13.23 5.25
C HIS C 85 -23.66 -13.87 4.25
N ASP C 86 -23.09 -14.68 3.37
CA ASP C 86 -23.81 -15.23 2.22
C ASP C 86 -24.99 -16.12 2.60
N ASP C 87 -24.95 -16.76 3.75
CA ASP C 87 -26.09 -17.60 4.12
C ASP C 87 -27.23 -16.79 4.69
N ARG C 88 -27.07 -15.46 4.74
CA ARG C 88 -28.13 -14.58 5.22
C ARG C 88 -28.61 -13.61 4.16
N VAL C 89 -27.71 -13.11 3.32
CA VAL C 89 -28.05 -12.19 2.22
C VAL C 89 -27.87 -12.79 0.83
N GLY C 90 -27.24 -13.96 0.70
CA GLY C 90 -27.11 -14.60 -0.59
C GLY C 90 -28.44 -15.07 -1.12
N GLY C 91 -28.93 -14.43 -2.20
CA GLY C 91 -30.30 -14.60 -2.66
C GLY C 91 -31.17 -13.37 -2.48
N VAL C 92 -30.68 -12.29 -1.84
CA VAL C 92 -31.48 -11.07 -1.68
C VAL C 92 -31.92 -10.57 -3.04
N ASP C 93 -31.04 -10.61 -4.03
CA ASP C 93 -31.38 -10.17 -5.38
C ASP C 93 -32.54 -10.98 -5.95
N VAL C 94 -32.58 -12.29 -5.69
CA VAL C 94 -33.73 -13.11 -6.05
C VAL C 94 -35.00 -12.59 -5.36
N LEU C 95 -34.93 -12.37 -4.04
CA LEU C 95 -36.11 -11.90 -3.32
C LEU C 95 -36.60 -10.57 -3.90
N ARG C 96 -35.67 -9.64 -4.13
CA ARG C 96 -36.03 -8.31 -4.59
C ARG C 96 -36.73 -8.35 -5.94
N ALA C 97 -36.15 -9.11 -6.90
CA ALA C 97 -36.73 -9.24 -8.23
C ALA C 97 -38.10 -9.88 -8.17
N ALA C 98 -38.31 -10.77 -7.20
CA ALA C 98 -39.61 -11.34 -6.97
C ALA C 98 -40.58 -10.36 -6.34
N GLY C 99 -40.12 -9.17 -5.92
CA GLY C 99 -41.01 -8.21 -5.29
C GLY C 99 -41.00 -8.17 -3.78
N VAL C 100 -40.22 -9.02 -3.11
CA VAL C 100 -40.05 -8.94 -1.65
C VAL C 100 -39.27 -7.69 -1.28
N ALA C 101 -39.77 -6.95 -0.29
CA ALA C 101 -39.02 -5.83 0.24
C ALA C 101 -37.98 -6.41 1.19
N THR C 102 -36.71 -6.09 0.97
CA THR C 102 -35.60 -6.66 1.73
C THR C 102 -35.02 -5.63 2.68
N TYR C 103 -34.84 -6.04 3.93
CA TYR C 103 -34.41 -5.20 5.03
C TYR C 103 -33.16 -5.79 5.67
N ALA C 104 -32.31 -4.92 6.18
CA ALA C 104 -31.30 -5.28 7.17
C ALA C 104 -30.98 -4.00 7.90
N SER C 105 -30.19 -4.14 8.97
CA SER C 105 -29.74 -2.99 9.71
C SER C 105 -28.71 -2.22 8.89
N PRO C 106 -28.49 -0.95 9.24
CA PRO C 106 -27.49 -0.20 8.49
C PRO C 106 -26.12 -0.82 8.55
N SER C 107 -25.74 -1.41 9.70
CA SER C 107 -24.47 -2.10 9.83
C SER C 107 -24.38 -3.27 8.88
N THR C 108 -25.43 -4.09 8.84
CA THR C 108 -25.42 -5.24 7.93
C THR C 108 -25.27 -4.74 6.50
N ARG C 109 -26.09 -3.76 6.13
CA ARG C 109 -26.05 -3.28 4.75
C ARG C 109 -24.64 -2.78 4.41
N ARG C 110 -24.01 -2.06 5.34
CA ARG C 110 -22.66 -1.54 5.11
C ARG C 110 -21.66 -2.67 4.96
N LEU C 111 -21.69 -3.63 5.87
CA LEU C 111 -20.73 -4.72 5.80
C LEU C 111 -20.93 -5.55 4.53
N ALA C 112 -22.19 -5.78 4.12
CA ALA C 112 -22.41 -6.48 2.86
C ALA C 112 -21.81 -5.71 1.70
N GLU C 113 -21.95 -4.37 1.71
CA GLU C 113 -21.40 -3.55 0.63
C GLU C 113 -19.88 -3.67 0.57
N VAL C 114 -19.22 -3.59 1.72
CA VAL C 114 -17.75 -3.64 1.75
C VAL C 114 -17.27 -4.98 1.24
N GLU C 115 -17.97 -6.06 1.59
CA GLU C 115 -17.61 -7.42 1.21
C GLU C 115 -17.98 -7.77 -0.23
N GLY C 116 -18.86 -7.00 -0.87
CA GLY C 116 -19.33 -7.36 -2.20
C GLY C 116 -20.41 -8.39 -2.18
N ASN C 117 -21.22 -8.43 -1.13
CA ASN C 117 -22.33 -9.36 -1.07
C ASN C 117 -23.59 -8.59 -1.47
N GLU C 118 -24.63 -9.34 -1.83
CA GLU C 118 -25.93 -8.73 -2.08
C GLU C 118 -26.37 -7.87 -0.90
N ILE C 119 -27.08 -6.79 -1.20
CA ILE C 119 -27.32 -5.74 -0.22
C ILE C 119 -28.82 -5.60 -0.11
N PRO C 120 -29.42 -5.93 1.04
CA PRO C 120 -30.85 -5.63 1.22
C PRO C 120 -31.15 -4.16 0.92
N THR C 121 -32.40 -3.90 0.53
CA THR C 121 -32.78 -2.57 0.02
C THR C 121 -33.00 -1.55 1.13
N HIS C 122 -33.71 -1.92 2.19
CA HIS C 122 -34.08 -1.00 3.26
C HIS C 122 -33.25 -1.16 4.51
N SER C 123 -32.92 -0.03 5.14
CA SER C 123 -32.36 -0.04 6.49
C SER C 123 -33.41 -0.16 7.59
N LEU C 124 -33.13 -1.02 8.57
CA LEU C 124 -33.92 -1.13 9.79
C LEU C 124 -33.35 -0.16 10.82
N GLU C 125 -34.18 0.76 11.30
CA GLU C 125 -33.75 1.73 12.30
C GLU C 125 -34.12 1.25 13.71
N GLY C 126 -33.43 1.81 14.69
CA GLY C 126 -33.66 1.54 16.09
C GLY C 126 -32.87 0.36 16.64
N LEU C 127 -31.87 -0.12 15.90
CA LEU C 127 -31.09 -1.29 16.30
C LEU C 127 -29.59 -0.97 16.40
N SER C 128 -29.24 0.27 16.69
CA SER C 128 -27.84 0.68 16.60
C SER C 128 -27.00 0.31 17.82
N SER C 129 -27.59 0.07 18.99
CA SER C 129 -26.81 -0.20 20.19
C SER C 129 -27.18 -1.55 20.80
N SER C 130 -26.20 -2.21 21.40
CA SER C 130 -26.45 -3.46 22.12
C SER C 130 -27.64 -3.32 23.04
N GLY C 131 -28.58 -4.27 22.95
CA GLY C 131 -29.80 -4.25 23.74
C GLY C 131 -31.02 -3.62 23.07
N ASP C 132 -30.86 -2.96 21.93
CA ASP C 132 -32.01 -2.39 21.22
C ASP C 132 -32.89 -3.49 20.64
N ALA C 133 -34.22 -3.29 20.77
CA ALA C 133 -35.26 -4.10 20.19
C ALA C 133 -36.26 -3.20 19.47
N VAL C 134 -36.81 -3.70 18.38
CA VAL C 134 -37.89 -3.04 17.62
C VAL C 134 -38.89 -4.11 17.18
N ARG C 135 -40.16 -3.78 17.24
CA ARG C 135 -41.17 -4.65 16.65
C ARG C 135 -41.18 -4.50 15.13
N PHE C 136 -41.26 -5.64 14.42
CA PHE C 136 -41.27 -5.66 12.96
C PHE C 136 -42.32 -6.69 12.55
N GLY C 137 -43.54 -6.22 12.29
CA GLY C 137 -44.64 -7.10 11.99
C GLY C 137 -44.85 -8.10 13.12
N PRO C 138 -44.96 -9.39 12.79
CA PRO C 138 -45.26 -10.39 13.82
C PRO C 138 -44.08 -10.77 14.70
N VAL C 139 -42.92 -10.13 14.58
CA VAL C 139 -41.76 -10.50 15.39
C VAL C 139 -41.14 -9.29 16.10
N GLU C 140 -40.20 -9.58 16.98
CA GLU C 140 -39.31 -8.59 17.52
C GLU C 140 -37.90 -8.83 16.99
N LEU C 141 -37.20 -7.74 16.69
CA LEU C 141 -35.80 -7.77 16.29
C LEU C 141 -34.95 -7.20 17.41
N PHE C 142 -33.82 -7.86 17.68
CA PHE C 142 -33.00 -7.56 18.84
C PHE C 142 -31.55 -7.55 18.36
N TYR C 143 -30.86 -6.44 18.61
CA TYR C 143 -29.42 -6.35 18.41
C TYR C 143 -28.78 -6.65 19.75
N PRO C 144 -28.22 -7.85 19.96
CA PRO C 144 -27.63 -8.18 21.27
C PRO C 144 -26.22 -7.66 21.47
N GLY C 145 -25.62 -7.10 20.43
CA GLY C 145 -24.20 -6.77 20.45
C GLY C 145 -23.41 -7.72 19.55
N ALA C 146 -22.15 -7.34 19.34
CA ALA C 146 -21.28 -8.10 18.46
C ALA C 146 -21.08 -9.52 18.99
N ALA C 147 -21.10 -10.48 18.07
CA ALA C 147 -20.92 -11.88 18.43
C ALA C 147 -20.25 -12.60 17.25
N HIS C 148 -20.95 -13.54 16.64
CA HIS C 148 -20.52 -14.13 15.37
C HIS C 148 -20.10 -13.07 14.36
N SER C 149 -20.84 -11.95 14.31
CA SER C 149 -20.42 -10.81 13.53
C SER C 149 -20.84 -9.57 14.30
N THR C 150 -20.25 -8.44 13.92
CA THR C 150 -20.52 -7.25 14.72
C THR C 150 -21.96 -6.80 14.55
N ASP C 151 -22.59 -7.17 13.42
CA ASP C 151 -23.90 -6.70 13.04
C ASP C 151 -25.02 -7.70 13.36
N ASN C 152 -24.72 -8.85 13.99
CA ASN C 152 -25.72 -9.91 13.99
C ASN C 152 -26.95 -9.53 14.81
N LEU C 153 -28.13 -9.79 14.24
CA LEU C 153 -29.43 -9.63 14.90
C LEU C 153 -30.00 -10.98 15.31
N VAL C 154 -30.89 -10.96 16.30
CA VAL C 154 -31.71 -12.13 16.63
C VAL C 154 -33.18 -11.73 16.55
N VAL C 155 -34.02 -12.75 16.48
CA VAL C 155 -35.43 -12.54 16.15
C VAL C 155 -36.25 -13.33 17.16
N TYR C 156 -37.21 -12.67 17.79
CA TYR C 156 -38.06 -13.29 18.78
C TYR C 156 -39.49 -13.20 18.27
N VAL C 157 -40.22 -14.31 18.37
CA VAL C 157 -41.62 -14.40 17.97
C VAL C 157 -42.45 -14.51 19.24
N PRO C 158 -42.96 -13.39 19.78
CA PRO C 158 -43.66 -13.43 21.07
C PRO C 158 -44.78 -14.43 21.18
N SER C 159 -45.57 -14.60 20.11
CA SER C 159 -46.72 -15.49 20.15
C SER C 159 -46.34 -16.96 20.29
N ALA C 160 -45.17 -17.37 19.79
CA ALA C 160 -44.74 -18.76 19.89
C ALA C 160 -43.60 -18.99 20.87
N SER C 161 -43.08 -17.94 21.51
CA SER C 161 -41.90 -18.05 22.38
C SER C 161 -40.72 -18.68 21.63
N VAL C 162 -40.57 -18.32 20.35
CA VAL C 162 -39.48 -18.80 19.51
C VAL C 162 -38.40 -17.74 19.42
N LEU C 163 -37.17 -18.13 19.74
CA LEU C 163 -35.99 -17.28 19.56
C LEU C 163 -35.15 -17.83 18.42
N TYR C 164 -34.97 -17.03 17.34
CA TYR C 164 -34.08 -17.38 16.23
C TYR C 164 -32.75 -16.65 16.45
N GLY C 165 -31.70 -17.42 16.75
CA GLY C 165 -30.43 -16.80 17.03
C GLY C 165 -29.55 -16.59 15.85
N GLY C 166 -29.90 -17.11 14.67
CA GLY C 166 -28.96 -17.02 13.56
C GLY C 166 -27.60 -17.59 13.96
N CYS C 167 -26.53 -17.11 13.31
CA CYS C 167 -25.25 -17.80 13.46
C CYS C 167 -24.51 -17.43 14.74
N ALA C 168 -25.08 -16.50 15.52
CA ALA C 168 -24.65 -16.18 16.85
C ALA C 168 -24.90 -17.31 17.84
N ILE C 169 -25.74 -18.29 17.47
CA ILE C 169 -26.14 -19.38 18.36
C ILE C 169 -25.81 -20.69 17.67
N TYR C 170 -25.11 -21.55 18.39
CA TYR C 170 -24.67 -22.86 17.91
C TYR C 170 -25.63 -23.93 18.38
N GLU C 171 -25.69 -25.03 17.61
CA GLU C 171 -26.47 -26.18 18.01
C GLU C 171 -25.67 -26.98 19.05
N LEU C 172 -26.36 -27.87 19.75
CA LEU C 172 -25.75 -28.58 20.88
C LEU C 172 -24.67 -29.58 20.45
N SER C 173 -24.80 -30.16 19.27
CA SER C 173 -23.85 -31.13 18.75
C SER C 173 -22.61 -30.49 18.15
N ARG C 174 -22.55 -29.16 18.04
CA ARG C 174 -21.34 -28.49 17.56
C ARG C 174 -20.43 -28.25 18.76
N THR C 175 -19.23 -28.83 18.75
CA THR C 175 -18.33 -28.70 19.89
C THR C 175 -17.14 -27.79 19.60
N SER C 176 -17.04 -27.28 18.39
CA SER C 176 -16.00 -26.34 18.02
C SER C 176 -16.64 -25.17 17.29
N ALA C 177 -15.89 -24.07 17.22
CA ALA C 177 -16.42 -22.82 16.69
C ALA C 177 -16.54 -22.83 15.17
N GLY C 178 -15.61 -23.44 14.46
CA GLY C 178 -15.63 -23.24 13.02
C GLY C 178 -15.24 -21.85 12.52
N ASN C 179 -16.19 -20.93 12.30
CA ASN C 179 -15.97 -19.75 11.44
C ASN C 179 -16.09 -18.45 12.23
N VAL C 180 -14.97 -17.75 12.41
CA VAL C 180 -14.89 -16.66 13.37
C VAL C 180 -14.06 -15.53 12.80
N ALA C 181 -13.78 -15.57 11.50
CA ALA C 181 -12.97 -14.51 10.91
C ALA C 181 -13.57 -13.14 11.21
N ASP C 182 -14.89 -13.03 11.18
CA ASP C 182 -15.57 -11.76 11.39
C ASP C 182 -16.17 -11.64 12.79
N ALA C 183 -15.87 -12.58 13.68
CA ALA C 183 -16.51 -12.57 14.97
C ALA C 183 -15.77 -11.67 15.95
N ASP C 184 -16.48 -11.29 16.99
CA ASP C 184 -15.96 -10.51 18.11
C ASP C 184 -15.93 -11.47 19.30
N LEU C 185 -14.84 -12.22 19.42
CA LEU C 185 -14.81 -13.31 20.39
C LEU C 185 -14.90 -12.80 21.82
N ALA C 186 -14.39 -11.60 22.11
CA ALA C 186 -14.45 -11.09 23.48
C ALA C 186 -15.88 -10.70 23.86
N GLU C 187 -16.61 -10.11 22.93
CA GLU C 187 -17.96 -9.61 23.25
C GLU C 187 -19.04 -10.70 23.18
N TRP C 188 -18.79 -11.75 22.40
CA TRP C 188 -19.82 -12.75 22.09
C TRP C 188 -20.50 -13.30 23.33
N PRO C 189 -19.78 -13.68 24.41
CA PRO C 189 -20.50 -14.15 25.61
C PRO C 189 -21.37 -13.09 26.26
N THR C 190 -20.91 -11.84 26.33
CA THR C 190 -21.76 -10.80 26.87
C THR C 190 -22.99 -10.63 26.01
N SER C 191 -22.82 -10.74 24.69
CA SER C 191 -23.95 -10.54 23.84
C SER C 191 -24.97 -11.64 24.04
N ILE C 192 -24.52 -12.87 24.25
CA ILE C 192 -25.46 -13.94 24.51
C ILE C 192 -26.16 -13.73 25.85
N GLU C 193 -25.41 -13.28 26.86
CA GLU C 193 -26.05 -12.96 28.14
C GLU C 193 -27.17 -11.96 27.96
N ARG C 194 -26.94 -10.93 27.14
CA ARG C 194 -28.00 -9.96 26.85
C ARG C 194 -29.24 -10.63 26.26
N ILE C 195 -29.05 -11.62 25.38
CA ILE C 195 -30.20 -12.33 24.84
C ILE C 195 -30.96 -13.03 25.96
N GLN C 196 -30.24 -13.78 26.78
CA GLN C 196 -30.86 -14.52 27.87
C GLN C 196 -31.55 -13.57 28.86
N GLN C 197 -31.03 -12.40 29.12
CA GLN C 197 -31.68 -11.49 30.03
C GLN C 197 -32.92 -10.92 29.41
N HIS C 198 -32.90 -10.67 28.12
CA HIS C 198 -34.04 -10.03 27.49
C HIS C 198 -35.17 -11.02 27.21
N TYR C 199 -34.84 -12.29 26.90
CA TYR C 199 -35.84 -13.28 26.49
C TYR C 199 -35.80 -14.49 27.42
N PRO C 200 -36.10 -14.28 28.70
CA PRO C 200 -35.99 -15.38 29.66
C PRO C 200 -37.07 -16.44 29.49
N GLU C 201 -38.16 -16.11 28.78
CA GLU C 201 -39.33 -16.97 28.55
C GLU C 201 -39.25 -17.76 27.24
N ALA C 202 -38.21 -17.54 26.44
CA ALA C 202 -38.03 -18.28 25.21
C ALA C 202 -38.04 -19.76 25.49
N GLN C 203 -38.77 -20.50 24.66
CA GLN C 203 -38.88 -21.95 24.81
C GLN C 203 -38.24 -22.72 23.68
N PHE C 204 -38.15 -22.14 22.50
CA PHE C 204 -37.68 -22.83 21.29
C PHE C 204 -36.59 -21.93 20.68
N VAL C 205 -35.36 -22.44 20.64
CA VAL C 205 -34.19 -21.67 20.20
C VAL C 205 -33.67 -22.31 18.92
N ILE C 206 -33.54 -21.53 17.86
CA ILE C 206 -33.14 -22.02 16.55
C ILE C 206 -31.75 -21.46 16.27
N PRO C 207 -30.72 -22.30 16.15
CA PRO C 207 -29.39 -21.80 15.75
C PRO C 207 -29.37 -21.51 14.26
N GLY C 208 -28.36 -20.77 13.83
CA GLY C 208 -28.21 -20.51 12.40
C GLY C 208 -28.01 -21.79 11.62
N HIS C 209 -27.37 -22.78 12.23
CA HIS C 209 -27.12 -24.05 11.57
C HIS C 209 -27.40 -25.20 12.50
N GLY C 210 -28.24 -26.12 12.07
CA GLY C 210 -28.51 -27.33 12.81
C GLY C 210 -29.80 -27.33 13.62
N LEU C 211 -29.82 -28.24 14.59
CA LEU C 211 -31.06 -28.61 15.28
C LEU C 211 -31.49 -27.55 16.29
N PRO C 212 -32.74 -27.14 16.31
CA PRO C 212 -33.25 -26.33 17.42
C PRO C 212 -33.17 -27.06 18.75
N GLY C 213 -33.27 -26.28 19.81
CA GLY C 213 -33.43 -26.84 21.14
C GLY C 213 -34.04 -25.85 22.08
N GLY C 214 -33.69 -25.97 23.35
CA GLY C 214 -34.14 -25.08 24.40
C GLY C 214 -33.16 -23.95 24.62
N LEU C 215 -33.30 -23.27 25.74
CA LEU C 215 -32.37 -22.18 26.04
C LEU C 215 -30.96 -22.66 26.33
N ASP C 216 -30.75 -23.96 26.51
CA ASP C 216 -29.41 -24.47 26.72
C ASP C 216 -28.47 -24.15 25.56
N LEU C 217 -29.00 -23.90 24.35
CA LEU C 217 -28.15 -23.56 23.21
C LEU C 217 -27.37 -22.30 23.47
N LEU C 218 -27.96 -21.36 24.21
CA LEU C 218 -27.29 -20.10 24.53
C LEU C 218 -26.06 -20.34 25.41
N LYS C 219 -26.26 -21.01 26.54
CA LYS C 219 -25.12 -21.31 27.39
C LYS C 219 -24.09 -22.15 26.65
N HIS C 220 -24.56 -23.17 25.94
CA HIS C 220 -23.64 -24.00 25.16
C HIS C 220 -22.81 -23.14 24.23
N THR C 221 -23.43 -22.16 23.53
CA THR C 221 -22.65 -21.39 22.57
C THR C 221 -21.56 -20.62 23.28
N THR C 222 -21.87 -20.08 24.44
CA THR C 222 -20.89 -19.33 25.21
C THR C 222 -19.70 -20.22 25.59
N ASN C 223 -19.96 -21.49 25.93
CA ASN C 223 -18.85 -22.39 26.29
C ASN C 223 -17.95 -22.68 25.10
N VAL C 224 -18.55 -22.87 23.92
CA VAL C 224 -17.76 -23.17 22.73
C VAL C 224 -16.87 -21.99 22.38
N VAL C 225 -17.45 -20.78 22.42
CA VAL C 225 -16.76 -19.58 21.99
C VAL C 225 -15.59 -19.28 22.92
N LYS C 226 -15.83 -19.39 24.23
CA LYS C 226 -14.76 -19.19 25.22
C LYS C 226 -13.62 -20.19 25.02
N ALA C 227 -13.94 -21.46 24.80
CA ALA C 227 -12.88 -22.45 24.58
C ALA C 227 -12.03 -22.07 23.38
N HIS C 228 -12.64 -21.50 22.34
CA HIS C 228 -11.88 -21.16 21.14
C HIS C 228 -10.81 -20.11 21.43
N THR C 229 -11.10 -19.19 22.36
CA THR C 229 -10.15 -18.15 22.78
C THR C 229 -9.10 -18.69 23.75
N ASN C 230 -9.50 -19.54 24.71
CA ASN C 230 -8.59 -20.19 25.66
C ASN C 230 -7.74 -21.27 24.99
N ALA C 231 -7.63 -21.25 23.67
CA ALA C 231 -6.93 -22.31 22.95
C ALA C 231 -6.75 -21.95 21.48
N ALA D 1 -12.16 3.30 5.70
CA ALA D 1 -10.69 3.30 5.79
C ALA D 1 -10.13 4.50 5.05
N TYR D 2 -9.31 5.25 5.74
CA TYR D 2 -8.71 6.43 5.13
C TYR D 2 -7.73 6.01 4.05
N PRO D 3 -7.81 6.58 2.86
CA PRO D 3 -6.92 6.09 1.80
C PRO D 3 -5.49 6.43 2.13
N THR D 4 -4.59 5.52 1.75
CA THR D 4 -3.17 5.72 1.91
C THR D 4 -2.50 5.84 0.56
N VAL D 5 -1.28 6.24 0.61
CA VAL D 5 -0.50 6.46 -0.56
C VAL D 5 -0.53 5.26 -1.48
N SER D 6 -0.36 4.11 -0.91
CA SER D 6 -0.34 2.89 -1.70
C SER D 6 -1.73 2.38 -2.05
N GLU D 7 -2.69 3.30 -2.28
CA GLU D 7 -4.05 2.98 -2.71
C GLU D 7 -4.63 4.06 -3.60
N ILE D 8 -3.90 5.14 -3.86
CA ILE D 8 -4.29 6.20 -4.76
C ILE D 8 -3.25 6.24 -5.89
N PRO D 9 -3.63 6.01 -7.13
CA PRO D 9 -2.69 6.30 -8.23
C PRO D 9 -2.32 7.79 -8.21
N VAL D 10 -1.06 8.11 -8.49
CA VAL D 10 -0.77 9.50 -8.86
C VAL D 10 -1.61 9.81 -10.10
N GLY D 11 -2.22 11.00 -10.11
CA GLY D 11 -3.19 11.40 -11.11
C GLY D 11 -4.63 11.34 -10.65
N GLU D 12 -4.93 10.53 -9.63
CA GLU D 12 -6.27 10.35 -9.10
C GLU D 12 -6.38 10.98 -7.72
N VAL D 13 -7.62 11.27 -7.31
CA VAL D 13 -7.93 11.95 -6.06
C VAL D 13 -9.08 11.20 -5.40
N ARG D 14 -8.97 10.98 -4.09
CA ARG D 14 -10.04 10.44 -3.27
C ARG D 14 -10.60 11.52 -2.38
N LEU D 15 -11.85 11.33 -2.00
CA LEU D 15 -12.51 12.13 -1.00
C LEU D 15 -12.87 11.22 0.15
N TYR D 16 -12.82 11.79 1.32
CA TYR D 16 -13.08 11.07 2.56
C TYR D 16 -14.00 11.94 3.40
N GLN D 17 -15.21 11.46 3.68
CA GLN D 17 -16.15 12.22 4.49
C GLN D 17 -15.82 12.08 5.98
N ILE D 18 -15.62 13.22 6.63
CA ILE D 18 -15.17 13.28 8.01
C ILE D 18 -16.38 13.51 8.90
N ALA D 19 -17.32 14.29 8.41
CA ALA D 19 -18.40 14.83 9.22
C ALA D 19 -19.43 15.45 8.27
N ASP D 20 -20.52 15.94 8.84
CA ASP D 20 -21.53 16.59 8.01
C ASP D 20 -20.90 17.78 7.33
N GLY D 21 -20.95 17.77 6.01
CA GLY D 21 -20.44 18.87 5.20
C GLY D 21 -18.96 19.08 5.25
N VAL D 22 -18.19 18.08 5.72
CA VAL D 22 -16.73 18.19 5.81
C VAL D 22 -16.07 16.94 5.20
N TRP D 23 -15.19 17.17 4.23
CA TRP D 23 -14.43 16.10 3.59
C TRP D 23 -12.96 16.42 3.64
N SER D 24 -12.13 15.39 3.61
CA SER D 24 -10.77 15.67 3.16
C SER D 24 -10.65 15.17 1.75
N HIS D 25 -9.69 15.77 1.03
CA HIS D 25 -9.31 15.25 -0.27
C HIS D 25 -7.86 14.78 -0.21
N ILE D 26 -7.60 13.63 -0.80
CA ILE D 26 -6.29 12.98 -0.75
C ILE D 26 -5.80 12.75 -2.16
N ALA D 27 -4.59 13.23 -2.46
CA ALA D 27 -3.92 12.99 -3.71
C ALA D 27 -2.51 12.49 -3.42
N THR D 28 -1.80 12.08 -4.48
CA THR D 28 -0.41 11.66 -4.35
C THR D 28 0.44 12.39 -5.36
N GLN D 29 1.70 12.48 -5.04
CA GLN D 29 2.65 13.14 -5.91
C GLN D 29 4.04 12.60 -5.60
N SER D 30 4.88 12.57 -6.63
CA SER D 30 6.26 12.15 -6.44
C SER D 30 7.13 13.37 -6.14
N PHE D 31 8.03 13.21 -5.19
CA PHE D 31 8.93 14.28 -4.77
C PHE D 31 10.24 13.66 -4.30
N ASP D 32 11.35 14.03 -4.93
CA ASP D 32 12.69 13.58 -4.52
C ASP D 32 12.82 12.05 -4.55
N GLY D 33 12.13 11.39 -5.46
CA GLY D 33 12.25 9.95 -5.60
C GLY D 33 11.30 9.11 -4.76
N ALA D 34 10.45 9.73 -3.95
CA ALA D 34 9.44 9.00 -3.18
C ALA D 34 8.05 9.51 -3.55
N VAL D 35 7.02 8.69 -3.32
CA VAL D 35 5.63 9.11 -3.53
C VAL D 35 5.00 9.46 -2.18
N TYR D 36 4.41 10.67 -2.12
CA TYR D 36 3.77 11.18 -0.93
C TYR D 36 2.28 11.32 -1.13
N PRO D 37 1.48 10.95 -0.14
CA PRO D 37 0.09 11.38 -0.10
C PRO D 37 0.03 12.83 0.41
N SER D 38 -1.04 13.53 0.03
CA SER D 38 -1.28 14.86 0.58
C SER D 38 -2.77 15.06 0.82
N ASN D 39 -3.10 15.78 1.90
CA ASN D 39 -4.48 16.04 2.32
C ASN D 39 -4.87 17.50 2.10
N GLY D 40 -6.13 17.74 1.72
CA GLY D 40 -6.72 19.06 1.82
C GLY D 40 -8.08 18.95 2.46
N LEU D 41 -8.85 20.03 2.47
CA LEU D 41 -10.17 20.00 3.07
C LEU D 41 -11.22 20.57 2.10
N ILE D 42 -12.46 20.14 2.31
CA ILE D 42 -13.64 20.64 1.58
C ILE D 42 -14.73 20.86 2.63
N VAL D 43 -15.31 22.06 2.68
CA VAL D 43 -16.35 22.36 3.65
C VAL D 43 -17.55 22.95 2.92
N ARG D 44 -18.71 22.39 3.19
CA ARG D 44 -19.93 22.94 2.64
C ARG D 44 -20.26 24.27 3.31
N ASP D 45 -20.65 25.24 2.48
CA ASP D 45 -20.89 26.65 2.80
C ASP D 45 -22.24 26.92 2.13
N GLY D 46 -23.31 26.52 2.82
CA GLY D 46 -24.64 26.53 2.23
C GLY D 46 -24.79 25.65 1.01
N ASP D 47 -25.01 26.30 -0.13
CA ASP D 47 -25.18 25.73 -1.46
C ASP D 47 -23.85 25.55 -2.22
N GLU D 48 -22.75 26.02 -1.63
CA GLU D 48 -21.45 26.13 -2.29
C GLU D 48 -20.43 25.36 -1.46
N LEU D 49 -19.19 25.32 -1.96
CA LEU D 49 -18.10 24.65 -1.26
C LEU D 49 -16.89 25.58 -1.09
N LEU D 50 -16.27 25.45 0.06
CA LEU D 50 -14.99 26.09 0.33
C LEU D 50 -13.91 25.02 0.25
N LEU D 51 -12.88 25.27 -0.56
CA LEU D 51 -11.77 24.35 -0.73
C LEU D 51 -10.56 24.86 0.05
N ILE D 52 -9.95 23.98 0.80
CA ILE D 52 -8.69 24.28 1.47
C ILE D 52 -7.60 23.45 0.77
N ASP D 53 -6.70 24.15 0.11
CA ASP D 53 -5.52 23.63 -0.55
C ASP D 53 -5.85 22.87 -1.83
N THR D 54 -4.99 23.05 -2.81
CA THR D 54 -4.97 22.29 -4.05
C THR D 54 -4.62 20.84 -3.77
N ALA D 55 -4.73 20.01 -4.81
CA ALA D 55 -4.36 18.60 -4.67
C ALA D 55 -2.94 18.33 -5.19
N TRP D 56 -2.09 19.35 -5.13
CA TRP D 56 -0.67 19.26 -5.49
C TRP D 56 -0.39 19.04 -6.97
N GLY D 57 -0.61 20.07 -7.80
CA GLY D 57 -0.34 19.97 -9.21
C GLY D 57 -1.58 20.26 -10.03
N ALA D 58 -1.36 20.79 -11.23
CA ALA D 58 -2.48 21.09 -12.12
C ALA D 58 -3.28 19.84 -12.46
N LYS D 59 -2.60 18.72 -12.76
CA LYS D 59 -3.27 17.47 -13.09
C LYS D 59 -4.14 16.95 -11.95
N ASN D 60 -3.57 16.81 -10.75
CA ASN D 60 -4.37 16.34 -9.62
C ASN D 60 -5.54 17.27 -9.30
N THR D 61 -5.34 18.59 -9.46
CA THR D 61 -6.37 19.52 -9.03
C THR D 61 -7.55 19.51 -10.01
N ALA D 62 -7.26 19.33 -11.31
CA ALA D 62 -8.30 19.07 -12.31
C ALA D 62 -9.08 17.81 -11.95
N ALA D 63 -8.37 16.75 -11.55
CA ALA D 63 -9.06 15.55 -11.08
C ALA D 63 -9.88 15.83 -9.83
N LEU D 64 -9.35 16.62 -8.92
CA LEU D 64 -10.06 16.99 -7.71
C LEU D 64 -11.42 17.61 -8.04
N LEU D 65 -11.42 18.55 -8.96
CA LEU D 65 -12.68 19.21 -9.30
C LEU D 65 -13.66 18.23 -9.95
N ALA D 66 -13.17 17.35 -10.84
CA ALA D 66 -13.98 16.23 -11.35
C ALA D 66 -14.56 15.38 -10.22
N GLU D 67 -13.75 15.03 -9.24
CA GLU D 67 -14.22 14.19 -8.18
C GLU D 67 -15.28 14.88 -7.31
N ILE D 68 -15.04 16.13 -6.97
CA ILE D 68 -15.96 16.90 -6.18
C ILE D 68 -17.32 17.00 -6.88
N GLU D 69 -17.33 17.23 -8.18
CA GLU D 69 -18.62 17.33 -8.87
C GLU D 69 -19.33 15.97 -8.91
N LYS D 70 -18.60 14.90 -9.11
CA LYS D 70 -19.17 13.57 -9.15
C LYS D 70 -19.77 13.14 -7.83
N GLN D 71 -19.05 13.34 -6.74
CA GLN D 71 -19.42 12.93 -5.42
C GLN D 71 -20.24 13.86 -4.57
N ILE D 72 -19.99 15.15 -4.68
CA ILE D 72 -20.66 16.14 -3.85
C ILE D 72 -21.62 16.98 -4.68
N GLY D 73 -21.21 17.40 -5.85
CA GLY D 73 -22.13 18.04 -6.79
C GLY D 73 -22.45 19.48 -6.47
N LEU D 74 -21.64 20.13 -5.65
CA LEU D 74 -21.84 21.54 -5.41
C LEU D 74 -20.65 22.29 -5.94
N PRO D 75 -20.83 23.54 -6.38
CA PRO D 75 -19.73 24.30 -6.98
C PRO D 75 -18.72 24.71 -5.93
N VAL D 76 -17.44 24.54 -6.25
CA VAL D 76 -16.38 25.13 -5.45
C VAL D 76 -16.31 26.61 -5.80
N THR D 77 -16.62 27.48 -4.85
CA THR D 77 -16.62 28.92 -5.14
C THR D 77 -15.42 29.69 -4.58
N ARG D 78 -14.75 29.17 -3.55
CA ARG D 78 -13.60 29.84 -3.00
C ARG D 78 -12.60 28.78 -2.56
N ALA D 79 -11.33 29.10 -2.64
CA ALA D 79 -10.27 28.22 -2.17
C ALA D 79 -9.27 29.02 -1.34
N VAL D 80 -8.73 28.39 -0.28
CA VAL D 80 -7.69 28.99 0.54
C VAL D 80 -6.46 28.08 0.49
N SER D 81 -5.29 28.65 0.20
CA SER D 81 -4.02 27.94 0.25
C SER D 81 -3.35 28.24 1.59
N THR D 82 -2.92 27.20 2.32
CA THR D 82 -2.50 27.42 3.69
C THR D 82 -1.01 27.76 3.83
N HIS D 83 -0.17 27.51 2.82
CA HIS D 83 1.15 28.17 2.72
C HIS D 83 1.57 28.10 1.25
N PHE D 84 2.81 28.53 0.96
CA PHE D 84 3.23 28.85 -0.42
C PHE D 84 3.83 27.69 -1.21
N HIS D 85 4.01 26.50 -0.62
CA HIS D 85 4.60 25.34 -1.28
C HIS D 85 3.64 24.71 -2.32
N ASP D 86 4.24 23.95 -3.25
CA ASP D 86 3.52 23.38 -4.42
C ASP D 86 2.34 22.51 -4.06
N ASP D 87 2.35 21.86 -2.90
CA ASP D 87 1.24 20.99 -2.58
C ASP D 87 0.07 21.77 -1.99
N ARG D 88 0.25 23.07 -1.80
CA ARG D 88 -0.82 23.94 -1.33
C ARG D 88 -1.31 24.88 -2.41
N VAL D 89 -0.42 25.42 -3.25
CA VAL D 89 -0.78 26.32 -4.35
C VAL D 89 -0.61 25.72 -5.74
N GLY D 90 0.12 24.60 -5.88
CA GLY D 90 0.19 23.89 -7.14
C GLY D 90 -1.18 23.45 -7.65
N GLY D 91 -1.67 24.04 -8.75
CA GLY D 91 -3.03 23.85 -9.21
C GLY D 91 -3.93 25.06 -9.07
N VAL D 92 -3.44 26.17 -8.52
CA VAL D 92 -4.26 27.36 -8.31
C VAL D 92 -4.69 27.93 -9.66
N ASP D 93 -3.81 27.86 -10.66
CA ASP D 93 -4.20 28.33 -11.99
C ASP D 93 -5.39 27.52 -12.54
N VAL D 94 -5.40 26.20 -12.32
CA VAL D 94 -6.53 25.38 -12.72
C VAL D 94 -7.78 25.85 -11.98
N LEU D 95 -7.66 26.10 -10.69
CA LEU D 95 -8.82 26.50 -9.91
C LEU D 95 -9.39 27.83 -10.39
N ARG D 96 -8.51 28.80 -10.64
CA ARG D 96 -8.94 30.13 -11.07
C ARG D 96 -9.68 30.07 -12.41
N ALA D 97 -9.10 29.34 -13.35
CA ALA D 97 -9.62 29.28 -14.72
C ALA D 97 -11.01 28.67 -14.74
N ALA D 98 -11.27 27.77 -13.80
CA ALA D 98 -12.56 27.17 -13.52
C ALA D 98 -13.49 28.06 -12.72
N GLY D 99 -13.08 29.27 -12.36
CA GLY D 99 -13.98 30.21 -11.71
C GLY D 99 -13.94 30.22 -10.20
N VAL D 100 -13.01 29.50 -9.59
CA VAL D 100 -12.83 29.55 -8.15
C VAL D 100 -12.08 30.83 -7.79
N ALA D 101 -12.57 31.56 -6.82
CA ALA D 101 -11.80 32.67 -6.27
C ALA D 101 -10.77 32.10 -5.29
N THR D 102 -9.49 32.32 -5.54
CA THR D 102 -8.41 31.75 -4.75
C THR D 102 -7.84 32.78 -3.81
N TYR D 103 -7.54 32.34 -2.59
CA TYR D 103 -7.20 33.20 -1.47
C TYR D 103 -5.95 32.65 -0.80
N ALA D 104 -5.14 33.55 -0.27
CA ALA D 104 -4.10 33.20 0.68
C ALA D 104 -3.76 34.49 1.41
N SER D 105 -3.01 34.35 2.49
CA SER D 105 -2.53 35.53 3.19
C SER D 105 -1.52 36.28 2.33
N PRO D 106 -1.32 37.56 2.61
CA PRO D 106 -0.32 38.30 1.84
C PRO D 106 1.05 37.67 1.93
N SER D 107 1.45 37.20 3.12
CA SER D 107 2.73 36.53 3.25
C SER D 107 2.80 35.34 2.30
N THR D 108 1.74 34.52 2.26
CA THR D 108 1.77 33.36 1.37
C THR D 108 1.90 33.81 -0.09
N ARG D 109 1.13 34.83 -0.49
CA ARG D 109 1.20 35.30 -1.88
C ARG D 109 2.61 35.79 -2.21
N ARG D 110 3.24 36.53 -1.30
CA ARG D 110 4.59 37.04 -1.54
C ARG D 110 5.60 35.91 -1.68
N LEU D 111 5.51 34.91 -0.79
CA LEU D 111 6.45 33.80 -0.83
C LEU D 111 6.27 32.96 -2.09
N ALA D 112 5.02 32.72 -2.50
CA ALA D 112 4.81 31.97 -3.75
C ALA D 112 5.40 32.72 -4.94
N GLU D 113 5.22 34.03 -4.98
CA GLU D 113 5.79 34.84 -6.05
C GLU D 113 7.32 34.75 -6.05
N VAL D 114 7.93 34.90 -4.88
CA VAL D 114 9.38 34.78 -4.78
C VAL D 114 9.84 33.42 -5.29
N GLU D 115 9.09 32.36 -4.97
CA GLU D 115 9.47 30.99 -5.31
C GLU D 115 9.11 30.61 -6.74
N GLY D 116 8.31 31.44 -7.41
CA GLY D 116 7.88 31.12 -8.75
C GLY D 116 6.76 30.13 -8.78
N ASN D 117 6.00 30.03 -7.69
CA ASN D 117 4.88 29.14 -7.63
C ASN D 117 3.63 29.91 -8.09
N GLU D 118 2.59 29.15 -8.42
CA GLU D 118 1.30 29.75 -8.74
C GLU D 118 0.85 30.62 -7.58
N ILE D 119 0.09 31.67 -7.86
CA ILE D 119 -0.16 32.68 -6.85
C ILE D 119 -1.67 32.86 -6.67
N PRO D 120 -2.22 32.62 -5.47
CA PRO D 120 -3.64 32.91 -5.27
C PRO D 120 -3.99 34.35 -5.60
N THR D 121 -5.22 34.56 -6.07
CA THR D 121 -5.60 35.89 -6.55
C THR D 121 -5.79 36.89 -5.41
N HIS D 122 -6.48 36.49 -4.33
CA HIS D 122 -6.88 37.42 -3.28
C HIS D 122 -6.07 37.27 -2.02
N SER D 123 -5.74 38.40 -1.39
CA SER D 123 -5.11 38.45 -0.07
C SER D 123 -6.16 38.36 1.04
N LEU D 124 -5.91 37.51 2.03
CA LEU D 124 -6.76 37.45 3.22
C LEU D 124 -6.28 38.49 4.21
N GLU D 125 -7.19 39.34 4.66
CA GLU D 125 -6.86 40.28 5.72
C GLU D 125 -7.13 39.69 7.12
N GLY D 126 -6.43 40.25 8.11
CA GLY D 126 -6.66 39.90 9.51
C GLY D 126 -5.81 38.77 10.07
N LEU D 127 -4.72 38.38 9.40
CA LEU D 127 -3.95 37.20 9.80
C LEU D 127 -2.45 37.49 9.93
N SER D 128 -2.05 38.74 10.04
CA SER D 128 -0.63 39.05 9.90
C SER D 128 0.16 38.76 11.18
N SER D 129 -0.51 38.46 12.28
CA SER D 129 0.14 38.32 13.58
C SER D 129 -0.22 37.00 14.25
N SER D 130 0.79 36.33 14.84
CA SER D 130 0.57 35.07 15.57
C SER D 130 -0.64 35.18 16.49
N GLY D 131 -1.53 34.19 16.42
CA GLY D 131 -2.76 34.19 17.20
C GLY D 131 -3.98 34.80 16.50
N ASP D 132 -3.80 35.49 15.38
CA ASP D 132 -4.92 36.03 14.61
C ASP D 132 -5.80 34.91 14.08
N ALA D 133 -7.12 35.06 14.27
CA ALA D 133 -8.11 34.20 13.66
C ALA D 133 -9.11 35.08 12.93
N VAL D 134 -9.56 34.63 11.74
CA VAL D 134 -10.70 35.25 11.06
C VAL D 134 -11.67 34.17 10.67
N ARG D 135 -12.93 34.57 10.59
CA ARG D 135 -13.98 33.73 10.05
C ARG D 135 -13.96 33.83 8.53
N PHE D 136 -14.19 32.69 7.87
CA PHE D 136 -14.22 32.60 6.41
C PHE D 136 -15.27 31.55 6.06
N GLY D 137 -16.53 32.01 5.92
CA GLY D 137 -17.64 31.10 5.73
C GLY D 137 -17.76 30.11 6.86
N PRO D 138 -17.82 28.80 6.55
CA PRO D 138 -18.06 27.79 7.60
C PRO D 138 -16.83 27.41 8.40
N VAL D 139 -15.68 28.02 8.13
CA VAL D 139 -14.45 27.72 8.84
C VAL D 139 -13.92 28.98 9.53
N GLU D 140 -13.00 28.74 10.45
CA GLU D 140 -12.11 29.78 10.97
C GLU D 140 -10.70 29.55 10.43
N LEU D 141 -10.08 30.61 9.94
CA LEU D 141 -8.67 30.61 9.56
C LEU D 141 -7.85 31.15 10.74
N PHE D 142 -6.74 30.46 11.09
CA PHE D 142 -5.91 30.79 12.25
C PHE D 142 -4.45 30.81 11.81
N TYR D 143 -3.76 31.93 12.03
CA TYR D 143 -2.32 31.97 11.87
C TYR D 143 -1.68 31.68 13.21
N PRO D 144 -1.07 30.51 13.41
CA PRO D 144 -0.49 30.17 14.71
C PRO D 144 0.91 30.72 14.96
N GLY D 145 1.51 31.36 13.97
CA GLY D 145 2.92 31.70 14.00
C GLY D 145 3.72 30.72 13.16
N ALA D 146 5.00 31.06 13.02
CA ALA D 146 5.86 30.33 12.10
C ALA D 146 6.02 28.90 12.56
N ALA D 147 6.05 27.96 11.60
CA ALA D 147 6.20 26.56 11.96
C ALA D 147 6.83 25.76 10.82
N HIS D 148 6.03 24.98 10.06
CA HIS D 148 6.54 24.34 8.83
C HIS D 148 7.05 25.37 7.86
N SER D 149 6.42 26.54 7.85
CA SER D 149 6.81 27.69 7.06
C SER D 149 6.42 28.92 7.88
N THR D 150 6.93 30.09 7.46
CA THR D 150 6.63 31.28 8.23
C THR D 150 5.19 31.72 8.05
N ASP D 151 4.56 31.34 6.95
CA ASP D 151 3.23 31.81 6.55
C ASP D 151 2.12 30.81 6.86
N ASN D 152 2.43 29.63 7.42
CA ASN D 152 1.45 28.55 7.43
C ASN D 152 0.21 28.90 8.27
N LEU D 153 -0.98 28.61 7.71
CA LEU D 153 -2.25 28.75 8.40
C LEU D 153 -2.80 27.36 8.71
N VAL D 154 -3.60 27.29 9.77
CA VAL D 154 -4.48 26.15 10.02
C VAL D 154 -5.95 26.59 9.94
N VAL D 155 -6.83 25.61 9.83
CA VAL D 155 -8.23 25.84 9.50
C VAL D 155 -9.05 24.99 10.44
N TYR D 156 -10.00 25.62 11.11
CA TYR D 156 -10.90 24.91 12.01
C TYR D 156 -12.35 25.02 11.52
N VAL D 157 -13.11 23.95 11.73
CA VAL D 157 -14.52 23.86 11.33
C VAL D 157 -15.30 23.74 12.63
N PRO D 158 -15.80 24.85 13.16
CA PRO D 158 -16.51 24.80 14.44
C PRO D 158 -17.62 23.77 14.47
N SER D 159 -18.44 23.69 13.41
CA SER D 159 -19.59 22.79 13.43
C SER D 159 -19.17 21.34 13.58
N ALA D 160 -17.97 20.97 13.13
CA ALA D 160 -17.52 19.58 13.16
C ALA D 160 -16.39 19.28 14.14
N SER D 161 -15.84 20.31 14.79
CA SER D 161 -14.67 20.15 15.65
C SER D 161 -13.53 19.48 14.90
N VAL D 162 -13.35 19.88 13.65
CA VAL D 162 -12.28 19.39 12.80
C VAL D 162 -11.18 20.44 12.72
N LEU D 163 -9.95 20.04 13.01
CA LEU D 163 -8.79 20.90 12.88
C LEU D 163 -7.90 20.38 11.75
N TYR D 164 -7.75 21.19 10.70
CA TYR D 164 -6.89 20.86 9.56
C TYR D 164 -5.58 21.60 9.78
N GLY D 165 -4.51 20.84 10.04
CA GLY D 165 -3.26 21.47 10.43
C GLY D 165 -2.32 21.78 9.31
N GLY D 166 -2.64 21.36 8.08
CA GLY D 166 -1.68 21.43 6.98
C GLY D 166 -0.32 20.85 7.35
N CYS D 167 0.72 21.37 6.72
CA CYS D 167 2.02 20.71 6.86
C CYS D 167 2.74 21.06 8.17
N ALA D 168 2.18 21.96 8.97
CA ALA D 168 2.59 22.22 10.34
C ALA D 168 2.28 21.06 11.27
N ILE D 169 1.48 20.09 10.85
CA ILE D 169 1.04 19.00 11.71
C ILE D 169 1.39 17.68 11.05
N TYR D 170 2.17 16.85 11.75
CA TYR D 170 2.66 15.54 11.33
C TYR D 170 1.71 14.42 11.76
N GLU D 171 1.63 13.37 10.93
CA GLU D 171 0.82 12.22 11.29
C GLU D 171 1.59 11.40 12.34
N LEU D 172 0.84 10.55 13.06
CA LEU D 172 1.37 9.84 14.24
C LEU D 172 2.45 8.83 13.87
N SER D 173 2.37 8.21 12.71
CA SER D 173 3.37 7.25 12.31
C SER D 173 4.67 7.90 11.84
N ARG D 174 4.69 9.21 11.64
CA ARG D 174 5.85 9.85 11.08
C ARG D 174 6.82 10.11 12.22
N THR D 175 8.02 9.55 12.12
CA THR D 175 8.96 9.65 13.22
C THR D 175 10.13 10.60 12.96
N SER D 176 10.29 11.11 11.75
CA SER D 176 11.33 12.09 11.50
C SER D 176 10.72 13.25 10.73
N ALA D 177 11.40 14.39 10.78
CA ALA D 177 10.84 15.63 10.26
C ALA D 177 10.89 15.66 8.74
N GLY D 178 11.99 15.20 8.17
CA GLY D 178 12.26 15.40 6.77
C GLY D 178 12.45 16.87 6.40
N ASN D 179 11.36 17.57 6.06
CA ASN D 179 11.39 18.70 5.11
C ASN D 179 11.23 20.05 5.82
N VAL D 180 12.35 20.69 6.10
CA VAL D 180 12.31 21.81 7.04
C VAL D 180 13.08 23.00 6.53
N ALA D 181 13.39 23.03 5.22
CA ALA D 181 14.19 24.13 4.67
C ALA D 181 13.58 25.49 4.99
N ASP D 182 12.26 25.63 4.82
CA ASP D 182 11.62 26.91 5.08
C ASP D 182 11.01 27.00 6.48
N ALA D 183 11.34 26.06 7.38
CA ALA D 183 10.70 26.01 8.70
C ALA D 183 11.40 26.90 9.72
N ASP D 184 10.64 27.31 10.74
CA ASP D 184 11.17 27.97 11.92
C ASP D 184 11.11 26.97 13.08
N LEU D 185 12.19 26.20 13.24
CA LEU D 185 12.18 25.07 14.18
C LEU D 185 12.11 25.53 15.63
N ALA D 186 12.65 26.70 15.95
CA ALA D 186 12.58 27.19 17.33
C ALA D 186 11.17 27.65 17.69
N GLU D 187 10.45 28.22 16.73
CA GLU D 187 9.11 28.73 16.99
C GLU D 187 8.03 27.65 16.90
N TRP D 188 8.28 26.60 16.12
CA TRP D 188 7.26 25.63 15.76
C TRP D 188 6.55 25.06 16.97
N PRO D 189 7.25 24.64 18.05
CA PRO D 189 6.53 24.14 19.21
C PRO D 189 5.63 25.16 19.85
N THR D 190 6.08 26.41 19.92
CA THR D 190 5.20 27.44 20.47
C THR D 190 4.00 27.67 19.57
N SER D 191 4.21 27.59 18.27
CA SER D 191 3.08 27.77 17.37
C SER D 191 2.06 26.64 17.58
N ILE D 192 2.53 25.41 17.83
CA ILE D 192 1.60 24.32 18.09
C ILE D 192 0.87 24.54 19.41
N GLU D 193 1.56 25.06 20.44
CA GLU D 193 0.87 25.42 21.68
C GLU D 193 -0.25 26.43 21.42
N ARG D 194 0.00 27.41 20.54
CA ARG D 194 -1.07 28.36 20.21
C ARG D 194 -2.27 27.63 19.66
N ILE D 195 -2.04 26.67 18.74
CA ILE D 195 -3.14 25.89 18.18
C ILE D 195 -3.88 25.14 19.28
N GLN D 196 -3.13 24.40 20.10
CA GLN D 196 -3.77 23.58 21.12
C GLN D 196 -4.62 24.43 22.07
N GLN D 197 -4.19 25.64 22.40
CA GLN D 197 -4.99 26.42 23.34
C GLN D 197 -6.12 27.15 22.65
N HIS D 198 -6.02 27.40 21.35
CA HIS D 198 -7.14 28.00 20.64
C HIS D 198 -8.24 26.99 20.33
N TYR D 199 -7.92 25.69 20.21
CA TYR D 199 -8.87 24.67 19.78
C TYR D 199 -8.85 23.47 20.72
N PRO D 200 -9.18 23.67 22.00
CA PRO D 200 -9.15 22.55 22.97
C PRO D 200 -10.21 21.51 22.72
N GLU D 201 -11.25 21.86 21.98
CA GLU D 201 -12.41 21.01 21.69
C GLU D 201 -12.26 20.21 20.39
N ALA D 202 -11.17 20.39 19.63
CA ALA D 202 -11.00 19.64 18.40
C ALA D 202 -11.07 18.15 18.66
N GLN D 203 -11.88 17.44 17.86
CA GLN D 203 -12.00 16.00 17.96
C GLN D 203 -11.24 15.27 16.86
N PHE D 204 -10.92 15.96 15.80
CA PHE D 204 -10.36 15.34 14.61
C PHE D 204 -9.29 16.30 14.12
N VAL D 205 -8.10 15.80 13.84
CA VAL D 205 -6.95 16.61 13.44
C VAL D 205 -6.38 16.00 12.17
N ILE D 206 -6.28 16.81 11.13
CA ILE D 206 -5.87 16.35 9.81
C ILE D 206 -4.47 16.89 9.54
N PRO D 207 -3.46 16.04 9.38
CA PRO D 207 -2.16 16.54 8.99
C PRO D 207 -2.13 16.82 7.51
N GLY D 208 -1.11 17.61 7.10
CA GLY D 208 -0.91 17.88 5.69
C GLY D 208 -0.64 16.61 4.89
N HIS D 209 -0.04 15.60 5.52
CA HIS D 209 0.28 14.36 4.84
C HIS D 209 0.00 13.22 5.82
N GLY D 210 -0.82 12.26 5.40
CA GLY D 210 -1.05 11.07 6.19
C GLY D 210 -2.38 11.02 6.90
N LEU D 211 -2.43 10.15 7.92
CA LEU D 211 -3.69 9.73 8.53
C LEU D 211 -4.16 10.77 9.54
N PRO D 212 -5.45 11.13 9.53
CA PRO D 212 -5.96 11.93 10.63
C PRO D 212 -5.90 11.16 11.95
N GLY D 213 -5.95 11.92 13.03
CA GLY D 213 -6.13 11.35 14.37
C GLY D 213 -6.79 12.34 15.29
N GLY D 214 -6.49 12.20 16.59
CA GLY D 214 -6.95 13.14 17.61
C GLY D 214 -5.95 14.24 17.90
N LEU D 215 -6.17 14.93 19.05
CA LEU D 215 -5.28 16.02 19.45
C LEU D 215 -3.86 15.57 19.73
N ASP D 216 -3.63 14.26 19.89
CA ASP D 216 -2.27 13.75 20.05
C ASP D 216 -1.35 14.17 18.90
N LEU D 217 -1.87 14.39 17.68
CA LEU D 217 -0.94 14.72 16.59
C LEU D 217 -0.17 16.01 16.91
N LEU D 218 -0.78 16.91 17.69
CA LEU D 218 -0.15 18.20 17.99
C LEU D 218 1.09 18.00 18.85
N LYS D 219 0.92 17.39 20.03
CA LYS D 219 2.08 17.07 20.86
C LYS D 219 3.10 16.23 20.09
N HIS D 220 2.63 15.21 19.35
CA HIS D 220 3.55 14.39 18.56
C HIS D 220 4.41 15.22 17.63
N THR D 221 3.79 16.19 16.96
CA THR D 221 4.53 17.02 16.02
C THR D 221 5.63 17.78 16.74
N THR D 222 5.31 18.36 17.90
CA THR D 222 6.30 19.07 18.70
C THR D 222 7.49 18.18 19.05
N ASN D 223 7.26 16.91 19.38
CA ASN D 223 8.36 15.99 19.71
C ASN D 223 9.24 15.72 18.50
N VAL D 224 8.64 15.46 17.34
CA VAL D 224 9.44 15.20 16.15
C VAL D 224 10.32 16.40 15.85
N VAL D 225 9.79 17.61 16.03
CA VAL D 225 10.49 18.83 15.63
C VAL D 225 11.64 19.12 16.57
N LYS D 226 11.36 19.12 17.86
CA LYS D 226 12.42 19.21 18.87
C LYS D 226 13.47 18.12 18.69
N ALA D 227 13.05 16.87 18.53
CA ALA D 227 14.02 15.80 18.28
C ALA D 227 14.87 16.07 17.05
N HIS D 228 14.36 16.80 16.06
CA HIS D 228 15.18 17.13 14.90
C HIS D 228 16.19 18.21 15.25
N THR D 229 15.81 19.14 16.13
CA THR D 229 16.66 20.23 16.58
C THR D 229 17.76 19.74 17.54
N ASN D 230 17.49 18.68 18.28
CA ASN D 230 18.36 18.24 19.37
C ASN D 230 19.34 17.15 18.93
N ALA D 231 19.36 16.79 17.65
CA ALA D 231 20.29 15.77 17.14
C ALA D 231 20.75 16.08 15.72
N ALA E 1 21.62 -11.27 -34.78
CA ALA E 1 21.73 -11.83 -36.13
C ALA E 1 21.99 -13.34 -36.07
N TYR E 2 21.25 -14.11 -36.85
CA TYR E 2 21.36 -15.56 -36.73
C TYR E 2 22.71 -16.00 -37.25
N PRO E 3 23.49 -16.76 -36.49
CA PRO E 3 24.81 -17.17 -36.98
C PRO E 3 24.68 -18.08 -38.20
N THR E 4 25.61 -17.91 -39.14
CA THR E 4 25.64 -18.66 -40.37
C THR E 4 26.78 -19.66 -40.34
N VAL E 5 26.76 -20.58 -41.30
CA VAL E 5 27.70 -21.70 -41.30
C VAL E 5 29.14 -21.19 -41.30
N SER E 6 29.44 -20.15 -42.09
CA SER E 6 30.81 -19.68 -42.17
C SER E 6 31.27 -18.95 -40.91
N GLU E 7 30.39 -18.76 -39.93
CA GLU E 7 30.75 -18.05 -38.71
C GLU E 7 31.05 -18.97 -37.53
N ILE E 8 30.76 -20.26 -37.63
CA ILE E 8 30.85 -21.19 -36.50
C ILE E 8 31.95 -22.22 -36.81
N PRO E 9 33.06 -22.22 -36.10
CA PRO E 9 34.06 -23.26 -36.33
C PRO E 9 33.60 -24.61 -35.78
N VAL E 10 33.94 -25.69 -36.50
CA VAL E 10 33.61 -27.05 -36.05
C VAL E 10 34.14 -27.23 -34.64
N GLY E 11 33.25 -27.64 -33.72
CA GLY E 11 33.58 -27.79 -32.33
C GLY E 11 32.99 -26.72 -31.44
N GLU E 12 32.53 -25.61 -32.03
CA GLU E 12 31.85 -24.55 -31.31
C GLU E 12 30.34 -24.63 -31.48
N VAL E 13 29.62 -24.22 -30.45
CA VAL E 13 28.17 -24.23 -30.44
C VAL E 13 27.69 -22.84 -30.05
N ARG E 14 26.83 -22.28 -30.87
CA ARG E 14 26.17 -21.01 -30.55
C ARG E 14 24.76 -21.27 -30.02
N LEU E 15 24.33 -20.41 -29.11
CA LEU E 15 22.94 -20.31 -28.72
C LEU E 15 22.34 -19.03 -29.28
N TYR E 16 21.12 -19.13 -29.77
CA TYR E 16 20.41 -17.97 -30.27
C TYR E 16 19.04 -17.90 -29.58
N GLN E 17 18.74 -16.76 -28.96
CA GLN E 17 17.53 -16.65 -28.14
C GLN E 17 16.40 -16.16 -29.03
N ILE E 18 15.38 -16.98 -29.18
CA ILE E 18 14.24 -16.62 -30.01
C ILE E 18 13.21 -15.86 -29.20
N ALA E 19 12.97 -16.29 -27.98
CA ALA E 19 11.95 -15.68 -27.14
C ALA E 19 12.27 -16.03 -25.70
N ASP E 20 11.49 -15.50 -24.77
CA ASP E 20 11.72 -15.86 -23.38
C ASP E 20 11.64 -17.38 -23.28
N GLY E 21 12.67 -18.00 -22.72
CA GLY E 21 12.72 -19.43 -22.53
C GLY E 21 12.73 -20.27 -23.78
N VAL E 22 13.05 -19.70 -24.95
CA VAL E 22 13.19 -20.47 -26.17
C VAL E 22 14.45 -20.06 -26.91
N TRP E 23 15.33 -21.03 -27.18
CA TRP E 23 16.54 -20.80 -27.94
C TRP E 23 16.67 -21.85 -29.02
N SER E 24 17.48 -21.53 -30.02
CA SER E 24 18.01 -22.54 -30.92
C SER E 24 19.49 -22.72 -30.58
N HIS E 25 20.02 -23.91 -30.84
CA HIS E 25 21.46 -24.11 -30.80
C HIS E 25 21.93 -24.43 -32.20
N ILE E 26 23.16 -24.00 -32.51
CA ILE E 26 23.71 -24.01 -33.85
C ILE E 26 25.12 -24.56 -33.77
N ALA E 27 25.39 -25.62 -34.52
CA ALA E 27 26.73 -26.16 -34.59
C ALA E 27 27.10 -26.40 -36.05
N THR E 28 28.33 -26.91 -36.26
CA THR E 28 28.82 -27.22 -37.60
C THR E 28 29.61 -28.53 -37.57
N GLN E 29 29.60 -29.19 -38.72
CA GLN E 29 30.24 -30.48 -38.85
C GLN E 29 30.64 -30.66 -40.31
N SER E 30 31.78 -31.33 -40.51
CA SER E 30 32.19 -31.70 -41.86
C SER E 30 31.51 -33.00 -42.23
N PHE E 31 30.99 -33.07 -43.46
CA PHE E 31 30.29 -34.23 -43.96
C PHE E 31 30.45 -34.30 -45.47
N ASP E 32 31.04 -35.38 -45.98
CA ASP E 32 31.08 -35.59 -47.43
C ASP E 32 31.85 -34.48 -48.13
N GLY E 33 32.91 -33.99 -47.47
CA GLY E 33 33.79 -32.98 -48.00
C GLY E 33 33.37 -31.53 -47.81
N ALA E 34 32.20 -31.24 -47.24
CA ALA E 34 31.80 -29.86 -46.95
C ALA E 34 31.39 -29.73 -45.49
N VAL E 35 31.26 -28.49 -45.04
CA VAL E 35 30.87 -28.18 -43.66
C VAL E 35 29.45 -27.66 -43.67
N TYR E 36 28.57 -28.29 -42.85
CA TYR E 36 27.14 -27.98 -42.77
C TYR E 36 26.82 -27.34 -41.42
N PRO E 37 25.94 -26.34 -41.38
CA PRO E 37 25.36 -25.93 -40.10
C PRO E 37 24.25 -26.90 -39.72
N SER E 38 24.00 -27.00 -38.41
CA SER E 38 22.85 -27.76 -37.97
C SER E 38 22.22 -27.08 -36.75
N ASN E 39 20.89 -27.07 -36.70
CA ASN E 39 20.11 -26.45 -35.63
C ASN E 39 19.44 -27.48 -34.74
N GLY E 40 19.20 -27.11 -33.49
CA GLY E 40 18.21 -27.79 -32.63
C GLY E 40 17.55 -26.75 -31.75
N LEU E 41 16.73 -27.16 -30.79
CA LEU E 41 15.97 -26.24 -29.96
C LEU E 41 16.26 -26.48 -28.48
N ILE E 42 16.14 -25.43 -27.69
CA ILE E 42 16.15 -25.54 -26.23
C ILE E 42 14.92 -24.81 -25.74
N VAL E 43 14.14 -25.45 -24.85
CA VAL E 43 12.89 -24.86 -24.36
C VAL E 43 12.84 -25.00 -22.85
N ARG E 44 12.68 -23.88 -22.17
CA ARG E 44 12.58 -23.91 -20.72
C ARG E 44 11.26 -24.55 -20.33
N ASP E 45 11.31 -25.43 -19.33
CA ASP E 45 10.13 -26.03 -18.69
C ASP E 45 10.25 -25.77 -17.18
N GLY E 46 9.88 -24.57 -16.75
CA GLY E 46 10.01 -24.15 -15.38
C GLY E 46 11.45 -24.14 -14.87
N ASP E 47 11.81 -25.14 -14.11
CA ASP E 47 13.11 -25.24 -13.49
C ASP E 47 14.08 -26.10 -14.28
N GLU E 48 13.65 -26.58 -15.46
CA GLU E 48 14.46 -27.51 -16.24
C GLU E 48 14.46 -27.05 -17.69
N LEU E 49 15.27 -27.72 -18.50
CA LEU E 49 15.32 -27.48 -19.94
C LEU E 49 15.02 -28.78 -20.68
N LEU E 50 14.25 -28.66 -21.76
CA LEU E 50 14.07 -29.68 -22.78
C LEU E 50 14.94 -29.33 -23.99
N LEU E 51 15.73 -30.30 -24.45
CA LEU E 51 16.61 -30.18 -25.60
C LEU E 51 15.99 -30.94 -26.76
N ILE E 52 15.91 -30.30 -27.93
CA ILE E 52 15.54 -30.98 -29.17
C ILE E 52 16.81 -31.13 -30.00
N ASP E 53 17.21 -32.38 -30.22
CA ASP E 53 18.35 -32.78 -31.04
C ASP E 53 19.71 -32.43 -30.45
N THR E 54 20.67 -33.31 -30.72
CA THR E 54 22.05 -33.09 -30.36
C THR E 54 22.67 -32.05 -31.28
N ALA E 55 23.88 -31.66 -30.94
CA ALA E 55 24.66 -30.79 -31.81
C ALA E 55 25.53 -31.57 -32.80
N TRP E 56 25.10 -32.76 -33.24
CA TRP E 56 25.77 -33.49 -34.30
C TRP E 56 27.19 -33.91 -33.92
N GLY E 57 27.28 -34.94 -33.08
CA GLY E 57 28.54 -35.51 -32.70
C GLY E 57 28.78 -35.41 -31.22
N ALA E 58 29.64 -36.29 -30.70
CA ALA E 58 29.91 -36.27 -29.28
C ALA E 58 30.60 -34.97 -28.86
N LYS E 59 31.61 -34.54 -29.62
CA LYS E 59 32.39 -33.36 -29.24
C LYS E 59 31.53 -32.09 -29.23
N ASN E 60 30.75 -31.88 -30.28
CA ASN E 60 29.84 -30.75 -30.34
C ASN E 60 28.80 -30.80 -29.22
N THR E 61 28.27 -31.99 -28.93
CA THR E 61 27.22 -32.05 -27.92
C THR E 61 27.79 -31.77 -26.52
N ALA E 62 29.03 -32.20 -26.25
CA ALA E 62 29.71 -31.77 -25.01
C ALA E 62 29.82 -30.25 -24.99
N ALA E 63 30.20 -29.65 -26.11
CA ALA E 63 30.29 -28.19 -26.16
C ALA E 63 28.94 -27.56 -25.92
N LEU E 64 27.86 -28.18 -26.43
CA LEU E 64 26.49 -27.67 -26.22
C LEU E 64 26.12 -27.63 -24.74
N LEU E 65 26.35 -28.72 -24.02
CA LEU E 65 26.03 -28.72 -22.59
C LEU E 65 26.80 -27.61 -21.88
N ALA E 66 28.07 -27.44 -22.23
CA ALA E 66 28.87 -26.43 -21.55
C ALA E 66 28.37 -25.02 -21.89
N GLU E 67 27.89 -24.81 -23.11
CA GLU E 67 27.34 -23.52 -23.47
C GLU E 67 26.03 -23.26 -22.73
N ILE E 68 25.19 -24.28 -22.62
CA ILE E 68 23.94 -24.11 -21.88
C ILE E 68 24.24 -23.73 -20.43
N GLU E 69 25.14 -24.48 -19.76
CA GLU E 69 25.48 -24.14 -18.38
C GLU E 69 26.01 -22.71 -18.28
N LYS E 70 26.79 -22.27 -19.28
CA LYS E 70 27.37 -20.94 -19.26
C LYS E 70 26.33 -19.86 -19.51
N GLN E 71 25.48 -20.02 -20.53
CA GLN E 71 24.62 -18.91 -20.91
C GLN E 71 23.22 -18.97 -20.29
N ILE E 72 22.81 -20.10 -19.72
CA ILE E 72 21.45 -20.29 -19.20
C ILE E 72 21.51 -20.80 -17.75
N GLY E 73 22.24 -21.89 -17.53
CA GLY E 73 22.42 -22.45 -16.19
C GLY E 73 21.36 -23.43 -15.75
N LEU E 74 20.17 -23.41 -16.34
CA LEU E 74 19.18 -24.42 -15.98
C LEU E 74 19.65 -25.80 -16.46
N PRO E 75 19.31 -26.86 -15.71
CA PRO E 75 19.73 -28.22 -16.10
C PRO E 75 18.91 -28.78 -17.25
N VAL E 76 19.59 -29.47 -18.16
CA VAL E 76 18.93 -30.18 -19.26
C VAL E 76 18.53 -31.55 -18.72
N THR E 77 17.22 -31.81 -18.64
CA THR E 77 16.75 -33.06 -18.04
C THR E 77 16.18 -34.06 -19.03
N ARG E 78 15.76 -33.60 -20.21
CA ARG E 78 15.21 -34.48 -21.23
C ARG E 78 15.64 -33.96 -22.60
N ALA E 79 15.89 -34.90 -23.52
CA ALA E 79 16.19 -34.61 -24.91
C ALA E 79 15.36 -35.49 -25.85
N VAL E 80 14.91 -34.90 -26.95
CA VAL E 80 14.17 -35.59 -28.01
C VAL E 80 14.99 -35.51 -29.30
N SER E 81 15.22 -36.66 -29.93
CA SER E 81 15.81 -36.69 -31.28
C SER E 81 14.68 -36.83 -32.29
N THR E 82 14.72 -36.00 -33.33
CA THR E 82 13.61 -35.90 -34.28
C THR E 82 13.72 -36.86 -35.45
N HIS E 83 14.89 -37.47 -35.69
CA HIS E 83 14.99 -38.67 -36.52
C HIS E 83 16.35 -39.31 -36.25
N PHE E 84 16.66 -40.38 -37.00
CA PHE E 84 17.70 -41.32 -36.59
C PHE E 84 19.11 -40.97 -37.06
N HIS E 85 19.26 -39.96 -37.93
CA HIS E 85 20.57 -39.63 -38.47
C HIS E 85 21.48 -39.03 -37.41
N ASP E 86 22.75 -38.96 -37.75
CA ASP E 86 23.77 -38.59 -36.77
C ASP E 86 23.73 -37.12 -36.37
N ASP E 87 23.14 -36.25 -37.21
CA ASP E 87 22.95 -34.88 -36.78
C ASP E 87 21.79 -34.73 -35.81
N ARG E 88 21.05 -35.79 -35.52
CA ARG E 88 19.98 -35.77 -34.53
C ARG E 88 20.25 -36.66 -33.31
N VAL E 89 20.98 -37.77 -33.47
CA VAL E 89 21.25 -38.69 -32.36
C VAL E 89 22.73 -38.80 -32.01
N GLY E 90 23.65 -38.36 -32.86
CA GLY E 90 25.05 -38.39 -32.50
C GLY E 90 25.34 -37.42 -31.36
N GLY E 91 25.84 -37.93 -30.23
CA GLY E 91 25.93 -37.19 -28.99
C GLY E 91 24.94 -37.64 -27.95
N VAL E 92 24.03 -38.55 -28.30
CA VAL E 92 23.07 -39.08 -27.34
C VAL E 92 23.80 -39.74 -26.16
N ASP E 93 25.01 -40.27 -26.40
CA ASP E 93 25.77 -40.91 -25.33
C ASP E 93 26.29 -39.89 -24.33
N VAL E 94 26.79 -38.76 -24.83
CA VAL E 94 27.21 -37.67 -23.95
C VAL E 94 26.03 -37.16 -23.13
N LEU E 95 24.86 -37.02 -23.77
CA LEU E 95 23.69 -36.53 -23.04
C LEU E 95 23.34 -37.47 -21.89
N ARG E 96 23.26 -38.77 -22.19
CA ARG E 96 22.85 -39.76 -21.20
C ARG E 96 23.82 -39.78 -20.03
N ALA E 97 25.11 -39.92 -20.34
CA ALA E 97 26.15 -39.90 -19.32
C ALA E 97 26.09 -38.63 -18.51
N ALA E 98 25.63 -37.55 -19.10
CA ALA E 98 25.41 -36.32 -18.37
C ALA E 98 24.17 -36.36 -17.47
N GLY E 99 23.38 -37.42 -17.55
CA GLY E 99 22.14 -37.47 -16.81
C GLY E 99 20.91 -37.01 -17.57
N VAL E 100 21.01 -36.77 -18.86
CA VAL E 100 19.83 -36.42 -19.63
C VAL E 100 19.09 -37.70 -20.02
N ALA E 101 17.79 -37.72 -19.79
CA ALA E 101 16.96 -38.81 -20.27
C ALA E 101 16.68 -38.56 -21.75
N THR E 102 17.04 -39.51 -22.61
CA THR E 102 16.94 -39.30 -24.06
C THR E 102 15.74 -40.04 -24.63
N TYR E 103 14.97 -39.34 -25.46
CA TYR E 103 13.75 -39.86 -26.06
C TYR E 103 13.80 -39.75 -27.57
N ALA E 104 13.12 -40.70 -28.21
CA ALA E 104 12.74 -40.62 -29.61
C ALA E 104 11.63 -41.65 -29.81
N SER E 105 11.00 -41.61 -30.98
CA SER E 105 9.94 -42.54 -31.30
C SER E 105 10.49 -43.96 -31.44
N PRO E 106 9.63 -44.96 -31.28
CA PRO E 106 10.05 -46.33 -31.58
C PRO E 106 10.65 -46.47 -32.96
N SER E 107 10.03 -45.88 -33.99
CA SER E 107 10.59 -45.99 -35.33
C SER E 107 12.00 -45.39 -35.38
N THR E 108 12.20 -44.23 -34.74
CA THR E 108 13.52 -43.62 -34.76
C THR E 108 14.55 -44.48 -34.05
N ARG E 109 14.19 -45.01 -32.88
CA ARG E 109 15.11 -45.82 -32.12
C ARG E 109 15.53 -47.06 -32.91
N ARG E 110 14.59 -47.64 -33.66
CA ARG E 110 14.89 -48.85 -34.45
C ARG E 110 15.84 -48.53 -35.60
N LEU E 111 15.46 -47.57 -36.44
CA LEU E 111 16.33 -47.15 -37.54
C LEU E 111 17.72 -46.82 -37.06
N ALA E 112 17.85 -46.27 -35.85
CA ALA E 112 19.16 -45.93 -35.31
C ALA E 112 19.95 -47.18 -34.93
N GLU E 113 19.27 -48.16 -34.31
CA GLU E 113 19.91 -49.44 -34.01
C GLU E 113 20.49 -50.06 -35.28
N VAL E 114 19.67 -50.17 -36.32
CA VAL E 114 20.12 -50.69 -37.61
C VAL E 114 21.37 -49.93 -38.02
N GLU E 115 21.19 -48.70 -38.50
CA GLU E 115 22.27 -47.91 -39.12
C GLU E 115 23.55 -47.91 -38.32
N GLY E 116 23.50 -48.31 -37.05
CA GLY E 116 24.69 -48.29 -36.21
C GLY E 116 24.85 -47.06 -35.36
N ASN E 117 23.82 -46.22 -35.27
CA ASN E 117 23.91 -44.92 -34.60
C ASN E 117 23.57 -45.06 -33.12
N GLU E 118 24.03 -44.08 -32.33
CA GLU E 118 23.60 -43.94 -30.94
C GLU E 118 22.07 -44.01 -30.86
N ILE E 119 21.56 -44.65 -29.82
CA ILE E 119 20.12 -44.90 -29.66
C ILE E 119 19.63 -44.13 -28.43
N PRO E 120 18.67 -43.22 -28.58
CA PRO E 120 18.01 -42.64 -27.41
C PRO E 120 17.46 -43.76 -26.50
N THR E 121 17.40 -43.46 -25.23
CA THR E 121 17.05 -44.49 -24.24
C THR E 121 15.56 -44.82 -24.25
N HIS E 122 14.72 -43.80 -24.15
CA HIS E 122 13.29 -43.99 -23.94
C HIS E 122 12.57 -43.84 -25.25
N SER E 123 11.39 -44.46 -25.34
CA SER E 123 10.51 -44.32 -26.50
C SER E 123 9.40 -43.31 -26.24
N LEU E 124 9.09 -42.51 -27.26
CA LEU E 124 7.93 -41.64 -27.26
C LEU E 124 6.73 -42.43 -27.75
N GLU E 125 5.66 -42.42 -26.97
CA GLU E 125 4.44 -43.09 -27.37
C GLU E 125 3.47 -42.07 -27.94
N GLY E 126 2.62 -42.55 -28.85
CA GLY E 126 1.57 -41.74 -29.41
C GLY E 126 1.93 -40.98 -30.68
N LEU E 127 3.00 -41.39 -31.37
CA LEU E 127 3.46 -40.74 -32.60
C LEU E 127 3.65 -41.76 -33.72
N SER E 128 2.89 -42.86 -33.68
CA SER E 128 3.06 -43.93 -34.67
C SER E 128 2.46 -43.60 -36.03
N SER E 129 1.48 -42.70 -36.08
CA SER E 129 0.69 -42.48 -37.27
C SER E 129 0.73 -41.02 -37.71
N SER E 130 0.84 -40.80 -39.02
CA SER E 130 0.80 -39.45 -39.58
C SER E 130 -0.36 -38.66 -38.99
N GLY E 131 -0.09 -37.39 -38.65
CA GLY E 131 -1.04 -36.55 -37.97
C GLY E 131 -1.04 -36.66 -36.45
N ASP E 132 -0.29 -37.62 -35.89
CA ASP E 132 -0.20 -37.77 -34.44
C ASP E 132 0.60 -36.62 -33.81
N ALA E 133 0.02 -36.02 -32.77
CA ALA E 133 0.67 -34.98 -32.00
C ALA E 133 0.53 -35.30 -30.52
N VAL E 134 1.60 -35.10 -29.77
CA VAL E 134 1.59 -35.26 -28.32
C VAL E 134 2.20 -34.05 -27.63
N ARG E 135 1.68 -33.76 -26.43
CA ARG E 135 2.29 -32.78 -25.55
C ARG E 135 3.52 -33.41 -24.89
N PHE E 136 4.64 -32.68 -24.89
CA PHE E 136 5.86 -33.15 -24.22
C PHE E 136 6.49 -31.95 -23.49
N GLY E 137 6.21 -31.85 -22.20
CA GLY E 137 6.60 -30.66 -21.47
C GLY E 137 6.06 -29.39 -22.11
N PRO E 138 6.94 -28.42 -22.38
CA PRO E 138 6.50 -27.14 -22.96
C PRO E 138 6.32 -27.17 -24.47
N VAL E 139 6.39 -28.33 -25.14
CA VAL E 139 6.27 -28.34 -26.59
C VAL E 139 5.20 -29.36 -26.98
N GLU E 140 4.73 -29.20 -28.21
CA GLU E 140 3.98 -30.24 -28.90
C GLU E 140 4.92 -30.94 -29.88
N LEU E 141 4.91 -32.27 -29.86
CA LEU E 141 5.59 -33.07 -30.85
C LEU E 141 4.59 -33.53 -31.90
N PHE E 142 5.01 -33.53 -33.16
CA PHE E 142 4.10 -33.84 -34.26
C PHE E 142 4.77 -34.78 -35.25
N TYR E 143 4.06 -35.87 -35.60
CA TYR E 143 4.51 -36.77 -36.65
C TYR E 143 3.77 -36.41 -37.92
N PRO E 144 4.45 -35.82 -38.92
CA PRO E 144 3.73 -35.38 -40.13
C PRO E 144 3.56 -36.44 -41.20
N GLY E 145 4.14 -37.61 -41.02
CA GLY E 145 4.33 -38.58 -42.06
C GLY E 145 5.78 -38.61 -42.53
N ALA E 146 6.12 -39.68 -43.24
CA ALA E 146 7.44 -39.79 -43.85
C ALA E 146 7.73 -38.59 -44.73
N ALA E 147 9.01 -38.29 -44.88
CA ALA E 147 9.45 -37.10 -45.60
C ALA E 147 10.95 -37.21 -45.77
N HIS E 148 11.71 -36.26 -45.24
CA HIS E 148 13.16 -36.38 -45.22
C HIS E 148 13.56 -37.79 -44.79
N SER E 149 12.85 -38.32 -43.80
CA SER E 149 13.03 -39.71 -43.38
C SER E 149 11.67 -40.21 -42.94
N THR E 150 11.57 -41.52 -42.73
CA THR E 150 10.27 -42.11 -42.42
C THR E 150 9.81 -41.75 -41.01
N ASP E 151 10.76 -41.50 -40.10
CA ASP E 151 10.44 -41.26 -38.70
C ASP E 151 10.35 -39.79 -38.32
N ASN E 152 10.55 -38.84 -39.24
CA ASN E 152 10.92 -37.49 -38.81
C ASN E 152 9.78 -36.80 -38.05
N LEU E 153 10.12 -36.23 -36.89
CA LEU E 153 9.20 -35.44 -36.09
C LEU E 153 9.47 -33.95 -36.30
N VAL E 154 8.45 -33.14 -36.10
CA VAL E 154 8.57 -31.71 -35.93
C VAL E 154 8.07 -31.30 -34.55
N VAL E 155 8.52 -30.12 -34.10
CA VAL E 155 8.23 -29.60 -32.76
C VAL E 155 7.66 -28.19 -32.87
N TYR E 156 6.63 -27.89 -32.08
CA TYR E 156 6.04 -26.57 -32.03
C TYR E 156 5.95 -26.09 -30.59
N VAL E 157 6.31 -24.82 -30.39
CA VAL E 157 6.34 -24.21 -29.06
C VAL E 157 5.23 -23.17 -29.05
N PRO E 158 4.04 -23.49 -28.53
CA PRO E 158 2.89 -22.59 -28.74
C PRO E 158 3.14 -21.18 -28.28
N SER E 159 3.75 -21.01 -27.11
CA SER E 159 3.87 -19.69 -26.50
C SER E 159 4.82 -18.77 -27.25
N ALA E 160 5.70 -19.31 -28.10
CA ALA E 160 6.64 -18.49 -28.84
C ALA E 160 6.36 -18.51 -30.32
N SER E 161 5.35 -19.25 -30.77
CA SER E 161 5.02 -19.46 -32.17
C SER E 161 6.25 -19.91 -32.97
N VAL E 162 7.02 -20.81 -32.38
CA VAL E 162 8.20 -21.39 -33.02
C VAL E 162 7.91 -22.80 -33.49
N LEU E 163 8.16 -23.03 -34.77
CA LEU E 163 8.05 -24.32 -35.41
C LEU E 163 9.45 -24.78 -35.76
N TYR E 164 9.87 -25.90 -35.21
CA TYR E 164 11.16 -26.47 -35.52
C TYR E 164 10.91 -27.64 -36.47
N GLY E 165 11.30 -27.46 -37.74
CA GLY E 165 10.98 -28.47 -38.72
C GLY E 165 11.98 -29.61 -38.83
N GLY E 166 13.17 -29.47 -38.28
CA GLY E 166 14.14 -30.53 -38.44
C GLY E 166 14.50 -30.61 -39.92
N CYS E 167 15.07 -31.75 -40.32
CA CYS E 167 15.59 -31.85 -41.69
C CYS E 167 14.47 -32.05 -42.71
N ALA E 168 13.22 -32.18 -42.26
CA ALA E 168 12.07 -32.14 -43.13
C ALA E 168 11.86 -30.79 -43.80
N ILE E 169 12.44 -29.71 -43.25
CA ILE E 169 12.27 -28.34 -43.74
C ILE E 169 13.63 -27.78 -44.16
N TYR E 170 13.67 -27.15 -45.34
CA TYR E 170 14.86 -26.54 -45.93
C TYR E 170 14.85 -25.04 -45.70
N GLU E 171 16.05 -24.45 -45.57
CA GLU E 171 16.13 -23.00 -45.51
C GLU E 171 15.79 -22.39 -46.89
N LEU E 172 15.46 -21.08 -46.89
CA LEU E 172 14.99 -20.40 -48.11
C LEU E 172 16.09 -20.34 -49.17
N SER E 173 17.32 -20.04 -48.76
CA SER E 173 18.44 -19.93 -49.68
C SER E 173 18.84 -21.27 -50.29
N ARG E 174 18.32 -22.38 -49.79
CA ARG E 174 18.62 -23.68 -50.39
C ARG E 174 17.70 -23.93 -51.58
N THR E 175 18.31 -24.26 -52.72
CA THR E 175 17.59 -24.42 -53.98
C THR E 175 17.74 -25.80 -54.60
N SER E 176 18.58 -26.68 -54.05
CA SER E 176 18.61 -28.06 -54.44
C SER E 176 18.38 -28.95 -53.22
N ALA E 177 18.00 -30.19 -53.47
CA ALA E 177 17.61 -31.08 -52.37
C ALA E 177 18.83 -31.57 -51.60
N GLY E 178 19.85 -32.03 -52.31
CA GLY E 178 21.03 -32.56 -51.65
C GLY E 178 20.88 -33.99 -51.15
N ASN E 179 20.81 -34.18 -49.83
CA ASN E 179 20.90 -35.50 -49.21
C ASN E 179 19.50 -36.04 -48.94
N VAL E 180 19.14 -37.13 -49.62
CA VAL E 180 17.76 -37.61 -49.63
C VAL E 180 17.74 -39.13 -49.71
N ALA E 181 18.86 -39.78 -49.38
CA ALA E 181 18.94 -41.23 -49.46
C ALA E 181 17.72 -41.87 -48.80
N ASP E 182 17.53 -41.62 -47.52
CA ASP E 182 16.51 -42.29 -46.73
C ASP E 182 15.14 -41.60 -46.84
N ALA E 183 14.96 -40.75 -47.84
CA ALA E 183 13.75 -39.96 -47.97
C ALA E 183 12.61 -40.76 -48.60
N ASP E 184 11.43 -40.15 -48.60
CA ASP E 184 10.21 -40.65 -49.25
C ASP E 184 9.66 -39.48 -50.08
N LEU E 185 10.23 -39.29 -51.28
CA LEU E 185 9.94 -38.08 -52.04
C LEU E 185 8.47 -37.98 -52.41
N ALA E 186 7.75 -39.10 -52.43
CA ALA E 186 6.35 -39.06 -52.83
C ALA E 186 5.45 -38.58 -51.71
N GLU E 187 5.71 -39.04 -50.48
CA GLU E 187 4.91 -38.61 -49.34
C GLU E 187 5.36 -37.26 -48.79
N TRP E 188 6.62 -36.87 -49.01
CA TRP E 188 7.17 -35.65 -48.42
C TRP E 188 6.26 -34.43 -48.60
N PRO E 189 5.70 -34.14 -49.78
CA PRO E 189 4.86 -32.94 -49.89
C PRO E 189 3.55 -33.05 -49.13
N THR E 190 3.00 -34.25 -49.00
CA THR E 190 1.80 -34.42 -48.18
C THR E 190 2.13 -34.28 -46.70
N SER E 191 3.29 -34.80 -46.29
CA SER E 191 3.74 -34.58 -44.93
C SER E 191 3.87 -33.10 -44.61
N ILE E 192 4.47 -32.29 -45.52
CA ILE E 192 4.56 -30.85 -45.27
C ILE E 192 3.18 -30.23 -45.21
N GLU E 193 2.25 -30.70 -46.04
CA GLU E 193 0.88 -30.16 -46.00
C GLU E 193 0.23 -30.39 -44.63
N ARG E 194 0.46 -31.57 -44.03
CA ARG E 194 -0.05 -31.82 -42.67
C ARG E 194 0.57 -30.84 -41.66
N ILE E 195 1.88 -30.61 -41.75
CA ILE E 195 2.50 -29.55 -40.95
C ILE E 195 1.82 -28.22 -41.22
N GLN E 196 1.66 -27.87 -42.51
CA GLN E 196 1.00 -26.61 -42.86
C GLN E 196 -0.41 -26.53 -42.27
N GLN E 197 -1.17 -27.63 -42.33
CA GLN E 197 -2.54 -27.59 -41.83
C GLN E 197 -2.58 -27.47 -40.31
N HIS E 198 -1.61 -28.07 -39.63
CA HIS E 198 -1.63 -28.09 -38.17
C HIS E 198 -1.09 -26.79 -37.55
N TYR E 199 -0.06 -26.18 -38.14
CA TYR E 199 0.62 -25.01 -37.55
C TYR E 199 0.65 -23.80 -38.49
N PRO E 200 -0.51 -23.32 -38.95
CA PRO E 200 -0.51 -22.15 -39.86
C PRO E 200 -0.08 -20.81 -39.24
N GLU E 201 -0.19 -20.60 -37.94
CA GLU E 201 0.16 -19.30 -37.37
C GLU E 201 1.62 -19.17 -36.94
N ALA E 202 2.44 -20.17 -37.24
CA ALA E 202 3.84 -20.15 -36.81
C ALA E 202 4.54 -18.92 -37.38
N GLN E 203 5.21 -18.16 -36.49
CA GLN E 203 5.94 -16.95 -36.84
C GLN E 203 7.45 -17.15 -37.06
N PHE E 204 8.00 -18.28 -36.60
CA PHE E 204 9.45 -18.49 -36.62
C PHE E 204 9.65 -19.96 -36.93
N VAL E 205 10.21 -20.27 -38.10
CA VAL E 205 10.26 -21.64 -38.61
C VAL E 205 11.73 -21.99 -38.80
N ILE E 206 12.19 -23.00 -38.09
CA ILE E 206 13.60 -23.37 -38.06
C ILE E 206 13.79 -24.60 -38.95
N PRO E 207 14.64 -24.53 -39.97
CA PRO E 207 15.04 -25.72 -40.69
C PRO E 207 16.08 -26.50 -39.89
N GLY E 208 16.28 -27.75 -40.29
CA GLY E 208 17.34 -28.54 -39.65
C GLY E 208 18.73 -27.98 -39.90
N HIS E 209 18.91 -27.27 -41.01
CA HIS E 209 20.20 -26.73 -41.43
C HIS E 209 19.96 -25.37 -42.04
N GLY E 210 20.45 -24.31 -41.41
CA GLY E 210 20.42 -23.00 -42.01
C GLY E 210 19.53 -22.00 -41.29
N LEU E 211 19.20 -20.93 -42.01
CA LEU E 211 18.60 -19.75 -41.41
C LEU E 211 17.11 -19.97 -41.13
N PRO E 212 16.63 -19.65 -39.94
CA PRO E 212 15.18 -19.61 -39.71
C PRO E 212 14.50 -18.58 -40.62
N GLY E 213 13.20 -18.75 -40.78
CA GLY E 213 12.38 -17.81 -41.53
C GLY E 213 10.96 -17.92 -41.03
N GLY E 214 10.02 -17.65 -41.94
CA GLY E 214 8.61 -17.75 -41.64
C GLY E 214 8.01 -19.00 -42.27
N LEU E 215 6.68 -19.04 -42.28
CA LEU E 215 6.00 -20.22 -42.85
C LEU E 215 6.39 -20.50 -44.30
N ASP E 216 6.81 -19.49 -45.07
CA ASP E 216 7.29 -19.70 -46.44
C ASP E 216 8.15 -20.94 -46.59
N LEU E 217 8.98 -21.28 -45.57
CA LEU E 217 9.92 -22.40 -45.74
C LEU E 217 9.20 -23.71 -46.02
N LEU E 218 7.96 -23.83 -45.57
CA LEU E 218 7.20 -25.06 -45.84
C LEU E 218 6.95 -25.24 -47.33
N LYS E 219 6.25 -24.27 -47.95
CA LYS E 219 5.98 -24.34 -49.40
C LYS E 219 7.28 -24.33 -50.18
N HIS E 220 8.27 -23.54 -49.73
CA HIS E 220 9.57 -23.57 -50.37
C HIS E 220 10.14 -24.99 -50.39
N THR E 221 10.17 -25.69 -49.25
CA THR E 221 10.66 -27.07 -49.24
C THR E 221 9.84 -27.96 -50.19
N THR E 222 8.52 -27.79 -50.18
CA THR E 222 7.66 -28.51 -51.13
C THR E 222 8.15 -28.31 -52.56
N ASN E 223 8.42 -27.06 -52.94
CA ASN E 223 8.85 -26.79 -54.32
C ASN E 223 10.19 -27.44 -54.60
N VAL E 224 11.08 -27.41 -53.62
CA VAL E 224 12.42 -27.95 -53.79
C VAL E 224 12.36 -29.46 -53.95
N VAL E 225 11.48 -30.11 -53.18
CA VAL E 225 11.43 -31.57 -53.23
C VAL E 225 10.71 -32.05 -54.51
N LYS E 226 9.66 -31.36 -54.93
CA LYS E 226 9.01 -31.74 -56.19
C LYS E 226 9.94 -31.52 -57.38
N ALA E 227 10.68 -30.42 -57.39
CA ALA E 227 11.61 -30.15 -58.48
C ALA E 227 12.72 -31.20 -58.57
N HIS E 228 12.91 -31.98 -57.51
CA HIS E 228 13.89 -33.07 -57.51
C HIS E 228 13.29 -34.33 -58.13
N THR E 229 12.00 -34.56 -57.88
CA THR E 229 11.27 -35.67 -58.49
C THR E 229 11.19 -35.49 -60.01
N ASN E 230 10.90 -34.27 -60.45
CA ASN E 230 10.75 -33.95 -61.87
C ASN E 230 12.08 -33.52 -62.50
N ALA E 231 13.20 -34.05 -61.99
CA ALA E 231 14.55 -33.76 -62.49
C ALA E 231 15.60 -34.45 -61.61
N ALA F 1 61.12 4.27 -13.39
CA ALA F 1 60.54 3.54 -14.51
C ALA F 1 60.73 2.02 -14.34
N TYR F 2 59.98 1.27 -15.10
CA TYR F 2 60.02 -0.17 -14.97
C TYR F 2 61.29 -0.71 -15.60
N PRO F 3 62.00 -1.61 -14.95
CA PRO F 3 63.29 -2.03 -15.47
C PRO F 3 63.14 -2.97 -16.66
N THR F 4 64.05 -2.84 -17.61
CA THR F 4 64.10 -3.67 -18.79
C THR F 4 65.27 -4.65 -18.74
N VAL F 5 65.25 -5.56 -19.72
CA VAL F 5 66.12 -6.73 -19.68
C VAL F 5 67.59 -6.32 -19.68
N SER F 6 67.94 -5.29 -20.45
CA SER F 6 69.33 -4.87 -20.50
C SER F 6 69.79 -4.19 -19.22
N GLU F 7 68.89 -3.91 -18.27
CA GLU F 7 69.29 -3.19 -17.07
C GLU F 7 69.51 -4.11 -15.87
N ILE F 8 69.20 -5.39 -16.00
CA ILE F 8 69.27 -6.31 -14.86
C ILE F 8 70.27 -7.42 -15.16
N PRO F 9 71.46 -7.41 -14.57
CA PRO F 9 72.34 -8.58 -14.71
C PRO F 9 71.68 -9.86 -14.21
N VAL F 10 71.92 -10.96 -14.94
CA VAL F 10 71.50 -12.28 -14.48
C VAL F 10 72.07 -12.49 -13.08
N GLY F 11 71.21 -12.86 -12.13
CA GLY F 11 71.60 -13.02 -10.75
C GLY F 11 71.06 -11.95 -9.84
N GLU F 12 70.62 -10.81 -10.39
CA GLU F 12 70.10 -9.72 -9.59
C GLU F 12 68.60 -9.64 -9.79
N VAL F 13 67.92 -9.14 -8.76
CA VAL F 13 66.46 -9.02 -8.79
C VAL F 13 66.07 -7.60 -8.43
N ARG F 14 65.18 -7.01 -9.23
CA ARG F 14 64.52 -5.73 -8.93
C ARG F 14 63.13 -5.97 -8.39
N LEU F 15 62.73 -5.06 -7.50
CA LEU F 15 61.36 -4.96 -7.03
C LEU F 15 60.83 -3.63 -7.56
N TYR F 16 59.59 -3.64 -7.98
CA TYR F 16 58.92 -2.48 -8.53
C TYR F 16 57.59 -2.32 -7.81
N GLN F 17 57.42 -1.23 -7.07
CA GLN F 17 56.20 -1.09 -6.28
C GLN F 17 55.07 -0.60 -7.16
N ILE F 18 53.99 -1.37 -7.22
CA ILE F 18 52.85 -1.06 -8.06
C ILE F 18 51.82 -0.27 -7.28
N ALA F 19 51.61 -0.63 -6.02
CA ALA F 19 50.54 -0.07 -5.22
C ALA F 19 50.92 -0.38 -3.80
N ASP F 20 50.21 0.22 -2.85
CA ASP F 20 50.33 -0.17 -1.46
C ASP F 20 50.31 -1.68 -1.33
N GLY F 21 51.39 -2.24 -0.79
CA GLY F 21 51.45 -3.67 -0.56
C GLY F 21 51.38 -4.55 -1.80
N VAL F 22 51.71 -4.03 -2.99
CA VAL F 22 51.82 -4.84 -4.20
C VAL F 22 53.06 -4.44 -4.97
N TRP F 23 53.90 -5.42 -5.27
CA TRP F 23 55.12 -5.22 -6.05
C TRP F 23 55.18 -6.29 -7.14
N SER F 24 55.84 -5.96 -8.24
CA SER F 24 56.37 -7.01 -9.10
C SER F 24 57.83 -7.25 -8.76
N HIS F 25 58.29 -8.45 -9.06
CA HIS F 25 59.72 -8.72 -9.04
C HIS F 25 60.17 -9.10 -10.45
N ILE F 26 61.37 -8.63 -10.80
CA ILE F 26 61.91 -8.76 -12.15
C ILE F 26 63.31 -9.33 -12.03
N ALA F 27 63.57 -10.38 -12.78
CA ALA F 27 64.91 -10.97 -12.84
C ALA F 27 65.18 -11.30 -14.31
N THR F 28 66.35 -11.86 -14.58
CA THR F 28 66.78 -12.15 -15.93
C THR F 28 67.48 -13.49 -15.95
N GLN F 29 67.40 -14.16 -17.09
CA GLN F 29 67.95 -15.51 -17.16
C GLN F 29 68.28 -15.84 -18.60
N SER F 30 69.30 -16.65 -18.77
CA SER F 30 69.70 -17.05 -20.12
C SER F 30 68.91 -18.29 -20.48
N PHE F 31 68.46 -18.34 -21.73
CA PHE F 31 67.75 -19.50 -22.22
C PHE F 31 67.69 -19.44 -23.74
N ASP F 32 67.90 -20.58 -24.39
CA ASP F 32 67.71 -20.69 -25.84
C ASP F 32 68.62 -19.72 -26.58
N GLY F 33 69.76 -19.40 -25.98
CA GLY F 33 70.75 -18.52 -26.60
C GLY F 33 70.67 -17.05 -26.25
N ALA F 34 69.66 -16.62 -25.48
CA ALA F 34 69.51 -15.20 -25.19
C ALA F 34 69.12 -14.99 -23.74
N VAL F 35 69.22 -13.73 -23.29
CA VAL F 35 68.80 -13.37 -21.94
C VAL F 35 67.41 -12.74 -22.00
N TYR F 36 66.47 -13.31 -21.23
CA TYR F 36 65.11 -12.79 -21.09
C TYR F 36 64.85 -12.22 -19.69
N PRO F 37 64.05 -11.17 -19.59
CA PRO F 37 63.50 -10.79 -18.29
C PRO F 37 62.30 -11.64 -17.94
N SER F 38 61.95 -11.61 -16.67
CA SER F 38 60.81 -12.37 -16.18
C SER F 38 60.24 -11.65 -14.97
N ASN F 39 58.91 -11.64 -14.87
CA ASN F 39 58.17 -10.97 -13.82
C ASN F 39 57.49 -11.98 -12.90
N GLY F 40 57.40 -11.61 -11.63
CA GLY F 40 56.49 -12.23 -10.69
C GLY F 40 55.80 -11.17 -9.86
N LEU F 41 55.10 -11.59 -8.80
CA LEU F 41 54.31 -10.65 -8.01
C LEU F 41 54.55 -10.91 -6.53
N ILE F 42 54.43 -9.86 -5.74
CA ILE F 42 54.52 -9.93 -4.28
C ILE F 42 53.32 -9.16 -3.73
N VAL F 43 52.53 -9.78 -2.84
CA VAL F 43 51.33 -9.16 -2.29
C VAL F 43 51.37 -9.25 -0.76
N ARG F 44 51.23 -8.11 -0.11
CA ARG F 44 51.13 -8.11 1.34
C ARG F 44 49.84 -8.76 1.80
N ASP F 45 49.96 -9.52 2.89
CA ASP F 45 48.92 -10.35 3.51
C ASP F 45 49.06 -10.11 5.02
N GLY F 46 48.60 -8.96 5.48
CA GLY F 46 48.77 -8.56 6.90
C GLY F 46 50.20 -8.40 7.37
N ASP F 47 50.71 -9.30 8.21
CA ASP F 47 52.12 -9.23 8.59
C ASP F 47 52.99 -10.22 7.80
N GLU F 48 52.45 -10.77 6.72
CA GLU F 48 53.14 -11.76 5.90
C GLU F 48 53.08 -11.30 4.44
N LEU F 49 53.90 -11.91 3.60
CA LEU F 49 53.82 -11.72 2.15
C LEU F 49 53.55 -13.05 1.46
N LEU F 50 52.75 -12.94 0.40
CA LEU F 50 52.49 -13.95 -0.60
C LEU F 50 53.34 -13.65 -1.83
N LEU F 51 54.12 -14.63 -2.26
CA LEU F 51 54.89 -14.59 -3.50
C LEU F 51 54.15 -15.31 -4.61
N ILE F 52 54.03 -14.65 -5.77
CA ILE F 52 53.64 -15.33 -7.00
C ILE F 52 54.88 -15.53 -7.87
N ASP F 53 55.23 -16.80 -8.11
CA ASP F 53 56.32 -17.28 -8.95
C ASP F 53 57.72 -16.99 -8.41
N THR F 54 58.65 -17.88 -8.76
CA THR F 54 60.05 -17.72 -8.44
C THR F 54 60.66 -16.71 -9.38
N ALA F 55 61.95 -16.50 -9.22
CA ALA F 55 62.69 -15.58 -10.06
C ALA F 55 63.57 -16.34 -11.06
N TRP F 56 63.15 -17.56 -11.43
CA TRP F 56 63.72 -18.30 -12.54
C TRP F 56 65.13 -18.78 -12.16
N GLY F 57 65.16 -19.70 -11.21
CA GLY F 57 66.35 -20.41 -10.83
C GLY F 57 66.67 -20.23 -9.36
N ALA F 58 67.44 -21.17 -8.84
CA ALA F 58 67.82 -21.13 -7.44
C ALA F 58 68.56 -19.85 -7.11
N LYS F 59 69.57 -19.48 -7.91
CA LYS F 59 70.39 -18.32 -7.58
C LYS F 59 69.56 -17.05 -7.58
N ASN F 60 68.71 -16.88 -8.60
CA ASN F 60 67.90 -15.68 -8.68
C ASN F 60 66.93 -15.63 -7.51
N THR F 61 66.41 -16.79 -7.12
CA THR F 61 65.36 -16.84 -6.12
C THR F 61 65.93 -16.60 -4.72
N ALA F 62 67.17 -17.02 -4.47
CA ALA F 62 67.85 -16.59 -3.26
C ALA F 62 68.05 -15.07 -3.26
N ALA F 63 68.33 -14.50 -4.42
CA ALA F 63 68.49 -13.05 -4.49
C ALA F 63 67.15 -12.34 -4.28
N LEU F 64 66.06 -12.94 -4.78
CA LEU F 64 64.73 -12.39 -4.53
C LEU F 64 64.43 -12.30 -3.05
N LEU F 65 64.55 -13.43 -2.34
CA LEU F 65 64.29 -13.40 -0.89
C LEU F 65 65.18 -12.37 -0.19
N ALA F 66 66.45 -12.25 -0.61
CA ALA F 66 67.32 -11.21 -0.04
C ALA F 66 66.79 -9.80 -0.31
N GLU F 67 66.37 -9.52 -1.54
CA GLU F 67 65.88 -8.19 -1.88
C GLU F 67 64.60 -7.87 -1.12
N ILE F 68 63.76 -8.87 -0.91
CA ILE F 68 62.55 -8.66 -0.13
C ILE F 68 62.90 -8.35 1.32
N GLU F 69 63.85 -9.09 1.89
CA GLU F 69 64.21 -8.81 3.29
C GLU F 69 64.80 -7.41 3.44
N LYS F 70 65.56 -6.97 2.45
CA LYS F 70 66.21 -5.66 2.45
C LYS F 70 65.25 -4.52 2.15
N GLN F 71 64.27 -4.72 1.26
CA GLN F 71 63.42 -3.61 0.84
C GLN F 71 62.06 -3.58 1.51
N ILE F 72 61.58 -4.70 2.04
CA ILE F 72 60.23 -4.79 2.60
C ILE F 72 60.30 -5.29 4.03
N GLY F 73 60.93 -6.44 4.21
CA GLY F 73 61.20 -7.00 5.53
C GLY F 73 60.14 -7.94 6.05
N LEU F 74 58.94 -7.90 5.51
CA LEU F 74 57.92 -8.83 5.92
C LEU F 74 58.29 -10.23 5.42
N PRO F 75 57.96 -11.26 6.18
CA PRO F 75 58.32 -12.63 5.77
C PRO F 75 57.45 -13.15 4.65
N VAL F 76 58.10 -13.83 3.70
CA VAL F 76 57.38 -14.57 2.68
C VAL F 76 56.96 -15.89 3.32
N THR F 77 55.65 -16.11 3.49
CA THR F 77 55.19 -17.36 4.10
C THR F 77 54.57 -18.34 3.13
N ARG F 78 54.12 -17.88 1.98
CA ARG F 78 53.39 -18.72 1.03
C ARG F 78 53.79 -18.27 -0.37
N ALA F 79 53.97 -19.23 -1.27
CA ALA F 79 54.24 -18.94 -2.67
C ALA F 79 53.35 -19.78 -3.57
N VAL F 80 52.92 -19.18 -4.70
CA VAL F 80 52.16 -19.86 -5.76
C VAL F 80 52.95 -19.83 -7.06
N SER F 81 53.06 -20.99 -7.74
CA SER F 81 53.66 -21.07 -9.06
C SER F 81 52.54 -21.14 -10.09
N THR F 82 52.58 -20.27 -11.08
CA THR F 82 51.42 -20.16 -11.94
C THR F 82 51.40 -21.16 -13.11
N HIS F 83 52.54 -21.76 -13.44
CA HIS F 83 52.56 -22.96 -14.30
C HIS F 83 53.92 -23.63 -14.09
N PHE F 84 54.13 -24.74 -14.82
CA PHE F 84 55.17 -25.70 -14.42
C PHE F 84 56.56 -25.38 -14.96
N HIS F 85 56.72 -24.36 -15.79
CA HIS F 85 58.04 -24.09 -16.38
C HIS F 85 58.98 -23.49 -15.35
N ASP F 86 60.27 -23.46 -15.70
CA ASP F 86 61.32 -23.12 -14.75
C ASP F 86 61.37 -21.66 -14.33
N ASP F 87 60.84 -20.77 -15.15
CA ASP F 87 60.70 -19.39 -14.69
C ASP F 87 59.60 -19.23 -13.67
N ARG F 88 58.86 -20.26 -13.40
CA ARG F 88 57.79 -20.20 -12.41
C ARG F 88 58.05 -21.12 -11.22
N VAL F 89 58.63 -22.29 -11.46
CA VAL F 89 58.99 -23.22 -10.36
C VAL F 89 60.47 -23.31 -10.07
N GLY F 90 61.34 -22.77 -10.93
CA GLY F 90 62.77 -22.87 -10.68
C GLY F 90 63.18 -22.02 -9.49
N GLY F 91 63.61 -22.66 -8.38
CA GLY F 91 63.88 -21.95 -7.14
C GLY F 91 62.89 -22.27 -6.04
N VAL F 92 61.93 -23.16 -6.33
CA VAL F 92 60.99 -23.61 -5.32
C VAL F 92 61.75 -24.28 -4.17
N ASP F 93 62.78 -25.07 -4.51
CA ASP F 93 63.59 -25.71 -3.48
C ASP F 93 64.19 -24.67 -2.54
N VAL F 94 64.69 -23.56 -3.08
CA VAL F 94 65.21 -22.51 -2.21
C VAL F 94 64.11 -21.96 -1.31
N LEU F 95 62.95 -21.71 -1.89
CA LEU F 95 61.85 -21.16 -1.10
C LEU F 95 61.50 -22.11 0.04
N ARG F 96 61.32 -23.36 -0.28
CA ARG F 96 60.94 -24.34 0.68
C ARG F 96 61.92 -24.46 1.81
N ALA F 97 63.18 -24.50 1.47
CA ALA F 97 64.21 -24.64 2.49
C ALA F 97 64.28 -23.40 3.34
N ALA F 98 63.79 -22.27 2.83
CA ALA F 98 63.72 -21.06 3.63
C ALA F 98 62.46 -20.97 4.48
N GLY F 99 61.59 -21.96 4.44
CA GLY F 99 60.37 -21.91 5.22
C GLY F 99 59.13 -21.46 4.50
N VAL F 100 59.22 -21.16 3.21
CA VAL F 100 58.07 -20.73 2.45
C VAL F 100 57.26 -21.95 2.07
N ALA F 101 55.96 -21.92 2.33
CA ALA F 101 55.09 -23.00 1.91
C ALA F 101 54.71 -22.78 0.45
N THR F 102 55.06 -23.72 -0.40
CA THR F 102 54.92 -23.55 -1.84
C THR F 102 53.70 -24.30 -2.37
N TYR F 103 52.99 -23.65 -3.32
CA TYR F 103 51.69 -24.11 -3.78
C TYR F 103 51.67 -24.09 -5.30
N ALA F 104 50.95 -25.05 -5.87
CA ALA F 104 50.52 -24.95 -7.27
C ALA F 104 49.35 -25.91 -7.44
N SER F 105 48.71 -25.80 -8.60
CA SER F 105 47.60 -26.69 -8.87
C SER F 105 48.11 -28.12 -9.01
N PRO F 106 47.23 -29.10 -8.85
CA PRO F 106 47.66 -30.48 -9.13
C PRO F 106 48.24 -30.68 -10.53
N SER F 107 47.65 -30.07 -11.55
CA SER F 107 48.16 -30.22 -12.92
C SER F 107 49.56 -29.68 -13.03
N THR F 108 49.80 -28.49 -12.45
CA THR F 108 51.14 -27.92 -12.47
C THR F 108 52.15 -28.83 -11.79
N ARG F 109 51.79 -29.34 -10.61
CA ARG F 109 52.70 -30.24 -9.89
C ARG F 109 53.00 -31.47 -10.74
N ARG F 110 51.97 -32.13 -11.28
CA ARG F 110 52.19 -33.25 -12.20
C ARG F 110 53.07 -32.86 -13.39
N LEU F 111 52.71 -31.79 -14.12
CA LEU F 111 53.52 -31.40 -15.27
C LEU F 111 54.96 -31.08 -14.88
N ALA F 112 55.16 -30.48 -13.69
CA ALA F 112 56.52 -30.19 -13.22
C ALA F 112 57.30 -31.48 -13.00
N GLU F 113 56.66 -32.45 -12.36
CA GLU F 113 57.27 -33.76 -12.12
C GLU F 113 57.69 -34.42 -13.43
N VAL F 114 56.78 -34.47 -14.42
CA VAL F 114 57.11 -35.06 -15.74
C VAL F 114 58.35 -34.38 -16.32
N GLU F 115 58.37 -33.04 -16.30
CA GLU F 115 59.43 -32.24 -16.90
C GLU F 115 60.78 -32.42 -16.21
N GLY F 116 60.81 -32.90 -14.96
CA GLY F 116 62.02 -32.87 -14.17
C GLY F 116 62.30 -31.56 -13.47
N ASN F 117 61.29 -30.73 -13.24
CA ASN F 117 61.48 -29.43 -12.60
C ASN F 117 61.16 -29.54 -11.11
N GLU F 118 61.54 -28.51 -10.35
CA GLU F 118 61.21 -28.49 -8.92
C GLU F 118 59.69 -28.49 -8.76
N ILE F 119 59.19 -29.07 -7.66
CA ILE F 119 57.77 -29.35 -7.52
C ILE F 119 57.27 -28.62 -6.29
N PRO F 120 56.30 -27.70 -6.42
CA PRO F 120 55.69 -27.12 -5.21
C PRO F 120 55.10 -28.19 -4.29
N THR F 121 55.18 -27.92 -2.97
CA THR F 121 54.83 -28.92 -1.97
C THR F 121 53.34 -29.21 -1.90
N HIS F 122 52.51 -28.16 -1.96
CA HIS F 122 51.08 -28.25 -1.70
C HIS F 122 50.27 -28.07 -2.97
N SER F 123 49.15 -28.79 -3.06
CA SER F 123 48.20 -28.63 -4.14
C SER F 123 47.15 -27.60 -3.79
N LEU F 124 46.79 -26.80 -4.79
CA LEU F 124 45.68 -25.88 -4.73
C LEU F 124 44.44 -26.61 -5.22
N GLU F 125 43.39 -26.64 -4.40
CA GLU F 125 42.12 -27.20 -4.79
C GLU F 125 41.19 -26.13 -5.39
N GLY F 126 40.21 -26.59 -6.14
CA GLY F 126 39.20 -25.70 -6.71
C GLY F 126 39.56 -25.06 -8.03
N LEU F 127 40.61 -25.53 -8.72
CA LEU F 127 41.06 -24.90 -9.96
C LEU F 127 41.20 -25.88 -11.13
N SER F 128 40.41 -26.95 -11.15
CA SER F 128 40.60 -27.95 -12.21
C SER F 128 39.84 -27.64 -13.49
N SER F 129 38.85 -26.76 -13.46
CA SER F 129 38.02 -26.51 -14.63
C SER F 129 38.15 -25.06 -15.09
N SER F 130 38.22 -24.86 -16.41
CA SER F 130 38.26 -23.53 -16.99
C SER F 130 37.20 -22.64 -16.37
N GLY F 131 37.62 -21.47 -15.90
CA GLY F 131 36.71 -20.55 -15.27
C GLY F 131 36.65 -20.66 -13.78
N ASP F 132 37.27 -21.68 -13.18
CA ASP F 132 37.35 -21.78 -11.73
C ASP F 132 38.19 -20.65 -11.10
N ALA F 133 37.72 -20.14 -9.97
CA ALA F 133 38.45 -19.15 -9.20
C ALA F 133 38.46 -19.56 -7.73
N VAL F 134 39.53 -19.22 -7.01
CA VAL F 134 39.55 -19.44 -5.56
C VAL F 134 40.22 -18.25 -4.89
N ARG F 135 39.78 -17.93 -3.68
CA ARG F 135 40.46 -16.91 -2.91
C ARG F 135 41.70 -17.53 -2.27
N PHE F 136 42.81 -16.81 -2.32
CA PHE F 136 44.06 -17.22 -1.65
C PHE F 136 44.60 -15.96 -0.98
N GLY F 137 44.09 -15.70 0.21
CA GLY F 137 44.50 -14.52 0.95
C GLY F 137 44.14 -13.24 0.22
N PRO F 138 45.13 -12.38 -0.04
CA PRO F 138 44.82 -11.08 -0.65
C PRO F 138 44.54 -11.14 -2.15
N VAL F 139 44.54 -12.33 -2.77
CA VAL F 139 44.43 -12.43 -4.22
C VAL F 139 43.35 -13.45 -4.58
N GLU F 140 42.87 -13.35 -5.81
CA GLU F 140 42.08 -14.38 -6.41
C GLU F 140 42.94 -15.16 -7.39
N LEU F 141 42.86 -16.47 -7.32
CA LEU F 141 43.52 -17.35 -8.28
C LEU F 141 42.48 -17.79 -9.28
N PHE F 142 42.85 -17.74 -10.53
CA PHE F 142 41.92 -18.00 -11.62
C PHE F 142 42.56 -18.93 -12.64
N TYR F 143 41.88 -20.01 -12.95
CA TYR F 143 42.35 -20.88 -14.01
C TYR F 143 41.52 -20.53 -15.25
N PRO F 144 42.07 -19.82 -16.22
CA PRO F 144 41.24 -19.40 -17.36
C PRO F 144 41.04 -20.46 -18.45
N GLY F 145 41.68 -21.62 -18.30
CA GLY F 145 41.81 -22.63 -19.34
C GLY F 145 43.17 -22.61 -19.98
N ALA F 146 43.43 -23.65 -20.80
CA ALA F 146 44.71 -23.81 -21.48
C ALA F 146 45.08 -22.60 -22.32
N ALA F 147 46.39 -22.29 -22.32
CA ALA F 147 46.88 -21.16 -23.10
C ALA F 147 48.36 -21.32 -23.42
N HIS F 148 49.21 -20.55 -22.74
CA HIS F 148 50.65 -20.71 -22.86
C HIS F 148 51.07 -22.10 -22.43
N SER F 149 50.39 -22.63 -21.42
CA SER F 149 50.50 -24.03 -21.01
C SER F 149 49.10 -24.47 -20.64
N THR F 150 48.92 -25.77 -20.47
CA THR F 150 47.57 -26.25 -20.14
C THR F 150 47.19 -25.92 -18.71
N ASP F 151 48.18 -25.71 -17.84
CA ASP F 151 47.96 -25.51 -16.43
C ASP F 151 47.94 -24.03 -16.00
N ASN F 152 48.07 -23.05 -16.91
CA ASN F 152 48.50 -21.73 -16.47
C ASN F 152 47.41 -21.03 -15.67
N LEU F 153 47.82 -20.35 -14.59
CA LEU F 153 46.93 -19.61 -13.69
C LEU F 153 47.19 -18.12 -13.86
N VAL F 154 46.18 -17.32 -13.59
CA VAL F 154 46.38 -15.87 -13.49
C VAL F 154 45.94 -15.46 -12.10
N VAL F 155 46.47 -14.33 -11.64
CA VAL F 155 46.25 -13.85 -10.28
C VAL F 155 45.72 -12.43 -10.33
N TYR F 156 44.67 -12.15 -9.55
CA TYR F 156 44.10 -10.83 -9.43
C TYR F 156 44.14 -10.35 -7.98
N VAL F 157 44.57 -9.10 -7.80
CA VAL F 157 44.56 -8.44 -6.50
C VAL F 157 43.40 -7.45 -6.46
N PRO F 158 42.24 -7.81 -5.92
CA PRO F 158 41.06 -6.93 -6.10
C PRO F 158 41.26 -5.52 -5.56
N SER F 159 41.87 -5.36 -4.37
CA SER F 159 41.98 -4.04 -3.77
C SER F 159 42.92 -3.11 -4.53
N ALA F 160 43.81 -3.66 -5.37
CA ALA F 160 44.74 -2.85 -6.16
C ALA F 160 44.43 -2.82 -7.66
N SER F 161 43.46 -3.60 -8.13
CA SER F 161 43.13 -3.67 -9.56
C SER F 161 44.33 -4.13 -10.40
N VAL F 162 45.11 -5.07 -9.86
CA VAL F 162 46.32 -5.56 -10.52
C VAL F 162 46.05 -6.97 -11.00
N LEU F 163 46.22 -7.18 -12.29
CA LEU F 163 46.08 -8.50 -12.88
C LEU F 163 47.46 -9.02 -13.26
N TYR F 164 47.82 -10.18 -12.75
CA TYR F 164 49.12 -10.78 -13.05
C TYR F 164 48.77 -11.91 -14.00
N GLY F 165 49.05 -11.70 -15.29
CA GLY F 165 48.74 -12.67 -16.31
C GLY F 165 49.74 -13.79 -16.49
N GLY F 166 50.96 -13.67 -15.93
CA GLY F 166 51.95 -14.70 -16.17
C GLY F 166 52.18 -14.87 -17.67
N CYS F 167 52.66 -16.06 -18.06
CA CYS F 167 53.20 -16.20 -19.40
C CYS F 167 52.11 -16.39 -20.44
N ALA F 168 50.84 -16.48 -20.01
CA ALA F 168 49.67 -16.47 -20.90
C ALA F 168 49.39 -15.10 -21.50
N ILE F 169 50.04 -14.05 -20.99
CA ILE F 169 49.86 -12.65 -21.43
C ILE F 169 51.22 -12.13 -21.90
N TYR F 170 51.23 -11.51 -23.07
CA TYR F 170 52.42 -10.94 -23.70
C TYR F 170 52.48 -9.44 -23.47
N GLU F 171 53.67 -8.89 -23.44
CA GLU F 171 53.77 -7.45 -23.38
C GLU F 171 53.44 -6.86 -24.77
N LEU F 172 53.17 -5.55 -24.78
CA LEU F 172 52.63 -4.88 -25.99
C LEU F 172 53.65 -4.78 -27.14
N SER F 173 54.93 -4.62 -26.82
CA SER F 173 55.94 -4.53 -27.86
C SER F 173 56.18 -5.86 -28.55
N ARG F 174 55.65 -6.97 -28.03
CA ARG F 174 55.95 -8.28 -28.59
C ARG F 174 55.03 -8.56 -29.76
N THR F 175 55.61 -8.85 -30.92
CA THR F 175 54.84 -9.11 -32.15
C THR F 175 55.00 -10.54 -32.65
N SER F 176 55.66 -11.39 -31.90
CA SER F 176 55.83 -12.78 -32.31
C SER F 176 55.69 -13.67 -31.08
N ALA F 177 55.16 -14.88 -31.29
CA ALA F 177 54.80 -15.74 -30.18
C ALA F 177 56.02 -16.22 -29.41
N GLY F 178 57.16 -16.34 -30.05
CA GLY F 178 58.28 -16.97 -29.37
C GLY F 178 58.05 -18.47 -29.28
N ASN F 179 58.17 -19.03 -28.08
CA ASN F 179 58.18 -20.48 -27.91
C ASN F 179 56.92 -20.94 -27.17
N VAL F 180 56.12 -21.72 -27.89
CA VAL F 180 54.82 -22.18 -27.46
C VAL F 180 54.81 -23.71 -27.55
N ALA F 181 55.94 -24.30 -27.17
CA ALA F 181 56.13 -25.75 -27.15
C ALA F 181 55.04 -26.46 -26.37
N ASP F 182 54.51 -25.83 -25.33
CA ASP F 182 53.57 -26.51 -24.44
C ASP F 182 52.20 -25.86 -24.47
N ALA F 183 51.92 -25.07 -25.50
CA ALA F 183 50.77 -24.20 -25.56
C ALA F 183 49.61 -24.89 -26.24
N ASP F 184 48.40 -24.44 -25.92
CA ASP F 184 47.20 -24.87 -26.63
C ASP F 184 46.75 -23.67 -27.46
N LEU F 185 47.33 -23.54 -28.66
CA LEU F 185 47.04 -22.39 -29.50
C LEU F 185 45.55 -22.26 -29.81
N ALA F 186 44.84 -23.38 -29.93
CA ALA F 186 43.42 -23.30 -30.31
C ALA F 186 42.57 -22.78 -29.17
N GLU F 187 42.99 -23.05 -27.93
CA GLU F 187 42.26 -22.62 -26.75
C GLU F 187 42.68 -21.24 -26.21
N TRP F 188 43.88 -20.80 -26.53
CA TRP F 188 44.46 -19.60 -25.90
C TRP F 188 43.57 -18.36 -25.99
N PRO F 189 43.00 -18.00 -27.15
CA PRO F 189 42.12 -16.83 -27.17
C PRO F 189 40.86 -16.99 -26.35
N THR F 190 40.30 -18.21 -26.29
CA THR F 190 39.13 -18.44 -25.44
C THR F 190 39.49 -18.26 -23.96
N SER F 191 40.66 -18.71 -23.59
CA SER F 191 41.07 -18.51 -22.21
C SER F 191 41.28 -17.02 -21.90
N ILE F 192 41.84 -16.28 -22.85
CA ILE F 192 41.97 -14.84 -22.62
C ILE F 192 40.62 -14.16 -22.56
N GLU F 193 39.64 -14.61 -23.36
CA GLU F 193 38.27 -14.08 -23.23
C GLU F 193 37.72 -14.26 -21.82
N ARG F 194 37.96 -15.41 -21.20
CA ARG F 194 37.49 -15.60 -19.81
C ARG F 194 38.16 -14.62 -18.84
N ILE F 195 39.46 -14.37 -19.02
CA ILE F 195 40.14 -13.34 -18.23
C ILE F 195 39.46 -12.00 -18.44
N GLN F 196 39.30 -11.58 -19.71
CA GLN F 196 38.66 -10.31 -20.00
C GLN F 196 37.32 -10.19 -19.31
N GLN F 197 36.54 -11.28 -19.30
CA GLN F 197 35.20 -11.22 -18.75
C GLN F 197 35.21 -11.15 -17.23
N HIS F 198 36.22 -11.73 -16.56
CA HIS F 198 36.31 -11.71 -15.10
C HIS F 198 36.92 -10.38 -14.59
N TYR F 199 37.90 -9.81 -15.31
CA TYR F 199 38.75 -8.73 -14.77
C TYR F 199 38.80 -7.49 -15.66
N PRO F 200 37.64 -6.91 -16.00
CA PRO F 200 37.59 -5.77 -16.94
C PRO F 200 37.94 -4.42 -16.30
N GLU F 201 38.01 -4.32 -14.98
CA GLU F 201 38.46 -3.09 -14.39
C GLU F 201 39.93 -3.13 -14.07
N ALA F 202 40.63 -4.21 -14.44
CA ALA F 202 42.05 -4.29 -14.20
C ALA F 202 42.72 -3.04 -14.73
N GLN F 203 43.52 -2.37 -13.86
CA GLN F 203 44.20 -1.12 -14.22
C GLN F 203 45.70 -1.29 -14.47
N PHE F 204 46.26 -2.42 -14.05
CA PHE F 204 47.67 -2.69 -14.20
C PHE F 204 47.72 -4.17 -14.55
N VAL F 205 48.27 -4.50 -15.71
CA VAL F 205 48.29 -5.87 -16.22
C VAL F 205 49.73 -6.24 -16.44
N ILE F 206 50.19 -7.29 -15.76
CA ILE F 206 51.59 -7.67 -15.75
C ILE F 206 51.77 -8.89 -16.63
N PRO F 207 52.62 -8.85 -17.66
CA PRO F 207 52.95 -10.06 -18.40
C PRO F 207 53.98 -10.91 -17.66
N GLY F 208 54.11 -12.15 -18.11
CA GLY F 208 55.18 -12.97 -17.52
C GLY F 208 56.56 -12.49 -17.90
N HIS F 209 56.67 -11.76 -18.98
CA HIS F 209 57.97 -11.30 -19.48
C HIS F 209 57.77 -9.93 -20.09
N GLY F 210 58.51 -8.94 -19.62
CA GLY F 210 58.44 -7.62 -20.21
C GLY F 210 57.59 -6.62 -19.43
N LEU F 211 57.14 -5.58 -20.15
CA LEU F 211 56.60 -4.38 -19.50
C LEU F 211 55.12 -4.52 -19.15
N PRO F 212 54.72 -4.13 -17.93
CA PRO F 212 53.28 -4.04 -17.61
C PRO F 212 52.59 -2.98 -18.47
N GLY F 213 51.27 -3.07 -18.57
CA GLY F 213 50.48 -2.11 -19.31
C GLY F 213 49.06 -2.14 -18.73
N GLY F 214 48.09 -1.80 -19.58
CA GLY F 214 46.69 -1.91 -19.22
C GLY F 214 46.02 -3.12 -19.85
N LEU F 215 44.69 -3.05 -19.88
CA LEU F 215 43.87 -4.19 -20.34
C LEU F 215 44.19 -4.58 -21.78
N ASP F 216 44.79 -3.69 -22.54
CA ASP F 216 45.10 -3.99 -23.94
C ASP F 216 46.07 -5.15 -24.08
N LEU F 217 46.89 -5.43 -23.04
CA LEU F 217 47.77 -6.61 -23.14
C LEU F 217 46.98 -7.88 -23.43
N LEU F 218 45.72 -7.95 -23.00
CA LEU F 218 44.89 -9.14 -23.23
C LEU F 218 44.59 -9.32 -24.72
N LYS F 219 43.84 -8.38 -25.30
CA LYS F 219 43.51 -8.48 -26.70
C LYS F 219 44.76 -8.57 -27.56
N HIS F 220 45.79 -7.79 -27.24
CA HIS F 220 47.03 -7.90 -28.00
C HIS F 220 47.55 -9.34 -28.02
N THR F 221 47.60 -10.01 -26.85
CA THR F 221 48.10 -11.37 -26.82
C THR F 221 47.26 -12.27 -27.72
N THR F 222 45.94 -12.13 -27.66
CA THR F 222 45.11 -12.94 -28.52
C THR F 222 45.51 -12.75 -29.98
N ASN F 223 45.80 -11.51 -30.37
CA ASN F 223 46.17 -11.26 -31.78
C ASN F 223 47.50 -11.91 -32.13
N VAL F 224 48.49 -11.83 -31.23
CA VAL F 224 49.79 -12.41 -31.54
C VAL F 224 49.65 -13.92 -31.74
N VAL F 225 48.92 -14.57 -30.82
CA VAL F 225 48.69 -16.02 -30.88
C VAL F 225 47.99 -16.41 -32.17
N LYS F 226 46.91 -15.71 -32.51
CA LYS F 226 46.15 -16.05 -33.72
C LYS F 226 47.01 -15.92 -34.98
N ALA F 227 47.66 -14.78 -35.17
CA ALA F 227 48.62 -14.62 -36.25
C ALA F 227 49.58 -15.81 -36.36
N HIS F 228 50.25 -16.18 -35.26
CA HIS F 228 51.13 -17.34 -35.24
C HIS F 228 50.46 -18.59 -35.81
N THR F 229 49.13 -18.70 -35.68
CA THR F 229 48.37 -19.90 -36.03
C THR F 229 48.08 -20.02 -37.53
N ASN F 230 47.91 -18.90 -38.22
CA ASN F 230 47.58 -18.92 -39.64
C ASN F 230 48.83 -18.89 -40.53
N ALA F 231 50.00 -18.62 -39.94
CA ALA F 231 51.27 -18.58 -40.68
C ALA F 231 52.44 -18.85 -39.75
N ALA G 1 -53.37 28.69 5.63
CA ALA G 1 -53.04 29.82 6.48
C ALA G 1 -52.66 29.41 7.93
N TYR G 2 -51.45 29.70 8.33
CA TYR G 2 -50.94 29.22 9.60
C TYR G 2 -51.42 30.14 10.73
N PRO G 3 -51.92 29.60 11.85
CA PRO G 3 -52.49 30.50 12.86
C PRO G 3 -51.41 31.35 13.51
N THR G 4 -51.78 32.59 13.85
CA THR G 4 -50.87 33.56 14.41
C THR G 4 -51.27 33.92 15.83
N VAL G 5 -50.31 34.48 16.56
CA VAL G 5 -50.48 34.70 18.00
C VAL G 5 -51.74 35.50 18.31
N SER G 6 -52.07 36.47 17.45
CA SER G 6 -53.23 37.32 17.71
C SER G 6 -54.55 36.57 17.50
N GLU G 7 -54.54 35.41 16.84
CA GLU G 7 -55.76 34.69 16.50
C GLU G 7 -56.09 33.55 17.47
N ILE G 8 -55.25 33.28 18.45
CA ILE G 8 -55.40 32.14 19.36
C ILE G 8 -55.55 32.67 20.78
N PRO G 9 -56.76 32.71 21.32
CA PRO G 9 -56.93 33.03 22.73
C PRO G 9 -56.14 32.05 23.59
N VAL G 10 -55.50 32.58 24.63
CA VAL G 10 -54.83 31.71 25.59
C VAL G 10 -55.82 30.68 26.11
N GLY G 11 -55.45 29.41 26.01
CA GLY G 11 -56.30 28.29 26.40
C GLY G 11 -56.81 27.47 25.25
N GLU G 12 -56.74 28.00 24.03
CA GLU G 12 -57.11 27.28 22.83
C GLU G 12 -55.85 26.77 22.13
N VAL G 13 -55.98 25.59 21.53
CA VAL G 13 -54.91 24.95 20.76
C VAL G 13 -55.42 24.69 19.36
N ARG G 14 -54.59 25.04 18.37
CA ARG G 14 -54.89 24.76 16.97
C ARG G 14 -53.97 23.64 16.49
N LEU G 15 -54.45 22.91 15.49
CA LEU G 15 -53.69 21.89 14.78
C LEU G 15 -53.54 22.33 13.33
N TYR G 16 -52.31 22.30 12.82
CA TYR G 16 -52.04 22.70 11.45
C TYR G 16 -51.42 21.50 10.74
N GLN G 17 -52.03 21.08 9.63
CA GLN G 17 -51.55 19.91 8.90
C GLN G 17 -50.49 20.33 7.89
N ILE G 18 -49.28 19.80 8.04
CA ILE G 18 -48.14 20.15 7.18
C ILE G 18 -47.99 19.19 6.01
N ALA G 19 -48.24 17.91 6.25
CA ALA G 19 -48.09 16.86 5.25
C ALA G 19 -48.78 15.61 5.78
N ASP G 20 -48.81 14.55 4.97
CA ASP G 20 -49.38 13.29 5.41
C ASP G 20 -48.78 12.90 6.74
N GLY G 21 -49.65 12.74 7.73
CA GLY G 21 -49.24 12.23 9.03
C GLY G 21 -48.34 13.14 9.85
N VAL G 22 -48.28 14.43 9.53
CA VAL G 22 -47.44 15.40 10.22
C VAL G 22 -48.26 16.67 10.49
N TRP G 23 -48.35 17.06 11.76
CA TRP G 23 -48.98 18.32 12.13
C TRP G 23 -48.06 19.13 13.03
N SER G 24 -48.32 20.42 13.08
CA SER G 24 -47.83 21.24 14.17
C SER G 24 -49.01 21.49 15.09
N HIS G 25 -48.72 21.68 16.36
CA HIS G 25 -49.74 22.21 17.26
C HIS G 25 -49.30 23.59 17.71
N ILE G 26 -50.29 24.50 17.83
CA ILE G 26 -50.05 25.89 18.17
C ILE G 26 -50.97 26.31 19.32
N ALA G 27 -50.40 26.96 20.30
CA ALA G 27 -51.13 27.48 21.44
C ALA G 27 -50.51 28.80 21.81
N THR G 28 -51.05 29.44 22.85
CA THR G 28 -50.54 30.71 23.34
C THR G 28 -50.51 30.71 24.86
N GLN G 29 -49.76 31.65 25.40
CA GLN G 29 -49.57 31.69 26.82
C GLN G 29 -48.99 33.05 27.19
N SER G 30 -49.37 33.53 28.37
CA SER G 30 -48.85 34.80 28.84
C SER G 30 -47.57 34.57 29.63
N PHE G 31 -46.58 35.42 29.41
CA PHE G 31 -45.29 35.29 30.08
C PHE G 31 -44.56 36.62 30.01
N ASP G 32 -44.06 37.09 31.14
CA ASP G 32 -43.36 38.38 31.21
C ASP G 32 -44.21 39.46 30.57
N GLY G 33 -45.47 39.50 31.01
CA GLY G 33 -46.41 40.55 30.61
C GLY G 33 -46.99 40.42 29.22
N ALA G 34 -46.56 39.45 28.41
CA ALA G 34 -47.00 39.36 27.03
C ALA G 34 -47.64 38.00 26.77
N VAL G 35 -48.30 37.89 25.62
CA VAL G 35 -48.79 36.61 25.12
C VAL G 35 -47.90 36.20 23.95
N TYR G 36 -47.36 34.96 24.03
CA TYR G 36 -46.51 34.34 23.02
C TYR G 36 -47.24 33.18 22.36
N PRO G 37 -47.13 32.99 21.06
CA PRO G 37 -47.52 31.71 20.48
C PRO G 37 -46.43 30.68 20.73
N SER G 38 -46.77 29.41 20.50
CA SER G 38 -45.76 28.37 20.70
C SER G 38 -46.14 27.14 19.89
N ASN G 39 -45.14 26.52 19.25
CA ASN G 39 -45.35 25.36 18.39
C ASN G 39 -44.80 24.08 19.03
N GLY G 40 -45.46 22.97 18.69
CA GLY G 40 -44.87 21.65 18.83
C GLY G 40 -45.21 20.85 17.59
N LEU G 41 -44.98 19.54 17.63
CA LEU G 41 -45.20 18.67 16.49
C LEU G 41 -46.08 17.49 16.86
N ILE G 42 -46.78 16.96 15.84
CA ILE G 42 -47.53 15.71 15.89
C ILE G 42 -47.17 14.87 14.66
N VAL G 43 -46.61 13.66 14.89
CA VAL G 43 -46.20 12.78 13.80
C VAL G 43 -46.88 11.44 13.96
N ARG G 44 -47.57 11.02 12.91
CA ARG G 44 -48.18 9.70 12.90
C ARG G 44 -47.11 8.62 12.91
N ASP G 45 -47.39 7.54 13.67
CA ASP G 45 -46.47 6.44 13.95
C ASP G 45 -47.30 5.14 13.84
N GLY G 46 -47.65 4.78 12.60
CA GLY G 46 -48.60 3.71 12.38
C GLY G 46 -50.02 4.10 12.77
N ASP G 47 -50.49 3.47 13.85
CA ASP G 47 -51.81 3.71 14.43
C ASP G 47 -51.75 4.61 15.65
N GLU G 48 -50.56 5.06 16.04
CA GLU G 48 -50.35 5.87 17.22
C GLU G 48 -49.88 7.25 16.77
N LEU G 49 -49.65 8.13 17.73
CA LEU G 49 -49.11 9.46 17.47
C LEU G 49 -47.93 9.67 18.40
N LEU G 50 -46.90 10.32 17.85
CA LEU G 50 -45.78 10.82 18.62
C LEU G 50 -45.95 12.33 18.75
N LEU G 51 -45.71 12.84 19.95
CA LEU G 51 -45.90 14.25 20.27
C LEU G 51 -44.55 14.87 20.55
N ILE G 52 -44.30 16.02 19.93
CA ILE G 52 -43.11 16.81 20.24
C ILE G 52 -43.58 18.06 21.00
N ASP G 53 -43.22 18.10 22.28
CA ASP G 53 -43.43 19.18 23.25
C ASP G 53 -44.88 19.32 23.69
N THR G 54 -45.08 19.81 24.92
CA THR G 54 -46.41 20.09 25.40
C THR G 54 -46.95 21.36 24.73
N ALA G 55 -48.17 21.76 25.12
CA ALA G 55 -48.77 22.98 24.59
C ALA G 55 -48.63 24.13 25.58
N TRP G 56 -47.67 24.02 26.50
CA TRP G 56 -47.28 25.11 27.40
C TRP G 56 -48.26 25.28 28.56
N GLY G 57 -48.18 24.37 29.54
CA GLY G 57 -49.01 24.40 30.73
C GLY G 57 -50.06 23.30 30.72
N ALA G 58 -50.64 23.05 31.89
CA ALA G 58 -51.56 21.92 32.02
C ALA G 58 -52.85 22.14 31.25
N LYS G 59 -53.45 23.32 31.38
CA LYS G 59 -54.72 23.59 30.72
C LYS G 59 -54.59 23.52 29.19
N ASN G 60 -53.56 24.15 28.64
CA ASN G 60 -53.30 24.05 27.20
C ASN G 60 -53.11 22.60 26.78
N THR G 61 -52.31 21.84 27.53
CA THR G 61 -52.01 20.48 27.08
C THR G 61 -53.26 19.61 27.12
N ALA G 62 -54.10 19.78 28.16
CA ALA G 62 -55.39 19.08 28.17
C ALA G 62 -56.21 19.46 26.95
N ALA G 63 -56.16 20.75 26.58
CA ALA G 63 -56.82 21.18 25.36
C ALA G 63 -56.22 20.52 24.12
N LEU G 64 -54.89 20.41 24.08
CA LEU G 64 -54.23 19.71 22.97
C LEU G 64 -54.78 18.29 22.81
N LEU G 65 -54.75 17.52 23.90
CA LEU G 65 -55.17 16.11 23.84
C LEU G 65 -56.62 16.01 23.39
N ALA G 66 -57.47 16.92 23.84
CA ALA G 66 -58.86 16.93 23.38
C ALA G 66 -58.95 17.18 21.87
N GLU G 67 -58.20 18.17 21.38
CA GLU G 67 -58.26 18.50 19.95
C GLU G 67 -57.66 17.40 19.08
N ILE G 68 -56.61 16.72 19.56
CA ILE G 68 -56.10 15.57 18.82
C ILE G 68 -57.19 14.51 18.68
N GLU G 69 -57.85 14.14 19.79
CA GLU G 69 -58.89 13.11 19.75
C GLU G 69 -60.06 13.52 18.85
N LYS G 70 -60.37 14.81 18.82
CA LYS G 70 -61.48 15.28 18.01
C LYS G 70 -61.11 15.29 16.53
N GLN G 71 -59.88 15.68 16.19
CA GLN G 71 -59.53 15.97 14.81
C GLN G 71 -58.73 14.86 14.15
N ILE G 72 -57.94 14.09 14.89
CA ILE G 72 -57.12 13.06 14.29
C ILE G 72 -57.59 11.65 14.65
N GLY G 73 -58.17 11.44 15.82
CA GLY G 73 -58.71 10.13 16.17
C GLY G 73 -57.68 9.04 16.41
N LEU G 74 -56.45 9.40 16.79
CA LEU G 74 -55.43 8.42 17.12
C LEU G 74 -54.86 8.74 18.50
N PRO G 75 -54.36 7.73 19.20
CA PRO G 75 -53.78 7.97 20.52
C PRO G 75 -52.34 8.49 20.48
N VAL G 76 -52.08 9.45 21.36
CA VAL G 76 -50.72 9.88 21.65
C VAL G 76 -50.14 8.88 22.63
N THR G 77 -49.13 8.12 22.20
CA THR G 77 -48.50 7.12 23.04
C THR G 77 -47.19 7.60 23.64
N ARG G 78 -46.45 8.42 22.90
CA ARG G 78 -45.17 8.91 23.38
C ARG G 78 -45.07 10.40 23.14
N ALA G 79 -44.27 11.06 23.97
CA ALA G 79 -44.02 12.49 23.85
C ALA G 79 -42.58 12.79 24.16
N VAL G 80 -42.00 13.72 23.39
CA VAL G 80 -40.66 14.22 23.64
C VAL G 80 -40.72 15.70 23.97
N SER G 81 -40.01 16.10 25.01
CA SER G 81 -39.77 17.51 25.30
C SER G 81 -38.34 17.86 24.90
N THR G 82 -38.21 18.91 24.09
CA THR G 82 -36.95 19.30 23.45
C THR G 82 -36.08 20.18 24.31
N HIS G 83 -36.56 20.60 25.47
CA HIS G 83 -35.73 21.16 26.53
C HIS G 83 -36.63 21.40 27.74
N PHE G 84 -36.03 21.94 28.81
CA PHE G 84 -36.54 21.86 30.17
C PHE G 84 -37.45 23.03 30.58
N HIS G 85 -37.68 23.98 29.69
CA HIS G 85 -38.51 25.12 30.02
C HIS G 85 -40.01 24.74 29.93
N ASP G 86 -40.84 25.60 30.53
CA ASP G 86 -42.26 25.31 30.71
C ASP G 86 -43.02 25.19 29.39
N ASP G 87 -42.61 25.89 28.33
CA ASP G 87 -43.31 25.70 27.07
C ASP G 87 -43.03 24.34 26.40
N ARG G 88 -42.17 23.52 27.00
CA ARG G 88 -41.86 22.20 26.47
C ARG G 88 -42.19 21.06 27.43
N VAL G 89 -42.06 21.27 28.74
CA VAL G 89 -42.41 20.28 29.76
C VAL G 89 -43.65 20.64 30.57
N GLY G 90 -44.08 21.90 30.57
CA GLY G 90 -45.29 22.31 31.24
C GLY G 90 -46.48 21.61 30.63
N GLY G 91 -47.15 20.77 31.42
CA GLY G 91 -48.13 19.83 30.89
C GLY G 91 -47.68 18.38 30.82
N VAL G 92 -46.42 18.07 31.14
CA VAL G 92 -46.01 16.66 31.16
C VAL G 92 -46.81 15.87 32.20
N ASP G 93 -47.09 16.46 33.37
CA ASP G 93 -47.91 15.76 34.35
C ASP G 93 -49.27 15.39 33.75
N VAL G 94 -49.82 16.23 32.85
CA VAL G 94 -51.10 15.92 32.19
C VAL G 94 -50.96 14.75 31.22
N LEU G 95 -49.93 14.77 30.36
CA LEU G 95 -49.71 13.65 29.44
C LEU G 95 -49.55 12.33 30.19
N ARG G 96 -48.70 12.32 31.22
CA ARG G 96 -48.52 11.15 32.07
C ARG G 96 -49.86 10.57 32.50
N ALA G 97 -50.67 11.37 33.19
CA ALA G 97 -52.00 10.94 33.64
C ALA G 97 -52.86 10.41 32.50
N ALA G 98 -52.69 10.92 31.28
CA ALA G 98 -53.46 10.38 30.16
C ALA G 98 -52.87 9.08 29.62
N GLY G 99 -51.77 8.60 30.18
CA GLY G 99 -51.15 7.37 29.67
C GLY G 99 -50.03 7.56 28.68
N VAL G 100 -49.63 8.80 28.39
CA VAL G 100 -48.53 9.05 27.46
C VAL G 100 -47.21 8.80 28.17
N ALA G 101 -46.31 8.09 27.50
CA ALA G 101 -44.94 7.96 28.01
C ALA G 101 -44.14 9.19 27.62
N THR G 102 -43.55 9.85 28.59
CA THR G 102 -42.87 11.12 28.36
C THR G 102 -41.37 10.91 28.39
N TYR G 103 -40.69 11.54 27.42
CA TYR G 103 -39.26 11.39 27.21
C TYR G 103 -38.59 12.75 27.17
N ALA G 104 -37.36 12.80 27.66
CA ALA G 104 -36.46 13.92 27.44
C ALA G 104 -35.05 13.35 27.59
N SER G 105 -34.06 14.12 27.16
CA SER G 105 -32.67 13.75 27.44
C SER G 105 -32.43 13.77 28.95
N PRO G 106 -31.38 13.08 29.40
CA PRO G 106 -30.96 13.20 30.83
C PRO G 106 -30.70 14.61 31.30
N SER G 107 -30.01 15.44 30.49
CA SER G 107 -29.79 16.83 30.87
C SER G 107 -31.11 17.57 31.04
N THR G 108 -31.99 17.47 30.04
CA THR G 108 -33.32 18.09 30.18
C THR G 108 -33.99 17.68 31.49
N ARG G 109 -34.11 16.38 31.75
CA ARG G 109 -34.75 15.93 32.99
C ARG G 109 -34.08 16.50 34.24
N ARG G 110 -32.74 16.52 34.26
CA ARG G 110 -32.01 17.07 35.41
C ARG G 110 -32.20 18.58 35.53
N LEU G 111 -32.24 19.29 34.40
CA LEU G 111 -32.42 20.73 34.48
C LEU G 111 -33.84 21.10 34.91
N ALA G 112 -34.83 20.39 34.36
CA ALA G 112 -36.22 20.55 34.79
C ALA G 112 -36.35 20.39 36.30
N GLU G 113 -35.71 19.35 36.87
CA GLU G 113 -35.79 19.09 38.30
C GLU G 113 -35.27 20.28 39.09
N VAL G 114 -34.01 20.65 38.83
CA VAL G 114 -33.40 21.81 39.48
C VAL G 114 -34.32 23.03 39.40
N GLU G 115 -35.07 23.16 38.31
CA GLU G 115 -35.90 24.34 38.07
C GLU G 115 -37.27 24.27 38.74
N GLY G 116 -37.69 23.11 39.21
CA GLY G 116 -39.02 23.00 39.73
C GLY G 116 -40.08 22.74 38.69
N ASN G 117 -39.70 22.44 37.46
CA ASN G 117 -40.66 22.14 36.41
C ASN G 117 -41.00 20.66 36.41
N GLU G 118 -42.03 20.34 35.65
CA GLU G 118 -42.45 18.95 35.49
C GLU G 118 -41.36 18.18 34.75
N ILE G 119 -41.19 16.92 35.12
CA ILE G 119 -40.00 16.18 34.71
C ILE G 119 -40.46 15.01 33.86
N PRO G 120 -40.16 14.98 32.56
CA PRO G 120 -40.47 13.80 31.74
C PRO G 120 -39.88 12.53 32.35
N THR G 121 -40.61 11.42 32.18
CA THR G 121 -40.32 10.20 32.93
C THR G 121 -39.05 9.53 32.43
N HIS G 122 -38.95 9.33 31.11
CA HIS G 122 -37.92 8.48 30.49
C HIS G 122 -36.75 9.27 29.91
N SER G 123 -35.53 8.78 30.12
CA SER G 123 -34.36 9.39 29.55
C SER G 123 -34.12 8.90 28.12
N LEU G 124 -33.72 9.82 27.24
CA LEU G 124 -33.35 9.46 25.88
C LEU G 124 -31.85 9.27 25.84
N GLU G 125 -31.42 8.09 25.45
CA GLU G 125 -30.00 7.80 25.36
C GLU G 125 -29.46 8.17 23.98
N GLY G 126 -28.15 8.45 23.92
CA GLY G 126 -27.48 8.67 22.66
C GLY G 126 -27.46 10.09 22.14
N LEU G 127 -27.75 11.09 23.01
CA LEU G 127 -27.88 12.49 22.61
C LEU G 127 -26.97 13.42 23.41
N SER G 128 -25.94 12.88 24.06
CA SER G 128 -25.21 13.67 25.04
C SER G 128 -24.15 14.55 24.43
N SER G 129 -23.78 14.35 23.17
CA SER G 129 -22.71 15.14 22.58
C SER G 129 -23.21 15.81 21.29
N SER G 130 -22.79 17.05 21.11
CA SER G 130 -23.15 17.83 19.93
C SER G 130 -22.94 17.01 18.67
N GLY G 131 -23.90 17.12 17.73
CA GLY G 131 -23.93 16.36 16.51
C GLY G 131 -24.50 14.96 16.62
N ASP G 132 -24.80 14.49 17.83
CA ASP G 132 -25.45 13.19 18.01
C ASP G 132 -26.88 13.19 17.49
N ALA G 133 -27.25 12.10 16.83
CA ALA G 133 -28.60 11.88 16.35
C ALA G 133 -29.05 10.48 16.71
N VAL G 134 -30.34 10.34 16.99
CA VAL G 134 -30.97 9.06 17.29
C VAL G 134 -32.32 9.05 16.60
N ARG G 135 -32.70 7.89 16.09
CA ARG G 135 -34.04 7.67 15.56
C ARG G 135 -34.98 7.40 16.72
N PHE G 136 -36.21 7.87 16.59
CA PHE G 136 -37.23 7.70 17.63
C PHE G 136 -38.56 7.68 16.89
N GLY G 137 -38.99 6.47 16.52
CA GLY G 137 -40.18 6.29 15.73
C GLY G 137 -40.04 6.97 14.38
N PRO G 138 -41.07 7.70 13.94
CA PRO G 138 -41.03 8.30 12.60
C PRO G 138 -40.17 9.55 12.48
N VAL G 139 -39.41 9.91 13.51
CA VAL G 139 -38.59 11.12 13.49
C VAL G 139 -37.16 10.78 13.86
N GLU G 140 -36.31 11.77 13.65
CA GLU G 140 -34.95 11.79 14.14
C GLU G 140 -34.84 12.89 15.18
N LEU G 141 -34.17 12.60 16.27
CA LEU G 141 -33.82 13.60 17.26
C LEU G 141 -32.34 13.92 17.10
N PHE G 142 -32.01 15.20 17.22
CA PHE G 142 -30.67 15.71 16.97
C PHE G 142 -30.31 16.69 18.07
N TYR G 143 -29.17 16.46 18.74
CA TYR G 143 -28.61 17.45 19.64
C TYR G 143 -27.58 18.30 18.90
N PRO G 144 -27.88 19.56 18.58
CA PRO G 144 -26.91 20.42 17.90
C PRO G 144 -25.85 21.04 18.78
N GLY G 145 -25.97 20.91 20.09
CA GLY G 145 -25.16 21.67 21.01
C GLY G 145 -25.94 22.80 21.65
N ALA G 146 -25.30 23.40 22.66
CA ALA G 146 -25.92 24.47 23.44
C ALA G 146 -26.31 25.63 22.53
N ALA G 147 -27.44 26.26 22.86
CA ALA G 147 -27.89 27.38 22.06
C ALA G 147 -28.88 28.18 22.89
N HIS G 148 -30.19 27.99 22.63
CA HIS G 148 -31.22 28.61 23.45
C HIS G 148 -31.13 28.11 24.88
N SER G 149 -30.80 26.84 25.04
CA SER G 149 -30.49 26.23 26.32
C SER G 149 -29.39 25.23 26.06
N THR G 150 -28.76 24.78 27.14
CA THR G 150 -27.70 23.80 26.98
C THR G 150 -28.22 22.48 26.47
N ASP G 151 -29.51 22.17 26.69
CA ASP G 151 -30.06 20.85 26.40
C ASP G 151 -30.93 20.78 25.16
N ASN G 152 -31.10 21.87 24.40
CA ASN G 152 -32.16 21.85 23.41
C ASN G 152 -31.93 20.79 22.33
N LEU G 153 -33.02 20.13 21.94
CA LEU G 153 -33.05 19.18 20.84
C LEU G 153 -33.76 19.79 19.66
N VAL G 154 -33.42 19.29 18.47
CA VAL G 154 -34.26 19.51 17.28
C VAL G 154 -34.74 18.15 16.76
N VAL G 155 -35.70 18.20 15.86
CA VAL G 155 -36.50 17.05 15.48
C VAL G 155 -36.77 17.13 13.99
N TYR G 156 -36.53 16.02 13.28
CA TYR G 156 -36.66 16.01 11.84
C TYR G 156 -37.57 14.88 11.41
N VAL G 157 -38.45 15.16 10.46
CA VAL G 157 -39.38 14.16 9.96
C VAL G 157 -39.00 13.79 8.53
N PRO G 158 -38.29 12.67 8.34
CA PRO G 158 -37.78 12.32 7.00
C PRO G 158 -38.86 12.18 5.93
N SER G 159 -40.05 11.66 6.29
CA SER G 159 -41.09 11.48 5.29
C SER G 159 -41.61 12.79 4.72
N ALA G 160 -41.41 13.92 5.39
CA ALA G 160 -41.96 15.19 4.92
C ALA G 160 -40.95 16.32 4.81
N SER G 161 -39.67 16.08 5.13
CA SER G 161 -38.64 17.13 5.09
C SER G 161 -39.00 18.28 6.03
N VAL G 162 -39.55 17.94 7.20
CA VAL G 162 -39.93 18.92 8.21
C VAL G 162 -38.89 18.94 9.32
N LEU G 163 -38.38 20.12 9.64
CA LEU G 163 -37.36 20.31 10.66
C LEU G 163 -37.92 21.20 11.74
N TYR G 164 -38.09 20.65 12.95
CA TYR G 164 -38.63 21.40 14.09
C TYR G 164 -37.44 21.83 14.94
N GLY G 165 -37.21 23.16 14.96
CA GLY G 165 -36.05 23.73 15.60
C GLY G 165 -36.20 23.99 17.07
N GLY G 166 -37.45 24.00 17.55
CA GLY G 166 -37.70 24.38 18.92
C GLY G 166 -37.27 25.83 19.13
N CYS G 167 -36.99 26.15 20.39
CA CYS G 167 -36.68 27.52 20.74
C CYS G 167 -35.25 27.93 20.39
N ALA G 168 -34.47 27.05 19.78
CA ALA G 168 -33.17 27.44 19.22
C ALA G 168 -33.29 28.17 17.88
N ILE G 169 -34.47 28.11 17.25
CA ILE G 169 -34.75 28.76 15.98
C ILE G 169 -35.86 29.79 16.18
N TYR G 170 -35.59 31.02 15.74
CA TYR G 170 -36.55 32.12 15.78
C TYR G 170 -37.31 32.25 14.46
N GLU G 171 -38.57 32.70 14.57
CA GLU G 171 -39.34 33.08 13.39
C GLU G 171 -38.79 34.40 12.82
N LEU G 172 -39.08 34.64 11.53
CA LEU G 172 -38.53 35.81 10.85
C LEU G 172 -39.02 37.10 11.50
N SER G 173 -40.24 37.11 12.01
CA SER G 173 -40.80 38.34 12.54
C SER G 173 -40.23 38.70 13.90
N ARG G 174 -39.45 37.79 14.48
CA ARG G 174 -38.78 38.04 15.76
C ARG G 174 -37.41 38.60 15.41
N THR G 175 -37.17 39.88 15.73
CA THR G 175 -35.92 40.53 15.39
C THR G 175 -35.05 40.84 16.60
N SER G 176 -35.46 40.44 17.80
CA SER G 176 -34.66 40.62 19.01
C SER G 176 -34.71 39.35 19.84
N ALA G 177 -33.68 39.18 20.67
CA ALA G 177 -33.47 37.92 21.37
C ALA G 177 -34.64 37.58 22.29
N GLY G 178 -35.05 38.52 23.12
CA GLY G 178 -35.94 38.13 24.18
C GLY G 178 -35.18 37.39 25.27
N ASN G 179 -35.47 36.09 25.48
CA ASN G 179 -35.09 35.40 26.71
C ASN G 179 -33.91 34.48 26.46
N VAL G 180 -32.76 34.86 27.03
CA VAL G 180 -31.50 34.18 26.79
C VAL G 180 -30.83 33.89 28.12
N ALA G 181 -31.60 33.91 29.20
CA ALA G 181 -31.01 33.70 30.51
C ALA G 181 -30.32 32.35 30.59
N ASP G 182 -30.85 31.34 29.90
CA ASP G 182 -30.31 30.00 29.95
C ASP G 182 -29.52 29.63 28.69
N ALA G 183 -29.16 30.63 27.90
CA ALA G 183 -28.59 30.40 26.58
C ALA G 183 -27.07 30.47 26.63
N ASP G 184 -26.44 29.73 25.73
CA ASP G 184 -25.02 29.91 25.43
C ASP G 184 -24.96 30.73 24.15
N LEU G 185 -24.83 32.05 24.29
CA LEU G 185 -24.82 32.90 23.10
C LEU G 185 -23.56 32.66 22.26
N ALA G 186 -22.46 32.26 22.89
CA ALA G 186 -21.19 32.03 22.18
C ALA G 186 -21.26 30.80 21.29
N GLU G 187 -21.94 29.74 21.74
CA GLU G 187 -22.06 28.48 21.02
C GLU G 187 -23.24 28.46 20.06
N TRP G 188 -24.25 29.30 20.30
CA TRP G 188 -25.50 29.20 19.55
C TRP G 188 -25.29 29.30 18.05
N PRO G 189 -24.48 30.22 17.53
CA PRO G 189 -24.27 30.22 16.07
C PRO G 189 -23.66 28.93 15.57
N THR G 190 -22.72 28.36 16.31
CA THR G 190 -22.06 27.12 15.93
C THR G 190 -23.03 25.95 15.97
N SER G 191 -23.93 25.96 16.95
CA SER G 191 -24.96 24.94 17.01
C SER G 191 -25.93 25.06 15.84
N ILE G 192 -26.27 26.29 15.45
CA ILE G 192 -27.07 26.47 14.23
C ILE G 192 -26.33 25.90 13.03
N GLU G 193 -25.03 26.19 12.91
CA GLU G 193 -24.25 25.61 11.82
C GLU G 193 -24.38 24.10 11.80
N ARG G 194 -24.40 23.46 12.98
CA ARG G 194 -24.58 22.01 13.00
C ARG G 194 -25.90 21.61 12.41
N ILE G 195 -26.96 22.37 12.69
CA ILE G 195 -28.27 22.00 12.18
C ILE G 195 -28.25 22.08 10.66
N GLN G 196 -27.66 23.17 10.14
CA GLN G 196 -27.61 23.40 8.71
C GLN G 196 -26.86 22.29 7.99
N GLN G 197 -25.77 21.84 8.60
CA GLN G 197 -24.94 20.83 7.96
C GLN G 197 -25.57 19.46 8.08
N HIS G 198 -26.43 19.24 9.06
CA HIS G 198 -27.05 17.93 9.18
C HIS G 198 -28.31 17.82 8.33
N TYR G 199 -28.98 18.96 8.07
CA TYR G 199 -30.25 19.01 7.36
C TYR G 199 -30.18 20.02 6.23
N PRO G 200 -29.23 19.84 5.30
CA PRO G 200 -29.01 20.85 4.26
C PRO G 200 -30.16 21.03 3.28
N GLU G 201 -31.07 20.05 3.15
CA GLU G 201 -32.17 20.12 2.20
C GLU G 201 -33.54 20.23 2.87
N ALA G 202 -33.59 20.44 4.18
CA ALA G 202 -34.88 20.57 4.87
C ALA G 202 -35.75 21.61 4.19
N GLN G 203 -37.02 21.24 3.93
CA GLN G 203 -37.94 22.12 3.21
C GLN G 203 -38.71 23.05 4.13
N PHE G 204 -39.17 22.52 5.26
CA PHE G 204 -40.18 23.16 6.10
C PHE G 204 -39.56 23.23 7.49
N VAL G 205 -39.24 24.45 7.94
CA VAL G 205 -38.58 24.71 9.21
C VAL G 205 -39.55 25.44 10.15
N ILE G 206 -39.73 24.89 11.34
CA ILE G 206 -40.73 25.37 12.30
C ILE G 206 -40.00 25.93 13.51
N PRO G 207 -40.08 27.23 13.80
CA PRO G 207 -39.48 27.75 15.03
C PRO G 207 -40.27 27.27 16.24
N GLY G 208 -39.64 27.45 17.39
CA GLY G 208 -40.33 27.18 18.65
C GLY G 208 -41.54 28.07 18.88
N HIS G 209 -41.48 29.32 18.42
CA HIS G 209 -42.60 30.27 18.51
C HIS G 209 -42.77 30.99 17.19
N GLY G 210 -43.98 30.98 16.65
CA GLY G 210 -44.23 31.73 15.45
C GLY G 210 -44.28 30.92 14.16
N LEU G 211 -44.17 31.66 13.04
CA LEU G 211 -44.48 31.15 11.71
C LEU G 211 -43.36 30.25 11.17
N PRO G 212 -43.72 29.18 10.47
CA PRO G 212 -42.71 28.37 9.78
C PRO G 212 -42.11 29.09 8.59
N GLY G 213 -40.97 28.59 8.16
CA GLY G 213 -40.29 29.09 6.98
C GLY G 213 -39.45 28.01 6.34
N GLY G 214 -38.34 28.43 5.73
CA GLY G 214 -37.32 27.53 5.25
C GLY G 214 -36.05 27.64 6.09
N LEU G 215 -34.94 27.13 5.51
CA LEU G 215 -33.63 27.20 6.16
C LEU G 215 -33.18 28.66 6.35
N ASP G 216 -33.84 29.61 5.71
CA ASP G 216 -33.57 31.03 5.98
C ASP G 216 -33.78 31.37 7.44
N LEU G 217 -34.65 30.63 8.14
CA LEU G 217 -34.83 30.85 9.58
C LEU G 217 -33.54 30.65 10.34
N LEU G 218 -32.66 29.78 9.85
CA LEU G 218 -31.44 29.50 10.60
C LEU G 218 -30.48 30.68 10.54
N LYS G 219 -30.29 31.24 9.34
CA LYS G 219 -29.43 32.42 9.20
C LYS G 219 -30.04 33.62 9.91
N HIS G 220 -31.35 33.81 9.75
CA HIS G 220 -32.08 34.82 10.52
C HIS G 220 -31.79 34.67 12.02
N THR G 221 -31.96 33.45 12.55
CA THR G 221 -31.70 33.27 13.96
C THR G 221 -30.28 33.68 14.31
N THR G 222 -29.29 33.31 13.49
CA THR G 222 -27.91 33.63 13.87
C THR G 222 -27.69 35.15 13.87
N ASN G 223 -28.27 35.86 12.91
CA ASN G 223 -28.13 37.32 12.90
C ASN G 223 -28.73 37.93 14.16
N VAL G 224 -29.94 37.51 14.54
CA VAL G 224 -30.54 38.02 15.78
C VAL G 224 -29.63 37.75 16.98
N VAL G 225 -29.15 36.51 17.09
CA VAL G 225 -28.37 36.13 18.25
C VAL G 225 -27.08 36.93 18.32
N LYS G 226 -26.38 37.04 17.19
CA LYS G 226 -25.12 37.78 17.18
C LYS G 226 -25.33 39.27 17.43
N ALA G 227 -26.43 39.83 16.92
CA ALA G 227 -26.74 41.23 17.20
C ALA G 227 -26.86 41.48 18.70
N HIS G 228 -27.71 40.71 19.37
CA HIS G 228 -27.80 40.80 20.82
C HIS G 228 -26.44 40.69 21.49
N THR G 229 -25.59 39.79 21.00
CA THR G 229 -24.30 39.58 21.64
C THR G 229 -23.43 40.84 21.53
N ASN G 230 -23.48 41.53 20.38
CA ASN G 230 -22.78 42.81 20.18
C ASN G 230 -23.53 43.97 20.80
N ALA G 231 -24.08 43.79 22.00
CA ALA G 231 -24.88 44.83 22.66
C ALA G 231 -25.37 44.29 24.00
N ALA H 1 -13.12 47.38 27.07
CA ALA H 1 -12.12 48.07 27.89
C ALA H 1 -11.88 47.29 29.17
N TYR H 2 -10.65 47.39 29.66
CA TYR H 2 -10.30 46.78 30.93
C TYR H 2 -11.00 47.53 32.06
N PRO H 3 -11.59 46.83 33.03
CA PRO H 3 -12.27 47.54 34.13
C PRO H 3 -11.24 48.16 35.07
N THR H 4 -11.46 49.44 35.38
CA THR H 4 -10.58 50.22 36.25
C THR H 4 -11.19 50.35 37.64
N VAL H 5 -10.36 50.85 38.57
CA VAL H 5 -10.70 50.78 40.00
C VAL H 5 -11.98 51.51 40.33
N SER H 6 -12.26 52.62 39.65
CA SER H 6 -13.46 53.39 39.97
C SER H 6 -14.74 52.75 39.43
N GLU H 7 -14.65 51.66 38.67
CA GLU H 7 -15.81 50.98 38.08
C GLU H 7 -16.22 49.72 38.83
N ILE H 8 -15.47 49.30 39.85
CA ILE H 8 -15.74 48.04 40.56
C ILE H 8 -16.01 48.31 42.03
N PRO H 9 -17.25 48.20 42.52
CA PRO H 9 -17.50 48.35 43.95
C PRO H 9 -16.76 47.28 44.73
N VAL H 10 -16.32 47.63 45.95
CA VAL H 10 -15.64 46.65 46.78
C VAL H 10 -16.59 45.51 47.07
N GLY H 11 -16.19 44.28 46.72
CA GLY H 11 -17.05 43.11 46.86
C GLY H 11 -17.51 42.53 45.53
N GLU H 12 -17.36 43.25 44.44
CA GLU H 12 -17.66 42.75 43.11
C GLU H 12 -16.39 42.27 42.40
N VAL H 13 -16.56 41.39 41.42
CA VAL H 13 -15.45 40.85 40.63
C VAL H 13 -15.79 40.92 39.15
N ARG H 14 -14.81 41.27 38.33
CA ARG H 14 -14.94 41.35 36.88
C ARG H 14 -14.02 40.33 36.22
N LEU H 15 -14.36 39.93 35.01
CA LEU H 15 -13.52 39.04 34.22
C LEU H 15 -13.23 39.72 32.89
N TYR H 16 -11.95 39.76 32.52
CA TYR H 16 -11.54 40.34 31.25
C TYR H 16 -10.87 39.24 30.43
N GLN H 17 -11.40 39.01 29.22
CA GLN H 17 -10.84 38.02 28.31
C GLN H 17 -9.70 38.66 27.54
N ILE H 18 -8.51 38.08 27.69
CA ILE H 18 -7.30 38.57 27.04
C ILE H 18 -7.10 37.84 25.71
N ALA H 19 -7.00 36.52 25.78
CA ALA H 19 -7.03 35.63 24.64
C ALA H 19 -8.04 34.53 24.92
N ASP H 20 -8.31 33.70 23.92
CA ASP H 20 -9.09 32.50 24.18
C ASP H 20 -8.42 31.63 25.23
N GLY H 21 -9.21 31.16 26.19
CA GLY H 21 -8.65 30.36 27.26
C GLY H 21 -7.78 31.11 28.24
N VAL H 22 -7.70 32.44 28.16
CA VAL H 22 -6.94 33.23 29.13
C VAL H 22 -7.75 34.45 29.53
N TRP H 23 -7.89 34.66 30.83
CA TRP H 23 -8.59 35.82 31.38
C TRP H 23 -7.81 36.37 32.55
N SER H 24 -8.04 37.65 32.85
CA SER H 24 -7.70 38.17 34.17
C SER H 24 -8.97 38.34 34.98
N HIS H 25 -8.84 38.24 36.31
CA HIS H 25 -9.87 38.73 37.19
C HIS H 25 -9.42 39.99 37.93
N ILE H 26 -10.40 40.88 38.14
CA ILE H 26 -10.17 42.22 38.67
C ILE H 26 -11.11 42.39 39.86
N ALA H 27 -10.54 42.73 41.00
CA ALA H 27 -11.35 43.05 42.17
C ALA H 27 -10.83 44.34 42.79
N THR H 28 -11.51 44.80 43.82
CA THR H 28 -11.13 46.03 44.49
C THR H 28 -11.19 45.80 45.99
N GLN H 29 -10.40 46.58 46.70
CA GLN H 29 -10.27 46.40 48.15
C GLN H 29 -9.90 47.72 48.80
N SER H 30 -10.39 47.93 50.01
CA SER H 30 -10.05 49.14 50.75
C SER H 30 -8.87 48.80 51.64
N PHE H 31 -7.87 49.68 51.67
CA PHE H 31 -6.64 49.45 52.43
C PHE H 31 -5.97 50.81 52.57
N ASP H 32 -5.58 51.17 53.80
CA ASP H 32 -4.74 52.36 54.00
C ASP H 32 -5.46 53.65 53.60
N GLY H 33 -6.78 53.70 53.79
CA GLY H 33 -7.57 54.89 53.45
C GLY H 33 -7.87 55.08 51.99
N ALA H 34 -7.68 54.06 51.16
CA ALA H 34 -7.92 54.16 49.72
C ALA H 34 -8.50 52.84 49.23
N VAL H 35 -9.01 52.83 48.01
CA VAL H 35 -9.47 51.61 47.35
C VAL H 35 -8.48 51.30 46.22
N TYR H 36 -8.03 50.05 46.18
CA TYR H 36 -7.08 49.58 45.17
C TYR H 36 -7.74 48.54 44.29
N PRO H 37 -7.47 48.55 43.00
CA PRO H 37 -7.79 47.39 42.18
C PRO H 37 -6.76 46.30 42.44
N SER H 38 -7.10 45.09 42.00
CA SER H 38 -6.14 43.99 42.06
C SER H 38 -6.47 42.99 40.96
N ASN H 39 -5.41 42.47 40.31
CA ASN H 39 -5.51 41.56 39.18
C ASN H 39 -5.04 40.17 39.56
N GLY H 40 -5.70 39.16 38.99
CA GLY H 40 -5.16 37.80 38.96
C GLY H 40 -5.38 37.19 37.59
N LEU H 41 -5.11 35.89 37.45
CA LEU H 41 -5.17 35.26 36.13
C LEU H 41 -6.01 34.01 36.19
N ILE H 42 -6.71 33.73 35.08
CA ILE H 42 -7.43 32.47 34.86
C ILE H 42 -7.01 31.90 33.51
N VAL H 43 -6.53 30.66 33.51
CA VAL H 43 -5.99 30.03 32.31
C VAL H 43 -6.69 28.69 32.10
N ARG H 44 -7.29 28.52 30.94
CA ARG H 44 -7.99 27.28 30.65
C ARG H 44 -7.01 26.12 30.52
N ASP H 45 -7.37 25.02 31.16
CA ASP H 45 -6.56 23.81 31.28
C ASP H 45 -7.37 22.63 30.74
N GLY H 46 -7.60 22.61 29.43
CA GLY H 46 -8.48 21.62 28.84
C GLY H 46 -9.94 21.78 29.24
N ASP H 47 -10.45 20.90 30.11
CA ASP H 47 -11.79 21.03 30.64
C ASP H 47 -11.81 21.73 32.01
N GLU H 48 -10.65 21.85 32.67
CA GLU H 48 -10.47 22.50 33.97
C GLU H 48 -9.91 23.92 33.81
N LEU H 49 -9.63 24.59 34.94
CA LEU H 49 -9.14 25.97 34.96
C LEU H 49 -8.08 26.13 36.04
N LEU H 50 -7.01 26.86 35.70
CA LEU H 50 -5.96 27.19 36.65
C LEU H 50 -6.17 28.64 37.10
N LEU H 51 -6.09 28.86 38.42
CA LEU H 51 -6.26 30.18 39.00
C LEU H 51 -4.91 30.70 39.47
N ILE H 52 -4.60 31.94 39.11
CA ILE H 52 -3.42 32.60 39.64
C ILE H 52 -3.90 33.68 40.58
N ASP H 53 -3.64 33.48 41.88
CA ASP H 53 -3.92 34.43 42.96
C ASP H 53 -5.41 34.58 43.28
N THR H 54 -5.69 34.87 44.55
CA THR H 54 -7.03 35.16 45.01
C THR H 54 -7.48 36.53 44.51
N ALA H 55 -8.77 36.81 44.72
CA ALA H 55 -9.34 38.14 44.50
C ALA H 55 -9.27 39.04 45.75
N TRP H 56 -8.36 38.76 46.69
CA TRP H 56 -8.04 39.66 47.81
C TRP H 56 -9.14 39.65 48.88
N GLY H 57 -9.20 38.60 49.67
CA GLY H 57 -10.19 38.45 50.72
C GLY H 57 -11.19 37.34 50.41
N ALA H 58 -11.91 36.93 51.46
CA ALA H 58 -12.89 35.86 51.33
C ALA H 58 -14.09 36.30 50.50
N LYS H 59 -14.64 37.48 50.81
CA LYS H 59 -15.84 37.94 50.14
C LYS H 59 -15.62 38.06 48.62
N ASN H 60 -14.51 38.69 48.21
CA ASN H 60 -14.25 38.86 46.79
C ASN H 60 -13.93 37.52 46.13
N THR H 61 -13.25 36.63 46.84
CA THR H 61 -12.88 35.35 46.26
C THR H 61 -14.10 34.46 46.06
N ALA H 62 -15.09 34.54 46.97
CA ALA H 62 -16.38 33.90 46.73
C ALA H 62 -17.08 34.53 45.54
N ALA H 63 -17.05 35.85 45.41
CA ALA H 63 -17.60 36.47 44.22
C ALA H 63 -16.86 36.01 42.97
N LEU H 64 -15.54 35.81 43.08
CA LEU H 64 -14.74 35.36 41.93
C LEU H 64 -15.23 34.01 41.43
N LEU H 65 -15.28 33.02 42.32
CA LEU H 65 -15.69 31.67 41.92
C LEU H 65 -17.10 31.68 41.34
N ALA H 66 -17.96 32.56 41.84
CA ALA H 66 -19.31 32.71 41.31
C ALA H 66 -19.27 33.23 39.89
N GLU H 67 -18.38 34.19 39.60
CA GLU H 67 -18.33 34.77 38.25
C GLU H 67 -17.70 33.80 37.25
N ILE H 68 -16.78 32.95 37.71
CA ILE H 68 -16.21 31.94 36.84
C ILE H 68 -17.29 30.92 36.44
N GLU H 69 -17.98 30.36 37.44
CA GLU H 69 -19.13 29.49 37.16
C GLU H 69 -20.10 30.14 36.17
N LYS H 70 -20.41 31.42 36.39
CA LYS H 70 -21.39 32.08 35.54
C LYS H 70 -20.89 32.21 34.12
N GLN H 71 -19.65 32.70 33.95
CA GLN H 71 -19.18 33.16 32.64
C GLN H 71 -18.31 32.16 31.88
N ILE H 72 -17.68 31.22 32.57
CA ILE H 72 -16.83 30.22 31.94
C ILE H 72 -17.44 28.82 32.04
N GLY H 73 -18.09 28.50 33.15
CA GLY H 73 -18.77 27.23 33.29
C GLY H 73 -17.86 26.04 33.35
N LEU H 74 -16.56 26.25 33.47
CA LEU H 74 -15.66 25.19 33.78
C LEU H 74 -15.22 25.31 35.24
N PRO H 75 -14.84 24.21 35.86
CA PRO H 75 -14.46 24.29 37.29
C PRO H 75 -13.00 24.70 37.46
N VAL H 76 -12.77 25.54 38.46
CA VAL H 76 -11.41 25.86 38.90
C VAL H 76 -10.95 24.70 39.76
N THR H 77 -9.84 24.08 39.39
CA THR H 77 -9.34 22.91 40.11
C THR H 77 -7.99 23.14 40.80
N ARG H 78 -7.17 24.06 40.30
CA ARG H 78 -5.91 24.41 40.96
C ARG H 78 -5.75 25.92 40.99
N ALA H 79 -4.96 26.41 41.95
CA ALA H 79 -4.72 27.84 42.13
C ALA H 79 -3.32 28.04 42.70
N VAL H 80 -2.60 29.02 42.15
CA VAL H 80 -1.24 29.35 42.56
C VAL H 80 -1.23 30.75 43.16
N SER H 81 -0.64 30.89 44.33
CA SER H 81 -0.45 32.22 44.91
C SER H 81 0.99 32.67 44.68
N THR H 82 1.16 33.87 44.09
CA THR H 82 2.48 34.29 43.64
C THR H 82 3.30 35.01 44.70
N HIS H 83 2.74 35.27 45.88
CA HIS H 83 3.53 35.64 47.07
C HIS H 83 2.56 35.70 48.26
N PHE H 84 3.09 36.03 49.42
CA PHE H 84 2.41 35.73 50.69
C PHE H 84 1.51 36.86 51.20
N HIS H 85 1.34 37.95 50.47
CA HIS H 85 0.54 39.05 50.96
C HIS H 85 -0.96 38.74 50.78
N ASP H 86 -1.79 39.47 51.52
CA ASP H 86 -3.22 39.20 51.58
C ASP H 86 -3.89 39.33 50.22
N ASP H 87 -3.35 40.16 49.32
CA ASP H 87 -4.04 40.26 48.04
C ASP H 87 -3.73 39.06 47.14
N ARG H 88 -2.88 38.14 47.57
CA ARG H 88 -2.60 36.93 46.81
C ARG H 88 -3.04 35.64 47.51
N VAL H 89 -3.04 35.60 48.83
CA VAL H 89 -3.47 34.42 49.59
C VAL H 89 -4.72 34.65 50.44
N GLY H 90 -5.18 35.88 50.60
CA GLY H 90 -6.43 36.13 51.30
C GLY H 90 -7.58 35.67 50.45
N GLY H 91 -8.33 34.67 50.91
CA GLY H 91 -9.33 34.00 50.09
C GLY H 91 -9.01 32.54 49.80
N VAL H 92 -7.84 32.05 50.22
CA VAL H 92 -7.45 30.67 49.93
C VAL H 92 -8.41 29.70 50.60
N ASP H 93 -8.62 29.86 51.91
CA ASP H 93 -9.62 29.06 52.61
C ASP H 93 -10.89 28.91 51.77
N VAL H 94 -11.38 30.01 51.20
CA VAL H 94 -12.58 29.95 50.36
C VAL H 94 -12.36 29.01 49.19
N LEU H 95 -11.18 29.07 48.57
CA LEU H 95 -10.87 28.15 47.48
C LEU H 95 -10.78 26.71 47.98
N ARG H 96 -9.96 26.48 49.00
CA ARG H 96 -9.83 25.17 49.63
C ARG H 96 -11.19 24.53 49.89
N ALA H 97 -12.13 25.30 50.46
CA ALA H 97 -13.47 24.80 50.78
C ALA H 97 -14.32 24.60 49.55
N ALA H 98 -13.95 25.20 48.42
CA ALA H 98 -14.59 24.95 47.14
C ALA H 98 -13.95 23.78 46.40
N GLY H 99 -13.06 23.04 47.05
CA GLY H 99 -12.42 21.91 46.41
C GLY H 99 -11.31 22.29 45.45
N VAL H 100 -10.65 23.42 45.67
CA VAL H 100 -9.56 23.88 44.79
C VAL H 100 -8.24 23.48 45.42
N ALA H 101 -7.41 22.81 44.64
CA ALA H 101 -6.04 22.52 45.05
C ALA H 101 -5.22 23.80 44.98
N THR H 102 -4.57 24.16 46.08
CA THR H 102 -3.91 25.45 46.23
C THR H 102 -2.41 25.26 46.47
N TYR H 103 -1.59 25.94 45.67
CA TYR H 103 -0.14 25.80 45.75
C TYR H 103 0.51 27.16 45.91
N ALA H 104 1.68 27.15 46.52
CA ALA H 104 2.62 28.27 46.49
C ALA H 104 4.01 27.68 46.71
N SER H 105 5.03 28.51 46.51
CA SER H 105 6.38 28.06 46.77
C SER H 105 6.56 27.83 48.27
N PRO H 106 7.54 27.02 48.66
CA PRO H 106 7.83 26.86 50.10
C PRO H 106 8.14 28.16 50.83
N SER H 107 8.82 29.09 50.17
CA SER H 107 9.09 30.40 50.76
C SER H 107 7.79 31.16 51.02
N THR H 108 6.87 31.17 50.06
CA THR H 108 5.58 31.82 50.27
C THR H 108 4.87 31.23 51.48
N ARG H 109 4.86 29.89 51.57
CA ARG H 109 4.11 29.22 52.62
C ARG H 109 4.70 29.50 53.98
N ARG H 110 6.03 29.55 54.06
CA ARG H 110 6.69 29.93 55.31
C ARG H 110 6.36 31.37 55.69
N LEU H 111 6.49 32.30 54.72
CA LEU H 111 6.28 33.71 55.00
C LEU H 111 4.82 34.02 55.33
N ALA H 112 3.87 33.27 54.75
CA ALA H 112 2.45 33.47 55.09
C ALA H 112 2.13 32.97 56.49
N GLU H 113 2.70 31.83 56.89
CA GLU H 113 2.55 31.38 58.27
C GLU H 113 3.07 32.44 59.22
N VAL H 114 4.30 32.93 59.00
CA VAL H 114 4.86 33.96 59.88
C VAL H 114 3.90 35.13 59.99
N GLU H 115 3.40 35.63 58.86
CA GLU H 115 2.56 36.83 58.84
C GLU H 115 1.15 36.58 59.38
N GLY H 116 0.71 35.34 59.53
CA GLY H 116 -0.64 35.07 59.98
C GLY H 116 -1.68 35.07 58.90
N ASN H 117 -1.28 34.81 57.64
CA ASN H 117 -2.18 34.81 56.51
C ASN H 117 -2.54 33.39 56.10
N GLU H 118 -3.58 33.28 55.27
CA GLU H 118 -4.01 31.99 54.74
C GLU H 118 -2.89 31.32 53.96
N ILE H 119 -2.76 30.01 54.11
CA ILE H 119 -1.60 29.27 53.66
C ILE H 119 -2.03 28.24 52.61
N PRO H 120 -1.55 28.34 51.37
CA PRO H 120 -1.85 27.30 50.39
C PRO H 120 -1.39 25.93 50.87
N THR H 121 -2.15 24.90 50.46
CA THR H 121 -1.90 23.53 50.87
C THR H 121 -0.53 23.03 50.41
N HIS H 122 -0.31 22.99 49.10
CA HIS H 122 0.83 22.30 48.49
C HIS H 122 1.97 23.25 48.17
N SER H 123 3.18 22.68 48.11
CA SER H 123 4.39 23.40 47.76
C SER H 123 4.79 23.14 46.30
N LEU H 124 5.41 24.16 45.71
CA LEU H 124 5.91 24.11 44.34
C LEU H 124 7.41 23.94 44.41
N GLU H 125 7.91 22.84 43.85
CA GLU H 125 9.33 22.58 43.88
C GLU H 125 10.01 23.16 42.64
N GLY H 126 11.32 23.32 42.74
CA GLY H 126 12.14 23.81 41.65
C GLY H 126 12.01 25.29 41.36
N LEU H 127 11.67 26.10 42.37
CA LEU H 127 11.49 27.54 42.19
C LEU H 127 12.29 28.34 43.21
N SER H 128 13.28 27.73 43.85
CA SER H 128 13.92 28.36 45.01
C SER H 128 15.09 29.26 44.65
N SER H 129 15.59 29.22 43.41
CA SER H 129 16.74 30.01 43.02
C SER H 129 16.39 31.00 41.92
N SER H 130 16.91 32.22 42.05
CA SER H 130 16.75 33.25 41.02
C SER H 130 16.95 32.66 39.63
N GLY H 131 15.96 32.84 38.76
CA GLY H 131 16.01 32.33 37.41
C GLY H 131 15.36 30.98 37.21
N ASP H 132 14.90 30.32 38.27
CA ASP H 132 14.25 29.02 38.13
C ASP H 132 12.88 29.13 37.45
N ALA H 133 12.54 28.09 36.67
CA ALA H 133 11.24 27.98 36.02
C ALA H 133 10.74 26.55 36.05
N VAL H 134 9.42 26.40 36.02
CA VAL H 134 8.75 25.10 35.95
C VAL H 134 7.50 25.25 35.13
N ARG H 135 7.18 24.22 34.36
CA ARG H 135 5.89 24.13 33.72
C ARG H 135 4.86 23.68 34.77
N PHE H 136 3.73 24.37 34.81
CA PHE H 136 2.64 24.01 35.72
C PHE H 136 1.36 24.09 34.89
N GLY H 137 0.99 22.97 34.29
CA GLY H 137 -0.15 22.96 33.42
C GLY H 137 0.04 23.84 32.19
N PRO H 138 -0.92 24.74 31.94
CA PRO H 138 -0.83 25.58 30.74
C PRO H 138 -0.04 26.86 30.93
N VAL H 139 0.62 27.05 32.09
CA VAL H 139 1.46 28.20 32.33
C VAL H 139 2.87 27.73 32.65
N GLU H 140 3.80 28.67 32.59
CA GLU H 140 5.11 28.54 33.20
C GLU H 140 5.17 29.45 34.41
N LEU H 141 5.71 28.95 35.50
CA LEU H 141 6.04 29.76 36.67
C LEU H 141 7.53 30.07 36.64
N PHE H 142 7.88 31.27 37.13
CA PHE H 142 9.23 31.79 37.09
C PHE H 142 9.53 32.53 38.39
N TYR H 143 10.61 32.18 39.06
CA TYR H 143 11.09 32.99 40.17
C TYR H 143 12.17 33.93 39.66
N PRO H 144 11.94 35.25 39.60
CA PRO H 144 12.95 36.15 39.04
C PRO H 144 13.97 36.68 40.04
N GLY H 145 13.88 36.32 41.31
CA GLY H 145 14.64 36.96 42.35
C GLY H 145 13.82 37.94 43.16
N ALA H 146 14.43 38.43 44.24
CA ALA H 146 13.70 39.30 45.16
C ALA H 146 13.31 40.58 44.43
N ALA H 147 12.06 41.01 44.63
CA ALA H 147 11.59 42.25 44.02
C ALA H 147 10.61 42.94 44.97
N HIS H 148 9.30 42.90 44.65
CA HIS H 148 8.28 43.32 45.59
C HIS H 148 8.41 42.58 46.92
N SER H 149 8.64 41.29 46.87
CA SER H 149 8.95 40.49 48.05
C SER H 149 10.06 39.52 47.65
N THR H 150 10.61 38.84 48.67
CA THR H 150 11.60 37.80 48.42
C THR H 150 11.02 36.60 47.70
N ASP H 151 9.74 36.32 47.87
CA ASP H 151 9.14 35.10 47.36
C ASP H 151 8.39 35.28 46.05
N ASN H 152 8.39 36.49 45.44
CA ASN H 152 7.43 36.76 44.39
C ASN H 152 7.73 35.97 43.12
N LEU H 153 6.69 35.32 42.60
CA LEU H 153 6.68 34.59 41.34
C LEU H 153 6.04 35.43 40.24
N VAL H 154 6.39 35.13 38.98
CA VAL H 154 5.61 35.59 37.85
C VAL H 154 5.08 34.38 37.07
N VAL H 155 4.17 34.65 36.12
CA VAL H 155 3.49 33.59 35.38
C VAL H 155 3.35 34.01 33.92
N TYR H 156 3.53 33.06 33.02
CA TYR H 156 3.57 33.31 31.60
C TYR H 156 2.68 32.28 30.91
N VAL H 157 1.88 32.76 29.97
CA VAL H 157 1.04 31.87 29.17
C VAL H 157 1.60 31.81 27.75
N PRO H 158 2.41 30.80 27.44
CA PRO H 158 3.08 30.77 26.12
C PRO H 158 2.13 30.86 24.94
N SER H 159 1.00 30.16 25.01
CA SER H 159 0.03 30.15 23.91
C SER H 159 -0.46 31.55 23.54
N ALA H 160 -0.48 32.47 24.52
CA ALA H 160 -1.02 33.82 24.30
C ALA H 160 0.01 34.93 24.50
N SER H 161 1.26 34.59 24.88
CA SER H 161 2.30 35.59 25.20
C SER H 161 1.83 36.54 26.31
N VAL H 162 1.15 35.97 27.30
CA VAL H 162 0.65 36.73 28.44
C VAL H 162 1.59 36.52 29.60
N LEU H 163 2.10 37.62 30.13
CA LEU H 163 2.99 37.62 31.29
C LEU H 163 2.28 38.31 32.43
N TYR H 164 2.06 37.59 33.52
CA TYR H 164 1.44 38.14 34.72
C TYR H 164 2.55 38.41 35.71
N GLY H 165 2.81 39.67 35.96
CA GLY H 165 3.91 40.01 36.83
C GLY H 165 3.60 40.03 38.30
N GLY H 166 2.33 39.98 38.68
CA GLY H 166 2.05 40.19 40.08
C GLY H 166 2.58 41.52 40.60
N CYS H 167 2.67 41.62 41.92
CA CYS H 167 2.95 42.93 42.51
C CYS H 167 4.38 43.40 42.25
N ALA H 168 5.21 42.57 41.62
CA ALA H 168 6.53 43.01 41.19
C ALA H 168 6.49 43.90 39.95
N ILE H 169 5.36 44.02 39.28
CA ILE H 169 5.24 44.91 38.12
C ILE H 169 4.15 45.94 38.40
N TYR H 170 4.48 47.20 38.21
CA TYR H 170 3.54 48.30 38.40
C TYR H 170 2.87 48.67 37.08
N GLU H 171 1.64 49.20 37.16
CA GLU H 171 0.96 49.76 35.98
C GLU H 171 1.54 51.15 35.66
N LEU H 172 1.26 51.63 34.44
CA LEU H 172 1.91 52.87 34.01
C LEU H 172 1.46 54.05 34.86
N SER H 173 0.18 54.09 35.25
CA SER H 173 -0.34 55.27 35.94
C SER H 173 0.11 55.33 37.40
N ARG H 174 0.79 54.30 37.89
CA ARG H 174 1.36 54.33 39.22
C ARG H 174 2.77 54.89 39.09
N THR H 175 3.01 56.04 39.73
CA THR H 175 4.30 56.71 39.65
C THR H 175 5.05 56.68 40.97
N SER H 176 4.43 56.21 42.05
CA SER H 176 5.07 56.10 43.33
C SER H 176 5.05 54.64 43.75
N ALA H 177 6.10 54.25 44.49
CA ALA H 177 6.24 52.86 44.90
C ALA H 177 5.12 52.44 45.85
N GLY H 178 4.70 53.36 46.70
CA GLY H 178 3.82 52.96 47.78
C GLY H 178 4.49 52.00 48.74
N ASN H 179 4.16 50.70 48.63
CA ASN H 179 4.28 49.77 49.77
C ASN H 179 5.45 48.82 49.54
N VAL H 180 6.55 49.05 50.27
CA VAL H 180 7.79 48.33 50.03
C VAL H 180 8.38 47.83 51.34
N ALA H 181 7.54 47.67 52.37
CA ALA H 181 8.04 47.11 53.62
C ALA H 181 8.85 45.85 53.35
N ASP H 182 8.26 44.91 52.62
CA ASP H 182 8.87 43.60 52.39
C ASP H 182 9.72 43.52 51.12
N ALA H 183 10.16 44.65 50.59
CA ALA H 183 10.76 44.69 49.26
C ALA H 183 12.26 44.64 49.38
N ASP H 184 12.91 44.26 48.28
CA ASP H 184 14.36 44.32 48.17
C ASP H 184 14.68 45.31 47.07
N LEU H 185 14.73 46.58 47.41
CA LEU H 185 14.85 47.62 46.39
C LEU H 185 16.17 47.50 45.64
N ALA H 186 17.20 46.93 46.27
CA ALA H 186 18.47 46.74 45.59
C ALA H 186 18.36 45.72 44.45
N GLU H 187 17.61 44.65 44.68
CA GLU H 187 17.57 43.54 43.74
C GLU H 187 16.45 43.67 42.72
N TRP H 188 15.46 44.52 42.98
CA TRP H 188 14.29 44.62 42.13
C TRP H 188 14.64 44.90 40.67
N PRO H 189 15.48 45.88 40.32
CA PRO H 189 15.76 46.09 38.89
C PRO H 189 16.42 44.90 38.24
N THR H 190 17.29 44.18 38.95
CA THR H 190 17.92 43.01 38.35
C THR H 190 16.89 41.91 38.13
N SER H 191 16.01 41.71 39.11
CA SER H 191 14.98 40.70 38.96
C SER H 191 14.08 41.03 37.75
N ILE H 192 13.81 42.31 37.52
CA ILE H 192 13.02 42.65 36.34
C ILE H 192 13.80 42.31 35.06
N GLU H 193 15.13 42.53 35.07
CA GLU H 193 15.94 42.13 33.91
C GLU H 193 15.83 40.63 33.62
N ARG H 194 15.87 39.79 34.65
CA ARG H 194 15.72 38.35 34.42
C ARG H 194 14.39 38.03 33.77
N ILE H 195 13.33 38.73 34.21
CA ILE H 195 12.01 38.55 33.58
C ILE H 195 12.10 38.86 32.09
N GLN H 196 12.64 40.03 31.75
CA GLN H 196 12.75 40.44 30.36
C GLN H 196 13.50 39.40 29.52
N GLN H 197 14.57 38.83 30.08
CA GLN H 197 15.39 37.88 29.34
C GLN H 197 14.72 36.52 29.22
N HIS H 198 13.91 36.15 30.19
CA HIS H 198 13.21 34.89 30.11
C HIS H 198 12.02 34.98 29.19
N TYR H 199 11.31 36.12 29.20
CA TYR H 199 10.06 36.25 28.46
C TYR H 199 10.14 37.42 27.48
N PRO H 200 11.15 37.42 26.59
CA PRO H 200 11.35 38.56 25.68
C PRO H 200 10.25 38.73 24.63
N GLU H 201 9.48 37.69 24.33
CA GLU H 201 8.38 37.75 23.36
C GLU H 201 7.04 38.17 23.98
N ALA H 202 7.02 38.56 25.26
CA ALA H 202 5.75 38.85 25.91
C ALA H 202 5.06 40.04 25.25
N GLN H 203 3.76 39.91 25.05
CA GLN H 203 2.94 40.91 24.37
C GLN H 203 1.95 41.60 25.29
N PHE H 204 1.31 40.85 26.17
CA PHE H 204 0.33 41.34 27.13
C PHE H 204 0.94 41.14 28.54
N VAL H 205 1.28 42.23 29.22
CA VAL H 205 1.89 42.20 30.57
C VAL H 205 0.88 42.76 31.57
N ILE H 206 0.57 41.98 32.61
CA ILE H 206 -0.47 42.27 33.60
C ILE H 206 0.22 42.63 34.92
N PRO H 207 0.11 43.86 35.42
CA PRO H 207 0.63 44.16 36.77
C PRO H 207 -0.27 43.56 37.82
N GLY H 208 0.28 43.48 39.04
CA GLY H 208 -0.51 43.05 40.17
C GLY H 208 -1.71 43.94 40.43
N HIS H 209 -1.59 45.24 40.13
CA HIS H 209 -2.69 46.18 40.32
C HIS H 209 -2.78 47.12 39.13
N GLY H 210 -3.95 47.20 38.50
CA GLY H 210 -4.21 48.21 37.49
C GLY H 210 -4.23 47.69 36.07
N LEU H 211 -4.03 48.62 35.12
CA LEU H 211 -4.16 48.32 33.69
C LEU H 211 -3.00 47.50 33.11
N PRO H 212 -3.29 46.46 32.32
CA PRO H 212 -2.20 45.80 31.60
C PRO H 212 -1.52 46.70 30.57
N GLY H 213 -0.50 46.15 29.96
CA GLY H 213 0.21 46.83 28.91
C GLY H 213 1.15 45.85 28.25
N GLY H 214 2.33 46.34 27.85
CA GLY H 214 3.33 45.50 27.24
C GLY H 214 4.57 45.42 28.08
N LEU H 215 5.70 45.08 27.45
CA LEU H 215 6.97 45.04 28.14
C LEU H 215 7.42 46.43 28.59
N ASP H 216 6.80 47.50 28.09
CA ASP H 216 7.05 48.83 28.63
C ASP H 216 6.86 48.87 30.15
N LEU H 217 6.01 48.00 30.70
CA LEU H 217 5.70 48.08 32.13
C LEU H 217 6.89 47.69 32.95
N LEU H 218 7.79 46.87 32.38
CA LEU H 218 8.95 46.42 33.11
C LEU H 218 9.91 47.57 33.32
N LYS H 219 10.16 48.34 32.25
CA LYS H 219 11.01 49.52 32.36
C LYS H 219 10.38 50.57 33.27
N HIS H 220 9.08 50.78 33.13
CA HIS H 220 8.37 51.71 34.02
C HIS H 220 8.55 51.30 35.49
N THR H 221 8.40 50.01 35.77
CA THR H 221 8.54 49.57 37.15
C THR H 221 9.95 49.85 37.65
N THR H 222 10.94 49.46 36.86
CA THR H 222 12.33 49.80 37.19
C THR H 222 12.46 51.29 37.50
N ASN H 223 11.87 52.16 36.67
CA ASN H 223 12.03 53.60 36.86
C ASN H 223 11.41 54.05 38.18
N VAL H 224 10.23 53.55 38.51
CA VAL H 224 9.58 53.90 39.78
C VAL H 224 10.42 53.38 40.94
N VAL H 225 10.80 52.10 40.89
CA VAL H 225 11.57 51.51 41.98
C VAL H 225 12.80 52.34 42.24
N LYS H 226 13.52 52.68 41.17
CA LYS H 226 14.80 53.36 41.32
C LYS H 226 14.60 54.77 41.85
N ALA H 227 13.53 55.44 41.41
CA ALA H 227 13.28 56.80 41.86
C ALA H 227 13.00 56.83 43.35
N HIS H 228 12.24 55.85 43.85
CA HIS H 228 11.92 55.77 45.27
C HIS H 228 13.18 55.47 46.08
N THR H 229 14.00 54.55 45.58
CA THR H 229 15.30 54.29 46.19
C THR H 229 16.14 55.57 46.32
N ASN H 230 15.96 56.53 45.41
CA ASN H 230 16.77 57.75 45.41
C ASN H 230 16.23 58.82 46.35
N ALA H 231 14.90 58.85 46.52
CA ALA H 231 14.25 59.88 47.33
C ALA H 231 14.31 59.53 48.83
ZN ZN I . 20.39 2.76 5.00
ZN ZN J . 18.07 2.77 1.68
O01 A1LXF K . 18.50 4.74 5.29
B02 A1LXF K . 17.73 3.59 4.42
O03 A1LXF K . 18.69 2.29 4.11
O04 A1LXF K . 17.17 4.17 3.14
C05 A1LXF K . 15.94 4.43 2.93
C06 A1LXF K . 15.47 5.90 3.00
C07 A1LXF K . 16.23 6.89 2.10
C08 A1LXF K . 17.74 6.92 2.40
O09 A1LXF K . 18.60 7.15 1.51
O10 A1LXF K . 18.11 6.75 3.58
C11 A1LXF K . 15.60 8.26 2.34
C12 A1LXF K . 15.24 3.77 4.22
C13 A1LXF K . 13.96 3.48 4.86
F14 A1LXF K . 12.92 3.97 4.08
C15 A1LXF K . 13.78 2.88 6.01
C16 A1LXF K . 14.66 2.46 6.70
C17 A1LXF K . 15.88 2.54 6.47
C18 A1LXF K . 16.44 3.14 5.33
ZN ZN L . -17.39 -11.91 -17.83
ZN ZN M . -19.68 -11.78 -21.13
O01 A1LXF N . -18.97 -9.85 -17.50
B02 A1LXF N . -19.87 -10.92 -18.39
O03 A1LXF N . -18.94 -12.23 -18.69
O04 A1LXF N . -20.39 -10.20 -19.60
C05 A1LXF N . -21.60 -9.93 -19.86
C06 A1LXF N . -22.17 -8.50 -19.91
C07 A1LXF N . -21.31 -7.35 -20.45
C08 A1LXF N . -19.80 -7.53 -20.28
O09 A1LXF N . -19.02 -7.32 -21.23
O10 A1LXF N . -19.35 -7.85 -19.16
C11 A1LXF N . -21.76 -6.04 -19.80
C12 A1LXF N . -22.35 -10.61 -18.60
C13 A1LXF N . -23.65 -10.84 -17.96
F14 A1LXF N . -24.65 -10.26 -18.75
C15 A1LXF N . -23.89 -11.48 -16.85
C16 A1LXF N . -23.05 -11.99 -16.16
C17 A1LXF N . -21.83 -11.96 -16.38
C18 A1LXF N . -21.20 -11.35 -17.51
ZN ZN O . -21.96 -15.51 9.32
ZN ZN P . -23.89 -19.13 9.16
O01 A1LXF Q . -20.29 -17.78 9.08
B02 A1LXF Q . -21.61 -18.20 8.15
O03 A1LXF Q . -22.73 -17.08 8.49
O04 A1LXF Q . -22.09 -19.58 8.46
C05 A1LXF Q . -21.59 -20.63 7.93
C06 A1LXF Q . -20.40 -21.22 8.68
C07 A1LXF Q . -20.82 -21.48 10.12
C08 A1LXF Q . -20.32 -20.51 11.19
O09 A1LXF Q . -19.47 -19.63 10.86
O10 A1LXF Q . -20.74 -20.58 12.39
C11 A1LXF Q . -21.51 -22.79 10.49
C12 A1LXF Q . -21.01 -20.05 6.59
C13 A1LXF Q . -20.43 -20.40 5.30
F14 A1LXF Q . -20.41 -21.76 5.23
C15 A1LXF Q . -20.04 -19.57 4.36
C16 A1LXF Q . -20.07 -18.38 4.44
C17 A1LXF Q . -20.48 -17.74 5.42
C18 A1LXF Q . -21.00 -18.31 6.61
C FMT R . -16.13 -21.37 31.90
O1 FMT R . -17.36 -21.21 31.94
O2 FMT R . -15.53 -21.53 30.83
ZN ZN S . 5.26 22.97 2.81
ZN ZN T . 3.43 19.41 2.58
O01 A1LXF U . 7.19 21.03 2.69
B02 A1LXF U . 5.97 20.50 1.72
O03 A1LXF U . 4.80 21.64 1.93
O04 A1LXF U . 5.59 19.08 2.01
C05 A1LXF U . 5.85 18.07 1.27
C06 A1LXF U . 7.17 17.30 1.41
C07 A1LXF U . 7.71 16.99 2.81
C08 A1LXF U . 6.78 17.18 3.98
O09 A1LXF U . 6.87 18.22 4.71
O10 A1LXF U . 5.94 16.27 4.20
C11 A1LXF U . 8.79 15.88 2.87
C12 A1LXF U . 6.36 18.78 -0.08
C13 A1LXF U . 6.85 18.56 -1.44
F14 A1LXF U . 6.81 17.22 -1.72
C15 A1LXF U . 7.23 19.46 -2.30
C16 A1LXF U . 7.29 20.63 -2.07
C17 A1LXF U . 6.98 21.17 -1.00
C18 A1LXF U . 6.49 20.50 0.15
ZN ZN V . 20.08 -33.14 -41.30
ZN ZN W . 18.49 -36.67 -41.76
O01 A1LXF X . 20.25 -36.41 -43.88
B02 A1LXF X . 20.92 -35.65 -42.55
O03 A1LXF X . 19.85 -35.78 -41.30
O04 A1LXF X . 21.30 -34.23 -42.84
C05 A1LXF X . 22.46 -33.81 -43.15
C06 A1LXF X . 22.62 -33.56 -44.65
C07 A1LXF X . 21.75 -32.35 -44.98
C08 A1LXF X . 20.24 -32.71 -44.99
O09 A1LXF X . 19.59 -32.75 -43.89
O10 A1LXF X . 19.65 -32.97 -46.07
C11 A1LXF X . 22.32 -31.51 -46.12
C12 A1LXF X . 23.38 -35.04 -42.71
C13 A1LXF X . 24.72 -35.56 -42.51
F14 A1LXF X . 25.64 -34.61 -42.84
C15 A1LXF X . 25.07 -36.74 -42.08
C16 A1LXF X . 24.31 -37.60 -41.79
C17 A1LXF X . 23.09 -37.52 -41.83
C18 A1LXF X . 22.36 -36.39 -42.25
ZN ZN Y . 56.10 -21.13 -19.53
ZN ZN Z . 57.65 -17.63 -19.25
O01 A1LXF AA . 57.89 -21.00 -21.83
B02 A1LXF AA . 58.50 -20.22 -20.52
O03 A1LXF AA . 57.34 -20.08 -19.36
O04 A1LXF AA . 59.03 -18.84 -20.81
C05 A1LXF AA . 60.21 -18.59 -21.19
C06 A1LXF AA . 60.31 -18.52 -22.71
C07 A1LXF AA . 59.86 -17.15 -23.20
C08 A1LXF AA . 58.54 -17.27 -23.97
O09 A1LXF AA . 58.58 -17.47 -25.22
O10 A1LXF AA . 57.42 -17.20 -23.37
C11 A1LXF AA . 61.00 -16.48 -23.98
C12 A1LXF AA . 60.99 -19.91 -20.68
C13 A1LXF AA . 62.27 -20.59 -20.43
F14 A1LXF AA . 63.29 -19.79 -20.80
C15 A1LXF AA . 62.50 -21.78 -19.94
C16 A1LXF AA . 61.68 -22.53 -19.61
C17 A1LXF AA . 60.46 -22.31 -19.69
C18 A1LXF AA . 59.83 -21.11 -20.15
ZN ZN BA . -39.70 28.81 24.02
ZN ZN CA . -36.71 27.73 26.45
O01 A1LXF DA . -37.18 30.34 26.99
B02 A1LXF DA . -38.62 29.68 26.52
O03 A1LXF DA . -38.51 28.07 26.08
O04 A1LXF DA . -39.21 30.50 25.43
C05 A1LXF DA . -40.01 31.48 25.61
C06 A1LXF DA . -39.32 32.83 25.74
C07 A1LXF DA . -38.72 33.34 24.44
C08 A1LXF DA . -37.61 32.42 23.90
O09 A1LXF DA . -36.48 32.90 23.67
O10 A1LXF DA . -37.82 31.18 23.68
C11 A1LXF DA . -38.14 34.72 24.73
C12 A1LXF DA . -40.60 31.16 27.08
C13 A1LXF DA . -41.56 31.47 28.14
F14 A1LXF DA . -42.41 32.47 27.76
C15 A1LXF DA . -41.68 30.90 29.31
C16 A1LXF DA . -40.99 30.03 29.73
C17 A1LXF DA . -40.07 29.53 29.10
C18 A1LXF DA . -39.64 29.88 27.80
ZN ZN EA . -0.33 43.77 45.71
ZN ZN FA . 2.57 42.19 48.10
O01 A1LXF GA . 2.22 44.70 48.86
B02 A1LXF GA . 0.74 44.32 48.28
O03 A1LXF GA . 0.66 42.76 47.71
O04 A1LXF GA . 0.24 45.30 47.25
C05 A1LXF GA . -0.61 46.22 47.47
C06 A1LXF GA . -0.01 47.58 47.84
C07 A1LXF GA . 0.90 48.23 46.78
C08 A1LXF GA . 2.00 47.31 46.28
O09 A1LXF GA . 3.20 47.49 46.63
O10 A1LXF GA . 1.71 46.36 45.50
C11 A1LXF GA . 1.48 49.57 47.27
C12 A1LXF GA . -1.28 45.73 48.84
C13 A1LXF GA . -2.33 45.92 49.87
F14 A1LXF GA . -3.16 46.93 49.53
C15 A1LXF GA . -2.50 45.23 50.96
C16 A1LXF GA . -1.82 44.33 51.33
C17 A1LXF GA . -0.84 43.90 50.73
C18 A1LXF GA . -0.34 44.39 49.51
#